data_4OEH
#
_entry.id   4OEH
#
_cell.length_a   64.255
_cell.length_b   71.763
_cell.length_c   89.321
_cell.angle_alpha   69.140
_cell.angle_beta   72.150
_cell.angle_gamma   85.790
#
_symmetry.space_group_name_H-M   'P 1'
#
loop_
_entity.id
_entity.type
_entity.pdbx_description
1 polymer 'Uridine phosphorylase'
2 non-polymer URACIL
3 non-polymer GLYCEROL
4 non-polymer 1,2-ETHANEDIOL
5 non-polymer ETHANOL
6 non-polymer DI(HYDROXYETHYL)ETHER
7 non-polymer 'SODIUM ION'
8 water water
#
_entity_poly.entity_id   1
_entity_poly.type   'polypeptide(L)'
_entity_poly.pdbx_seq_one_letter_code
;MTKTVFHLGVTEADLNGATLAIIPGDPARVQKIAELMDNPVFLASHREYTVYRAELDGQSVVVCSTGIGGPSTSIAVEEL
AQLGVRTFLRVGTTGAIQPHVNVGDMIVTTGSVRLDGASLHFAPMEFPAVPDFDVATAMKAAAQESGATVHMGVTASSDT
FYPGQERYDTFTGRVVRRFQGSMKEWQDMGVLNFEMESATLLTMCASSGLKAGCVAGVIINRTQKEIPDHATLKETEARS
IKVVVEAARKMLK
;
_entity_poly.pdbx_strand_id   A,B,C,D,E,F
#
loop_
_chem_comp.id
_chem_comp.type
_chem_comp.name
_chem_comp.formula
EDO non-polymer 1,2-ETHANEDIOL 'C2 H6 O2'
EOH non-polymer ETHANOL 'C2 H6 O'
GOL non-polymer GLYCEROL 'C3 H8 O3'
NA non-polymer 'SODIUM ION' 'Na 1'
PEG non-polymer DI(HYDROXYETHYL)ETHER 'C4 H10 O3'
URA non-polymer URACIL 'C4 H4 N2 O2'
#
# COMPACT_ATOMS: atom_id res chain seq x y z
N LYS A 3 39.37 7.58 13.87
CA LYS A 3 38.05 7.89 13.24
C LYS A 3 36.91 7.81 14.27
N THR A 4 36.29 8.96 14.54
CA THR A 4 35.18 9.05 15.49
C THR A 4 33.85 9.03 14.75
N VAL A 5 32.96 8.12 15.16
CA VAL A 5 31.63 8.08 14.54
C VAL A 5 30.81 9.30 14.97
N PHE A 6 29.96 9.78 14.06
CA PHE A 6 29.40 11.11 14.20
C PHE A 6 28.49 11.32 15.40
N HIS A 7 27.61 10.36 15.69
CA HIS A 7 26.64 10.52 16.79
C HIS A 7 27.11 9.99 18.11
N LEU A 8 27.78 8.84 18.07
CA LEU A 8 28.20 8.17 19.30
C LEU A 8 29.45 8.79 19.92
N GLY A 9 30.28 9.43 19.09
CA GLY A 9 31.51 10.07 19.55
C GLY A 9 32.58 9.13 20.11
N VAL A 10 32.66 7.92 19.55
CA VAL A 10 33.71 6.96 19.93
C VAL A 10 34.49 6.46 18.71
N THR A 11 35.66 5.88 18.96
CA THR A 11 36.50 5.31 17.92
C THR A 11 36.51 3.79 18.07
N GLU A 12 37.10 3.10 17.09
CA GLU A 12 37.22 1.65 17.19
C GLU A 12 38.14 1.28 18.36
N ALA A 13 39.21 2.05 18.54
CA ALA A 13 40.16 1.83 19.64
C ALA A 13 39.46 1.89 21.00
N ASP A 14 38.50 2.81 21.13
CA ASP A 14 37.72 2.99 22.35
C ASP A 14 37.03 1.71 22.78
N LEU A 15 36.58 0.93 21.81
CA LEU A 15 35.86 -0.33 22.04
C LEU A 15 36.73 -1.52 22.46
N ASN A 16 38.04 -1.39 22.25
CA ASN A 16 39.01 -2.38 22.70
C ASN A 16 38.75 -3.80 22.18
N GLY A 17 38.36 -3.90 20.91
CA GLY A 17 38.11 -5.19 20.26
C GLY A 17 36.74 -5.82 20.49
N ALA A 18 35.84 -5.10 21.16
CA ALA A 18 34.50 -5.59 21.42
C ALA A 18 33.74 -5.84 20.12
N THR A 19 33.11 -7.02 20.02
CA THR A 19 32.27 -7.35 18.86
C THR A 19 30.81 -7.55 19.27
N LEU A 20 30.54 -7.41 20.57
CA LEU A 20 29.20 -7.55 21.13
C LEU A 20 28.81 -6.28 21.86
N ALA A 21 27.59 -5.82 21.63
CA ALA A 21 27.02 -4.69 22.38
C ALA A 21 25.76 -5.09 23.12
N ILE A 22 25.62 -4.64 24.35
CA ILE A 22 24.33 -4.64 25.03
C ILE A 22 23.74 -3.25 24.80
N ILE A 23 22.50 -3.19 24.33
CA ILE A 23 21.86 -1.92 23.97
C ILE A 23 20.53 -1.65 24.68
N PRO A 24 20.59 -1.07 25.90
CA PRO A 24 19.41 -0.63 26.63
C PRO A 24 18.83 0.64 25.99
N GLY A 25 17.60 0.98 26.35
CA GLY A 25 16.96 2.20 25.87
C GLY A 25 17.42 3.44 26.62
N ASP A 26 17.38 3.37 27.94
CA ASP A 26 17.61 4.51 28.83
C ASP A 26 19.11 4.75 29.06
N PRO A 27 19.61 5.97 28.77
CA PRO A 27 21.01 6.33 29.06
C PRO A 27 21.44 5.99 30.49
N ALA A 28 20.56 6.22 31.47
CA ALA A 28 20.85 5.94 32.88
C ALA A 28 21.13 4.46 33.18
N ARG A 29 20.65 3.57 32.31
CA ARG A 29 20.81 2.14 32.48
C ARG A 29 22.19 1.61 32.06
N VAL A 30 22.92 2.40 31.27
CA VAL A 30 24.20 1.97 30.69
C VAL A 30 25.26 1.68 31.76
N GLN A 31 25.48 2.62 32.67
CA GLN A 31 26.43 2.43 33.78
C GLN A 31 26.05 1.23 34.67
N LYS A 32 24.76 1.09 34.95
CA LYS A 32 24.27 -0.03 35.76
C LYS A 32 24.60 -1.39 35.15
N ILE A 33 24.37 -1.54 33.85
CA ILE A 33 24.75 -2.74 33.11
C ILE A 33 26.27 -2.93 33.11
N ALA A 34 27.00 -1.86 32.80
CA ALA A 34 28.45 -1.93 32.71
C ALA A 34 29.07 -2.41 34.04
N GLU A 35 28.49 -1.95 35.15
CA GLU A 35 29.00 -2.29 36.48
C GLU A 35 28.68 -3.71 36.95
N LEU A 36 27.80 -4.41 36.24
CA LEU A 36 27.59 -5.83 36.47
C LEU A 36 28.76 -6.65 35.94
N MET A 37 29.55 -6.04 35.06
CA MET A 37 30.74 -6.67 34.49
C MET A 37 32.01 -6.12 35.14
N ASP A 38 33.17 -6.53 34.63
CA ASP A 38 34.46 -6.15 35.16
C ASP A 38 35.07 -4.94 34.45
N ASN A 39 35.81 -4.14 35.21
CA ASN A 39 36.48 -2.93 34.73
C ASN A 39 35.60 -2.04 33.84
N PRO A 40 34.44 -1.57 34.35
CA PRO A 40 33.61 -0.66 33.53
C PRO A 40 34.32 0.67 33.27
N VAL A 41 34.20 1.18 32.04
CA VAL A 41 34.89 2.39 31.61
C VAL A 41 33.91 3.26 30.81
N PHE A 42 33.63 4.46 31.33
CA PHE A 42 32.84 5.48 30.62
C PHE A 42 33.58 5.94 29.38
N LEU A 43 32.91 5.95 28.24
CA LEU A 43 33.56 6.34 26.98
C LEU A 43 33.09 7.69 26.47
N ALA A 44 31.78 7.87 26.37
CA ALA A 44 31.22 9.11 25.83
C ALA A 44 29.76 9.26 26.18
N SER A 45 29.30 10.50 26.17
CA SER A 45 27.90 10.79 26.34
C SER A 45 27.51 11.91 25.39
N HIS A 46 26.66 11.59 24.41
CA HIS A 46 26.14 12.58 23.48
C HIS A 46 24.71 12.28 23.21
N ARG A 47 23.86 13.31 23.27
CA ARG A 47 22.42 13.15 23.07
C ARG A 47 21.92 11.99 23.93
N GLU A 48 21.12 11.09 23.38
CA GLU A 48 20.62 9.94 24.14
C GLU A 48 21.61 8.75 24.19
N TYR A 49 22.84 8.97 23.73
CA TYR A 49 23.82 7.91 23.58
C TYR A 49 24.90 8.00 24.64
N THR A 50 24.76 7.14 25.64
CA THR A 50 25.78 6.95 26.67
C THR A 50 26.44 5.63 26.34
N VAL A 51 27.77 5.65 26.29
CA VAL A 51 28.57 4.51 25.85
C VAL A 51 29.57 4.15 26.94
N TYR A 52 29.59 2.87 27.31
CA TYR A 52 30.55 2.33 28.26
C TYR A 52 31.21 1.12 27.62
N ARG A 53 32.38 0.76 28.16
CA ARG A 53 33.04 -0.50 27.84
C ARG A 53 33.24 -1.23 29.16
N ALA A 54 33.21 -2.56 29.10
CA ALA A 54 33.49 -3.40 30.26
C ALA A 54 34.05 -4.72 29.75
N GLU A 55 34.42 -5.60 30.67
CA GLU A 55 34.97 -6.90 30.31
C GLU A 55 34.09 -8.01 30.87
N LEU A 56 33.75 -8.96 30.02
CA LEU A 56 32.99 -10.13 30.42
C LEU A 56 33.79 -11.39 30.09
N ASP A 57 34.11 -12.17 31.12
CA ASP A 57 34.97 -13.36 30.97
C ASP A 57 36.24 -13.05 30.17
N GLY A 58 36.87 -11.93 30.48
CA GLY A 58 38.10 -11.51 29.77
C GLY A 58 37.88 -10.75 28.48
N GLN A 59 36.67 -10.78 27.94
CA GLN A 59 36.37 -10.20 26.63
C GLN A 59 35.69 -8.83 26.72
N SER A 60 36.14 -7.90 25.89
N SER A 60 36.14 -7.90 25.89
CA SER A 60 35.59 -6.54 25.89
CA SER A 60 35.60 -6.54 25.88
C SER A 60 34.15 -6.55 25.36
C SER A 60 34.16 -6.55 25.36
N VAL A 61 33.28 -5.84 26.07
CA VAL A 61 31.86 -5.71 25.68
C VAL A 61 31.50 -4.22 25.72
N VAL A 62 30.63 -3.79 24.82
CA VAL A 62 30.13 -2.41 24.77
C VAL A 62 28.70 -2.34 25.29
N VAL A 63 28.43 -1.29 26.06
CA VAL A 63 27.06 -0.98 26.49
C VAL A 63 26.74 0.41 25.94
N CYS A 64 25.65 0.50 25.18
CA CYS A 64 25.29 1.74 24.51
C CYS A 64 23.79 1.89 24.52
N SER A 65 23.30 2.99 25.07
CA SER A 65 21.87 3.27 25.03
C SER A 65 21.42 3.63 23.61
N THR A 66 20.15 3.40 23.33
CA THR A 66 19.59 3.63 22.00
C THR A 66 18.69 4.86 21.98
N GLY A 67 18.19 5.25 23.14
CA GLY A 67 17.07 6.19 23.20
C GLY A 67 15.78 5.49 22.81
N ILE A 68 14.71 6.26 22.66
CA ILE A 68 13.38 5.72 22.32
C ILE A 68 13.14 5.76 20.82
N GLY A 69 12.70 4.63 20.25
CA GLY A 69 12.28 4.56 18.85
C GLY A 69 13.32 3.99 17.91
N GLY A 70 12.88 3.51 16.76
CA GLY A 70 13.78 2.90 15.76
C GLY A 70 14.79 3.84 15.11
N PRO A 71 14.38 5.11 14.82
CA PRO A 71 15.31 6.09 14.28
C PRO A 71 16.60 6.25 15.10
N SER A 72 16.48 6.46 16.40
CA SER A 72 17.67 6.65 17.22
CA SER A 72 17.63 6.64 17.27
C SER A 72 18.40 5.33 17.47
N THR A 73 17.66 4.24 17.56
CA THR A 73 18.24 2.90 17.69
C THR A 73 19.06 2.59 16.44
N SER A 74 18.52 2.92 15.27
CA SER A 74 19.17 2.57 13.99
C SER A 74 20.54 3.24 13.80
N ILE A 75 20.67 4.45 14.35
CA ILE A 75 21.92 5.21 14.31
C ILE A 75 22.99 4.53 15.17
N ALA A 76 22.61 4.21 16.41
CA ALA A 76 23.51 3.54 17.35
C ALA A 76 24.03 2.19 16.80
N VAL A 77 23.12 1.38 16.29
CA VAL A 77 23.47 0.06 15.74
C VAL A 77 24.41 0.22 14.54
N GLU A 78 24.08 1.13 13.62
CA GLU A 78 24.92 1.36 12.44
C GLU A 78 26.32 1.83 12.81
N GLU A 79 26.41 2.73 13.78
CA GLU A 79 27.71 3.33 14.12
C GLU A 79 28.59 2.34 14.90
N LEU A 80 27.96 1.54 15.76
CA LEU A 80 28.69 0.44 16.43
C LEU A 80 29.16 -0.63 15.44
N ALA A 81 28.36 -0.90 14.41
CA ALA A 81 28.73 -1.87 13.38
C ALA A 81 29.94 -1.36 12.58
N GLN A 82 29.96 -0.06 12.30
CA GLN A 82 31.13 0.57 11.66
C GLN A 82 32.38 0.35 12.50
N LEU A 83 32.22 0.32 13.82
CA LEU A 83 33.35 0.15 14.73
C LEU A 83 33.65 -1.32 15.08
N GLY A 84 32.98 -2.24 14.39
CA GLY A 84 33.29 -3.68 14.50
C GLY A 84 32.32 -4.55 15.27
N VAL A 85 31.28 -3.95 15.86
CA VAL A 85 30.29 -4.72 16.61
C VAL A 85 29.42 -5.54 15.65
N ARG A 86 29.24 -6.82 15.96
CA ARG A 86 28.51 -7.74 15.09
C ARG A 86 27.31 -8.39 15.78
N THR A 87 27.26 -8.33 17.12
CA THR A 87 26.16 -8.93 17.90
C THR A 87 25.52 -7.89 18.82
N PHE A 88 24.19 -7.81 18.80
CA PHE A 88 23.46 -6.77 19.54
C PHE A 88 22.38 -7.36 20.43
N LEU A 89 22.52 -7.13 21.74
CA LEU A 89 21.57 -7.64 22.73
C LEU A 89 20.73 -6.55 23.33
N ARG A 90 19.46 -6.54 22.94
CA ARG A 90 18.54 -5.52 23.36
C ARG A 90 17.88 -5.91 24.67
N VAL A 91 17.94 -5.01 25.64
CA VAL A 91 17.10 -5.12 26.83
C VAL A 91 16.29 -3.82 27.00
N GLY A 92 15.02 -3.96 27.35
CA GLY A 92 14.17 -2.79 27.53
C GLY A 92 12.94 -3.14 28.35
N THR A 93 12.11 -2.15 28.62
CA THR A 93 10.86 -2.33 29.34
C THR A 93 9.76 -2.62 28.32
N THR A 94 8.64 -3.14 28.79
CA THR A 94 7.53 -3.47 27.89
C THR A 94 6.20 -3.51 28.60
N GLY A 95 5.12 -3.31 27.83
CA GLY A 95 3.78 -3.45 28.34
C GLY A 95 3.19 -4.72 27.81
N ALA A 96 2.80 -5.62 28.70
CA ALA A 96 2.10 -6.85 28.26
C ALA A 96 0.66 -6.57 27.89
N ILE A 97 0.13 -7.36 26.96
CA ILE A 97 -1.24 -7.21 26.49
C ILE A 97 -2.07 -8.50 26.61
N GLN A 98 -1.42 -9.55 27.12
CA GLN A 98 -2.07 -10.82 27.40
C GLN A 98 -2.31 -10.96 28.90
N PRO A 99 -3.51 -11.46 29.28
CA PRO A 99 -3.83 -11.54 30.71
C PRO A 99 -2.96 -12.53 31.49
N HIS A 100 -2.37 -13.51 30.83
CA HIS A 100 -1.55 -14.50 31.54
C HIS A 100 -0.15 -14.02 31.84
N VAL A 101 0.23 -12.91 31.21
CA VAL A 101 1.57 -12.34 31.37
C VAL A 101 1.59 -11.29 32.50
N ASN A 102 2.41 -11.54 33.52
CA ASN A 102 2.43 -10.69 34.72
C ASN A 102 3.59 -9.73 34.78
N VAL A 103 3.39 -8.62 35.48
CA VAL A 103 4.48 -7.69 35.80
C VAL A 103 5.59 -8.44 36.54
N GLY A 104 6.82 -8.31 36.04
CA GLY A 104 7.98 -9.02 36.56
C GLY A 104 8.39 -10.17 35.66
N ASP A 105 7.48 -10.58 34.78
CA ASP A 105 7.78 -11.63 33.81
C ASP A 105 8.74 -11.07 32.77
N MET A 106 9.36 -11.97 32.03
CA MET A 106 10.28 -11.58 30.98
C MET A 106 9.81 -12.10 29.63
N ILE A 107 10.01 -11.29 28.60
CA ILE A 107 9.63 -11.68 27.24
C ILE A 107 10.84 -11.69 26.34
N VAL A 108 10.99 -12.79 25.59
CA VAL A 108 12.00 -12.86 24.53
C VAL A 108 11.26 -12.88 23.21
N THR A 109 11.47 -11.84 22.41
CA THR A 109 10.80 -11.67 21.11
C THR A 109 11.28 -12.66 20.05
N THR A 110 10.36 -13.47 19.53
CA THR A 110 10.62 -14.37 18.42
C THR A 110 10.33 -13.69 17.06
N GLY A 111 9.61 -12.59 17.09
CA GLY A 111 9.32 -11.84 15.88
C GLY A 111 8.52 -10.62 16.24
N SER A 112 8.65 -9.56 15.44
CA SER A 112 8.01 -8.29 15.78
C SER A 112 6.99 -7.87 14.71
N VAL A 113 5.82 -7.42 15.16
CA VAL A 113 4.87 -6.73 14.28
C VAL A 113 5.52 -5.39 13.94
N ARG A 114 5.79 -5.15 12.66
CA ARG A 114 6.48 -3.93 12.23
C ARG A 114 5.53 -2.71 12.14
N LEU A 115 5.21 -2.14 13.30
CA LEU A 115 4.39 -0.93 13.35
C LEU A 115 5.27 0.33 13.44
N ASP A 116 6.44 0.26 12.81
CA ASP A 116 7.41 1.34 12.81
C ASP A 116 7.61 1.82 11.37
N GLY A 117 8.53 2.77 11.19
CA GLY A 117 8.91 3.23 9.87
C GLY A 117 10.34 2.85 9.48
N ALA A 118 11.23 2.80 10.45
CA ALA A 118 12.66 2.58 10.16
C ALA A 118 13.00 1.20 9.59
N SER A 119 12.28 0.17 10.04
CA SER A 119 12.47 -1.20 9.48
C SER A 119 12.41 -1.19 7.94
N LEU A 120 11.50 -0.41 7.41
CA LEU A 120 11.29 -0.26 5.96
C LEU A 120 12.46 0.40 5.23
N HIS A 121 13.36 1.03 5.96
CA HIS A 121 14.55 1.63 5.38
C HIS A 121 15.64 0.60 5.18
N PHE A 122 15.39 -0.62 5.65
CA PHE A 122 16.34 -1.74 5.45
C PHE A 122 15.74 -2.88 4.65
N ALA A 123 14.45 -3.13 4.83
CA ALA A 123 13.81 -4.25 4.11
C ALA A 123 12.35 -3.97 3.86
N PRO A 124 11.81 -4.41 2.70
CA PRO A 124 10.38 -4.20 2.43
C PRO A 124 9.53 -4.87 3.52
N MET A 125 8.26 -4.48 3.62
CA MET A 125 7.38 -4.95 4.70
C MET A 125 7.26 -6.47 4.82
N GLU A 126 7.34 -7.16 3.67
CA GLU A 126 7.29 -8.63 3.60
C GLU A 126 8.38 -9.32 4.41
N PHE A 127 9.47 -8.63 4.67
CA PHE A 127 10.63 -9.22 5.35
C PHE A 127 10.31 -9.39 6.84
N PRO A 128 10.63 -10.56 7.43
CA PRO A 128 10.28 -10.77 8.84
C PRO A 128 11.21 -10.04 9.80
N ALA A 129 10.66 -9.40 10.83
CA ALA A 129 11.46 -8.79 11.90
C ALA A 129 11.74 -9.87 12.91
N VAL A 130 12.78 -10.67 12.61
CA VAL A 130 13.13 -11.83 13.41
CA VAL A 130 13.15 -11.88 13.34
C VAL A 130 14.52 -11.73 14.03
N PRO A 131 14.68 -12.28 15.25
CA PRO A 131 15.99 -12.23 15.87
C PRO A 131 16.91 -13.32 15.33
N ASP A 132 18.21 -13.14 15.53
CA ASP A 132 19.17 -14.22 15.31
C ASP A 132 18.78 -15.37 16.25
N PHE A 133 18.80 -16.59 15.73
CA PHE A 133 18.39 -17.75 16.51
C PHE A 133 19.29 -18.02 17.71
N ASP A 134 20.60 -17.83 17.55
CA ASP A 134 21.54 -18.02 18.67
C ASP A 134 21.32 -17.00 19.79
N VAL A 135 21.10 -15.74 19.43
CA VAL A 135 20.83 -14.70 20.42
C VAL A 135 19.51 -14.97 21.16
N ALA A 136 18.45 -15.31 20.43
CA ALA A 136 17.14 -15.63 21.03
C ALA A 136 17.24 -16.85 21.95
N THR A 137 17.98 -17.87 21.51
CA THR A 137 18.28 -19.06 22.32
C THR A 137 19.03 -18.69 23.62
N ALA A 138 20.07 -17.87 23.51
CA ALA A 138 20.82 -17.43 24.69
C ALA A 138 19.96 -16.62 25.69
N MET A 139 19.07 -15.78 25.15
CA MET A 139 18.17 -14.96 25.97
C MET A 139 17.15 -15.81 26.70
N LYS A 140 16.58 -16.79 26.00
CA LYS A 140 15.65 -17.73 26.63
CA LYS A 140 15.66 -17.74 26.63
C LYS A 140 16.35 -18.46 27.77
N ALA A 141 17.56 -18.97 27.50
CA ALA A 141 18.31 -19.71 28.50
C ALA A 141 18.60 -18.85 29.71
N ALA A 142 19.18 -17.67 29.48
CA ALA A 142 19.53 -16.79 30.59
C ALA A 142 18.30 -16.37 31.40
N ALA A 143 17.19 -16.08 30.73
CA ALA A 143 15.97 -15.64 31.40
C ALA A 143 15.33 -16.75 32.24
N GLN A 144 15.29 -17.97 31.68
CA GLN A 144 14.75 -19.12 32.40
C GLN A 144 15.65 -19.53 33.57
N GLU A 145 16.96 -19.53 33.35
CA GLU A 145 17.92 -19.88 34.41
C GLU A 145 17.90 -18.88 35.58
N SER A 146 17.43 -17.66 35.32
CA SER A 146 17.35 -16.64 36.36
C SER A 146 16.20 -16.92 37.34
N GLY A 147 15.30 -17.82 36.98
CA GLY A 147 14.14 -18.16 37.81
C GLY A 147 12.87 -17.38 37.47
N ALA A 148 12.98 -16.48 36.50
CA ALA A 148 11.84 -15.66 36.07
C ALA A 148 10.84 -16.49 35.27
N THR A 149 9.59 -16.05 35.21
CA THR A 149 8.61 -16.62 34.31
C THR A 149 8.85 -16.00 32.93
N VAL A 150 9.13 -16.84 31.95
CA VAL A 150 9.58 -16.37 30.63
C VAL A 150 8.57 -16.74 29.54
N HIS A 151 8.25 -15.78 28.68
CA HIS A 151 7.38 -16.00 27.53
C HIS A 151 8.10 -15.76 26.22
N MET A 152 8.06 -16.74 25.33
CA MET A 152 8.59 -16.57 23.97
C MET A 152 7.43 -16.22 23.07
N GLY A 153 7.55 -15.17 22.27
CA GLY A 153 6.50 -14.89 21.31
C GLY A 153 6.57 -13.56 20.59
N VAL A 154 5.48 -13.21 19.93
CA VAL A 154 5.45 -12.06 19.04
C VAL A 154 5.28 -10.75 19.80
N THR A 155 6.06 -9.76 19.40
CA THR A 155 6.04 -8.43 20.02
C THR A 155 5.51 -7.40 19.02
N ALA A 156 4.59 -6.55 19.45
CA ALA A 156 4.13 -5.47 18.56
C ALA A 156 5.03 -4.25 18.83
N SER A 157 5.71 -3.78 17.79
CA SER A 157 6.74 -2.75 17.92
C SER A 157 6.29 -1.45 17.25
N SER A 158 5.99 -0.42 18.06
CA SER A 158 5.28 0.76 17.58
C SER A 158 6.13 2.03 17.51
N ASP A 159 5.92 2.86 16.48
CA ASP A 159 6.56 4.19 16.41
C ASP A 159 5.97 5.21 17.39
N THR A 160 4.86 4.85 18.05
CA THR A 160 4.33 5.72 19.10
C THR A 160 4.04 4.95 20.38
N PHE A 161 4.06 5.67 21.51
CA PHE A 161 3.71 5.09 22.78
C PHE A 161 2.19 5.19 22.97
N TYR A 162 1.58 6.16 22.28
CA TYR A 162 0.17 6.46 22.55
C TYR A 162 -0.85 5.88 21.54
N PRO A 163 -1.06 6.51 20.35
CA PRO A 163 -2.11 5.93 19.50
C PRO A 163 -1.74 4.56 18.90
N GLY A 164 -0.47 4.34 18.61
CA GLY A 164 0.00 3.05 18.04
C GLY A 164 -0.11 1.89 19.01
N GLN A 165 -0.32 2.20 20.30
CA GLN A 165 -0.54 1.20 21.34
C GLN A 165 -1.99 1.34 21.87
N GLU A 166 -2.82 1.96 21.02
CA GLU A 166 -4.23 2.24 21.26
C GLU A 166 -4.55 2.75 22.67
N ARG A 167 -3.80 3.76 23.10
CA ARG A 167 -4.09 4.47 24.35
C ARG A 167 -5.03 5.62 24.03
N TYR A 168 -6.13 5.72 24.78
CA TYR A 168 -7.10 6.79 24.59
C TYR A 168 -7.02 7.92 25.61
N ASP A 169 -6.32 7.70 26.73
CA ASP A 169 -6.15 8.74 27.74
C ASP A 169 -5.06 9.72 27.30
N THR A 170 -5.40 10.52 26.29
CA THR A 170 -4.46 11.43 25.67
C THR A 170 -5.08 12.81 25.50
N PHE A 171 -4.28 13.74 24.99
CA PHE A 171 -4.73 15.09 24.75
C PHE A 171 -5.97 15.14 23.85
N THR A 172 -5.99 14.38 22.74
CA THR A 172 -7.16 14.42 21.86
C THR A 172 -8.18 13.31 22.15
N GLY A 173 -7.74 12.25 22.83
CA GLY A 173 -8.58 11.09 23.08
C GLY A 173 -8.98 10.34 21.83
N ARG A 174 -8.26 10.58 20.73
CA ARG A 174 -8.54 9.99 19.42
CA ARG A 174 -8.57 9.94 19.47
C ARG A 174 -7.43 9.05 19.00
N VAL A 175 -7.80 8.00 18.28
CA VAL A 175 -6.84 7.09 17.68
C VAL A 175 -7.25 6.97 16.21
N VAL A 176 -6.28 7.16 15.31
CA VAL A 176 -6.51 7.06 13.87
C VAL A 176 -7.07 5.70 13.47
N ARG A 177 -7.84 5.69 12.39
CA ARG A 177 -8.53 4.49 11.91
C ARG A 177 -7.67 3.23 12.00
N ARG A 178 -6.48 3.27 11.38
CA ARG A 178 -5.56 2.14 11.35
C ARG A 178 -5.39 1.44 12.71
N PHE A 179 -5.35 2.22 13.79
CA PHE A 179 -5.12 1.68 15.14
C PHE A 179 -6.35 1.50 16.03
N GLN A 180 -7.53 1.93 15.58
CA GLN A 180 -8.78 1.67 16.28
C GLN A 180 -9.06 0.16 16.29
N GLY A 181 -9.29 -0.40 17.48
CA GLY A 181 -9.51 -1.82 17.65
C GLY A 181 -8.26 -2.66 17.50
N SER A 182 -7.08 -2.03 17.34
CA SER A 182 -5.84 -2.76 17.08
C SER A 182 -5.31 -3.58 18.27
N MET A 183 -5.52 -3.12 19.50
CA MET A 183 -5.04 -3.93 20.63
C MET A 183 -5.77 -5.27 20.74
N LYS A 184 -7.09 -5.25 20.60
CA LYS A 184 -7.90 -6.48 20.63
CA LYS A 184 -7.89 -6.47 20.63
C LYS A 184 -7.44 -7.42 19.52
N GLU A 185 -7.18 -6.85 18.35
CA GLU A 185 -6.67 -7.59 17.20
C GLU A 185 -5.33 -8.31 17.51
N TRP A 186 -4.34 -7.60 18.05
CA TRP A 186 -3.08 -8.24 18.47
C TRP A 186 -3.31 -9.26 19.55
N GLN A 187 -4.18 -8.95 20.50
CA GLN A 187 -4.48 -9.90 21.58
C GLN A 187 -5.01 -11.21 21.04
N ASP A 188 -5.96 -11.13 20.11
CA ASP A 188 -6.56 -12.32 19.52
C ASP A 188 -5.56 -13.10 18.68
N MET A 189 -4.55 -12.40 18.15
CA MET A 189 -3.49 -13.03 17.38
C MET A 189 -2.34 -13.57 18.26
N GLY A 190 -2.50 -13.45 19.57
CA GLY A 190 -1.51 -14.01 20.50
C GLY A 190 -0.27 -13.16 20.73
N VAL A 191 -0.28 -11.91 20.27
CA VAL A 191 0.83 -10.98 20.52
C VAL A 191 0.99 -10.73 22.02
N LEU A 192 2.23 -10.73 22.50
CA LEU A 192 2.48 -10.75 23.95
C LEU A 192 2.52 -9.34 24.53
N ASN A 193 3.13 -8.42 23.80
CA ASN A 193 3.53 -7.13 24.35
C ASN A 193 3.73 -6.04 23.33
N PHE A 194 3.70 -4.79 23.82
CA PHE A 194 4.10 -3.60 23.07
C PHE A 194 5.48 -3.08 23.52
N GLU A 195 6.34 -2.75 22.56
CA GLU A 195 7.47 -1.84 22.80
C GLU A 195 7.76 -1.02 21.53
N MET A 196 8.88 -0.31 21.48
CA MET A 196 9.03 0.69 20.42
C MET A 196 10.31 0.61 19.60
N GLU A 197 11.09 -0.46 19.76
CA GLU A 197 12.39 -0.55 19.08
C GLU A 197 12.68 -1.86 18.32
N SER A 198 12.01 -2.95 18.69
CA SER A 198 12.37 -4.28 18.21
C SER A 198 12.21 -4.47 16.72
N ALA A 199 11.14 -3.91 16.13
CA ALA A 199 10.95 -4.07 14.68
C ALA A 199 12.13 -3.50 13.91
N THR A 200 12.54 -2.27 14.25
CA THR A 200 13.69 -1.67 13.60
C THR A 200 14.96 -2.48 13.83
N LEU A 201 15.26 -2.76 15.09
CA LEU A 201 16.47 -3.51 15.44
C LEU A 201 16.56 -4.85 14.72
N LEU A 202 15.54 -5.67 14.87
CA LEU A 202 15.54 -7.02 14.28
C LEU A 202 15.56 -6.98 12.75
N THR A 203 14.78 -6.09 12.15
CA THR A 203 14.79 -6.01 10.68
C THR A 203 16.14 -5.53 10.13
N MET A 204 16.69 -4.46 10.70
CA MET A 204 17.98 -3.98 10.20
C MET A 204 19.11 -5.00 10.37
N CYS A 205 19.12 -5.71 11.51
CA CYS A 205 20.18 -6.67 11.75
C CYS A 205 20.01 -7.94 10.89
N ALA A 206 18.80 -8.49 10.82
CA ALA A 206 18.55 -9.71 10.04
C ALA A 206 18.85 -9.53 8.54
N SER A 207 18.77 -8.29 8.06
CA SER A 207 18.95 -8.00 6.64
C SER A 207 20.34 -7.44 6.33
N SER A 208 21.18 -7.31 7.36
CA SER A 208 22.49 -6.65 7.29
C SER A 208 23.67 -7.49 7.81
N GLY A 209 23.44 -8.78 8.02
CA GLY A 209 24.49 -9.69 8.52
C GLY A 209 24.94 -9.43 9.94
N LEU A 210 24.04 -8.90 10.77
CA LEU A 210 24.33 -8.69 12.18
C LEU A 210 23.40 -9.58 12.99
N LYS A 211 23.87 -10.02 14.15
CA LYS A 211 23.11 -10.90 15.04
C LYS A 211 22.46 -10.06 16.14
N ALA A 212 21.16 -10.23 16.30
CA ALA A 212 20.41 -9.43 17.26
C ALA A 212 19.28 -10.21 17.92
N GLY A 213 18.97 -9.83 19.15
CA GLY A 213 17.77 -10.31 19.84
C GLY A 213 17.29 -9.30 20.85
N CYS A 214 16.08 -9.52 21.37
CA CYS A 214 15.44 -8.63 22.36
C CYS A 214 14.91 -9.40 23.56
N VAL A 215 15.26 -8.93 24.75
CA VAL A 215 14.65 -9.43 25.98
C VAL A 215 14.05 -8.23 26.70
N ALA A 216 12.87 -8.43 27.30
CA ALA A 216 12.17 -7.31 27.91
C ALA A 216 11.54 -7.70 29.23
N GLY A 217 11.63 -6.80 30.20
CA GLY A 217 10.98 -6.98 31.50
C GLY A 217 9.63 -6.32 31.45
N VAL A 218 8.60 -7.02 31.92
CA VAL A 218 7.23 -6.50 31.89
C VAL A 218 7.04 -5.52 33.04
N ILE A 219 6.82 -4.25 32.70
CA ILE A 219 6.62 -3.18 33.70
C ILE A 219 5.14 -2.81 33.89
N ILE A 220 4.31 -3.14 32.91
CA ILE A 220 2.88 -2.94 33.01
C ILE A 220 2.15 -4.03 32.22
N ASN A 221 0.92 -4.35 32.63
CA ASN A 221 0.03 -5.16 31.83
C ASN A 221 -1.25 -4.37 31.53
N ARG A 222 -1.54 -4.18 30.24
CA ARG A 222 -2.64 -3.33 29.79
C ARG A 222 -4.02 -3.86 30.14
N THR A 223 -4.10 -5.16 30.43
CA THR A 223 -5.37 -5.82 30.81
C THR A 223 -5.61 -5.83 32.33
N GLN A 224 -4.62 -5.40 33.11
CA GLN A 224 -4.68 -5.48 34.57
C GLN A 224 -4.97 -4.13 35.20
N LYS A 225 -5.84 -4.12 36.19
CA LYS A 225 -6.21 -2.89 36.88
C LYS A 225 -5.25 -2.55 38.03
N GLU A 226 -4.57 -3.56 38.57
CA GLU A 226 -3.67 -3.36 39.70
C GLU A 226 -2.41 -2.61 39.28
N ILE A 227 -1.98 -1.68 40.14
CA ILE A 227 -0.74 -0.94 39.93
C ILE A 227 0.40 -1.68 40.64
N PRO A 228 1.48 -2.03 39.90
CA PRO A 228 2.63 -2.72 40.49
C PRO A 228 3.32 -1.86 41.54
N ASP A 229 3.76 -2.48 42.63
CA ASP A 229 4.42 -1.71 43.68
C ASP A 229 5.90 -1.46 43.35
N HIS A 230 6.48 -0.49 44.04
CA HIS A 230 7.85 -0.03 43.83
C HIS A 230 8.84 -1.17 43.89
N ALA A 231 8.65 -2.04 44.88
CA ALA A 231 9.49 -3.22 45.07
C ALA A 231 9.53 -4.14 43.84
N THR A 232 8.37 -4.42 43.28
CA THR A 232 8.27 -5.33 42.12
C THR A 232 8.99 -4.74 40.92
N LEU A 233 8.84 -3.43 40.74
CA LEU A 233 9.45 -2.72 39.62
C LEU A 233 10.97 -2.68 39.72
N LYS A 234 11.49 -2.40 40.92
CA LYS A 234 12.94 -2.43 41.16
CA LYS A 234 12.94 -2.41 41.12
C LYS A 234 13.51 -3.80 40.86
N GLU A 235 12.89 -4.83 41.43
CA GLU A 235 13.30 -6.22 41.17
C GLU A 235 13.30 -6.55 39.68
N THR A 236 12.22 -6.18 38.99
CA THR A 236 12.07 -6.44 37.55
C THR A 236 13.23 -5.82 36.78
N GLU A 237 13.53 -4.57 37.11
CA GLU A 237 14.58 -3.81 36.45
C GLU A 237 15.97 -4.41 36.73
N ALA A 238 16.21 -4.81 37.98
CA ALA A 238 17.45 -5.53 38.34
C ALA A 238 17.60 -6.86 37.60
N ARG A 239 16.53 -7.66 37.58
CA ARG A 239 16.56 -8.97 36.90
C ARG A 239 16.80 -8.83 35.39
N SER A 240 16.18 -7.83 34.78
CA SER A 240 16.31 -7.62 33.34
C SER A 240 17.77 -7.47 32.92
N ILE A 241 18.50 -6.61 33.63
CA ILE A 241 19.89 -6.38 33.27
C ILE A 241 20.79 -7.56 33.63
N LYS A 242 20.45 -8.27 34.70
CA LYS A 242 21.18 -9.50 35.06
C LYS A 242 21.08 -10.53 33.93
N VAL A 243 19.88 -10.69 33.40
CA VAL A 243 19.58 -11.63 32.32
C VAL A 243 20.35 -11.27 31.05
N VAL A 244 20.31 -10.00 30.65
CA VAL A 244 20.98 -9.58 29.42
C VAL A 244 22.50 -9.79 29.49
N VAL A 245 23.08 -9.58 30.66
CA VAL A 245 24.53 -9.81 30.84
C VAL A 245 24.83 -11.31 30.70
N GLU A 246 23.99 -12.13 31.33
CA GLU A 246 24.16 -13.58 31.27
CA GLU A 246 24.12 -13.60 31.28
C GLU A 246 23.93 -14.12 29.87
N ALA A 247 22.98 -13.52 29.14
CA ALA A 247 22.79 -13.86 27.72
C ALA A 247 24.04 -13.51 26.93
N ALA A 248 24.63 -12.35 27.20
CA ALA A 248 25.88 -11.95 26.56
C ALA A 248 27.00 -12.94 26.87
N ARG A 249 27.07 -13.41 28.11
CA ARG A 249 28.07 -14.42 28.48
C ARG A 249 27.92 -15.65 27.58
N LYS A 250 26.68 -16.09 27.40
CA LYS A 250 26.36 -17.23 26.55
C LYS A 250 26.74 -17.03 25.08
N MET A 251 26.76 -15.78 24.62
CA MET A 251 27.10 -15.45 23.23
C MET A 251 28.60 -15.39 22.95
N LEU A 252 29.40 -15.17 23.98
CA LEU A 252 30.85 -15.09 23.84
C LEU A 252 31.46 -16.42 23.38
N LYS A 253 32.45 -16.34 22.50
CA LYS A 253 33.21 -17.51 22.05
C LYS A 253 34.71 -17.21 21.94
N THR B 2 -1.31 17.73 39.61
CA THR B 2 -2.26 16.59 39.83
C THR B 2 -1.67 15.29 39.27
N LYS B 3 -1.48 15.25 37.95
CA LYS B 3 -0.87 14.10 37.27
C LYS B 3 0.54 14.41 36.76
N THR B 4 1.43 13.43 36.91
CA THR B 4 2.78 13.52 36.36
C THR B 4 2.83 12.68 35.08
N VAL B 5 3.17 13.30 33.96
CA VAL B 5 3.22 12.59 32.67
C VAL B 5 4.28 11.48 32.68
N PHE B 6 4.02 10.41 31.94
CA PHE B 6 4.78 9.15 32.04
C PHE B 6 6.29 9.28 31.83
N HIS B 7 6.70 10.01 30.80
CA HIS B 7 8.12 10.10 30.41
C HIS B 7 8.79 11.36 30.87
N LEU B 8 8.14 12.49 30.65
CA LEU B 8 8.72 13.81 30.95
C LEU B 8 8.88 14.11 32.43
N GLY B 9 8.07 13.47 33.27
CA GLY B 9 8.22 13.55 34.72
C GLY B 9 7.98 14.92 35.30
N VAL B 10 7.14 15.70 34.61
CA VAL B 10 6.73 17.04 35.08
C VAL B 10 5.22 17.12 35.23
N THR B 11 4.77 18.15 35.95
CA THR B 11 3.34 18.37 36.18
C THR B 11 2.93 19.64 35.45
N GLU B 12 1.63 19.84 35.25
CA GLU B 12 1.13 21.08 34.67
C GLU B 12 1.55 22.28 35.53
N ALA B 13 1.51 22.12 36.85
CA ALA B 13 2.01 23.14 37.79
C ALA B 13 3.45 23.55 37.50
N ASP B 14 4.30 22.58 37.19
CA ASP B 14 5.71 22.83 36.84
C ASP B 14 5.88 23.85 35.71
N LEU B 15 4.96 23.83 34.74
CA LEU B 15 5.08 24.65 33.54
C LEU B 15 4.61 26.10 33.71
N ASN B 16 3.97 26.39 34.84
CA ASN B 16 3.63 27.77 35.18
C ASN B 16 2.79 28.46 34.10
N GLY B 17 1.84 27.73 33.51
CA GLY B 17 0.93 28.30 32.53
C GLY B 17 1.44 28.42 31.10
N ALA B 18 2.58 27.80 30.82
CA ALA B 18 3.15 27.86 29.45
C ALA B 18 2.26 27.19 28.40
N THR B 19 2.04 27.86 27.28
CA THR B 19 1.28 27.25 26.18
C THR B 19 2.15 27.07 24.93
N LEU B 20 3.41 27.47 25.03
CA LEU B 20 4.35 27.37 23.91
C LEU B 20 5.63 26.67 24.35
N ALA B 21 6.10 25.76 23.51
CA ALA B 21 7.34 25.06 23.78
C ALA B 21 8.30 25.21 22.60
N ILE B 22 9.58 25.30 22.93
CA ILE B 22 10.66 25.18 21.95
C ILE B 22 11.22 23.78 22.15
N ILE B 23 11.28 23.01 21.06
CA ILE B 23 11.65 21.61 21.16
C ILE B 23 12.88 21.25 20.32
N PRO B 24 14.08 21.48 20.88
CA PRO B 24 15.29 21.07 20.16
C PRO B 24 15.42 19.54 20.23
N GLY B 25 16.35 18.98 19.46
CA GLY B 25 16.57 17.54 19.51
C GLY B 25 17.48 17.13 20.65
N ASP B 26 18.58 17.87 20.80
CA ASP B 26 19.64 17.53 21.74
C ASP B 26 19.33 18.03 23.16
N PRO B 27 19.35 17.12 24.17
CA PRO B 27 19.17 17.52 25.58
C PRO B 27 20.10 18.66 26.00
N ALA B 28 21.34 18.66 25.48
CA ALA B 28 22.35 19.65 25.86
C ALA B 28 22.00 21.05 25.34
N ARG B 29 21.16 21.11 24.33
CA ARG B 29 20.76 22.36 23.71
CA ARG B 29 20.80 22.39 23.75
C ARG B 29 19.67 23.07 24.53
N VAL B 30 19.03 22.33 25.44
CA VAL B 30 17.89 22.85 26.20
C VAL B 30 18.24 24.03 27.10
N GLN B 31 19.23 23.84 27.98
CA GLN B 31 19.67 24.92 28.86
C GLN B 31 20.13 26.13 28.03
N LYS B 32 20.79 25.87 26.91
CA LYS B 32 21.32 26.94 26.04
C LYS B 32 20.21 27.82 25.44
N ILE B 33 19.08 27.20 25.10
CA ILE B 33 17.89 27.95 24.69
C ILE B 33 17.28 28.73 25.87
N ALA B 34 17.07 28.05 27.00
CA ALA B 34 16.42 28.65 28.18
C ALA B 34 17.13 29.90 28.73
N GLU B 35 18.47 29.93 28.64
CA GLU B 35 19.23 31.07 29.14
C GLU B 35 19.16 32.32 28.25
N LEU B 36 18.68 32.16 27.01
CA LEU B 36 18.38 33.31 26.15
C LEU B 36 17.08 33.98 26.60
N MET B 37 16.40 33.36 27.55
CA MET B 37 15.16 33.90 28.09
C MET B 37 15.32 34.26 29.56
N ASP B 38 14.24 34.77 30.17
CA ASP B 38 14.26 35.19 31.57
C ASP B 38 13.93 34.07 32.55
N ASN B 39 14.60 34.09 33.70
CA ASN B 39 14.34 33.17 34.81
C ASN B 39 14.25 31.68 34.44
N PRO B 40 15.27 31.14 33.77
CA PRO B 40 15.24 29.72 33.43
C PRO B 40 15.29 28.84 34.68
N VAL B 41 14.46 27.80 34.70
CA VAL B 41 14.48 26.83 35.80
C VAL B 41 14.46 25.41 35.22
N PHE B 42 15.46 24.61 35.60
CA PHE B 42 15.49 23.18 35.29
C PHE B 42 14.28 22.52 35.95
N LEU B 43 13.57 21.67 35.20
CA LEU B 43 12.40 20.97 35.75
C LEU B 43 12.66 19.48 35.92
N ALA B 44 13.17 18.83 34.88
CA ALA B 44 13.34 17.38 34.88
C ALA B 44 14.28 16.92 33.79
N SER B 45 14.88 15.75 34.02
CA SER B 45 15.70 15.08 33.04
C SER B 45 15.56 13.55 33.17
N HIS B 46 14.84 12.96 32.23
CA HIS B 46 14.63 11.51 32.16
C HIS B 46 14.84 11.08 30.74
N ARG B 47 15.70 10.07 30.55
CA ARG B 47 16.05 9.56 29.22
C ARG B 47 16.52 10.73 28.34
N GLU B 48 15.99 10.86 27.13
CA GLU B 48 16.40 11.96 26.25
C GLU B 48 15.63 13.27 26.49
N TYR B 49 14.92 13.35 27.60
CA TYR B 49 14.00 14.47 27.82
C TYR B 49 14.45 15.40 28.93
N THR B 50 15.05 16.52 28.55
CA THR B 50 15.46 17.56 29.47
C THR B 50 14.46 18.71 29.35
N VAL B 51 13.82 19.05 30.46
CA VAL B 51 12.76 20.05 30.47
C VAL B 51 13.16 21.25 31.35
N TYR B 52 13.09 22.45 30.75
CA TYR B 52 13.28 23.71 31.47
C TYR B 52 12.05 24.57 31.24
N ARG B 53 11.78 25.49 32.16
CA ARG B 53 10.84 26.57 31.90
C ARG B 53 11.55 27.92 31.97
N ALA B 54 11.00 28.91 31.28
CA ALA B 54 11.56 30.25 31.27
C ALA B 54 10.46 31.27 31.04
N GLU B 55 10.84 32.54 30.99
CA GLU B 55 9.91 33.63 30.70
C GLU B 55 10.42 34.42 29.50
N LEU B 56 9.51 34.64 28.55
CA LEU B 56 9.80 35.41 27.37
C LEU B 56 8.80 36.54 27.30
N ASP B 57 9.31 37.78 27.41
CA ASP B 57 8.47 38.99 27.44
C ASP B 57 7.31 38.88 28.43
N GLY B 58 7.59 38.26 29.58
CA GLY B 58 6.61 38.13 30.65
C GLY B 58 5.68 36.92 30.58
N GLN B 59 5.89 36.04 29.60
CA GLN B 59 5.08 34.82 29.45
C GLN B 59 5.90 33.55 29.62
N SER B 60 5.32 32.56 30.30
CA SER B 60 5.99 31.28 30.57
C SER B 60 6.20 30.47 29.30
N VAL B 61 7.42 30.01 29.08
CA VAL B 61 7.77 29.22 27.89
C VAL B 61 8.49 27.94 28.34
N VAL B 62 8.09 26.81 27.76
CA VAL B 62 8.75 25.54 28.05
C VAL B 62 9.80 25.23 26.98
N VAL B 63 10.93 24.71 27.41
CA VAL B 63 11.96 24.19 26.51
C VAL B 63 12.14 22.72 26.86
N CYS B 64 12.03 21.85 25.85
CA CYS B 64 12.08 20.40 26.07
C CYS B 64 12.72 19.70 24.88
N SER B 65 13.70 18.85 25.17
CA SER B 65 14.35 18.08 24.11
C SER B 65 13.46 16.94 23.66
N THR B 66 13.64 16.51 22.42
CA THR B 66 12.79 15.49 21.82
C THR B 66 13.53 14.18 21.63
N GLY B 67 14.86 14.24 21.66
CA GLY B 67 15.67 13.12 21.19
C GLY B 67 15.64 13.07 19.68
N ILE B 68 16.23 12.00 19.13
CA ILE B 68 16.28 11.81 17.67
C ILE B 68 15.08 11.00 17.21
N GLY B 69 14.38 11.52 16.20
CA GLY B 69 13.35 10.74 15.52
C GLY B 69 11.91 10.97 15.95
N GLY B 70 10.99 10.63 15.03
CA GLY B 70 9.56 10.75 15.25
C GLY B 70 8.99 10.11 16.51
N PRO B 71 9.38 8.86 16.82
CA PRO B 71 8.81 8.20 17.98
C PRO B 71 9.06 8.92 19.31
N SER B 72 10.30 9.32 19.58
N SER B 72 10.32 9.30 19.53
CA SER B 72 10.61 10.05 20.81
CA SER B 72 10.75 10.07 20.70
C SER B 72 10.04 11.48 20.79
C SER B 72 10.09 11.45 20.77
N THR B 73 10.03 12.10 19.61
CA THR B 73 9.39 13.41 19.47
C THR B 73 7.90 13.33 19.81
N SER B 74 7.21 12.30 19.30
CA SER B 74 5.77 12.18 19.53
C SER B 74 5.40 12.08 21.01
N ILE B 75 6.24 11.40 21.79
CA ILE B 75 6.01 11.26 23.23
C ILE B 75 6.07 12.65 23.90
N ALA B 76 7.12 13.41 23.60
CA ALA B 76 7.30 14.73 24.20
C ALA B 76 6.13 15.69 23.89
N VAL B 77 5.69 15.69 22.63
CA VAL B 77 4.62 16.58 22.16
C VAL B 77 3.30 16.21 22.83
N GLU B 78 2.99 14.91 22.83
CA GLU B 78 1.78 14.40 23.47
C GLU B 78 1.70 14.79 24.93
N GLU B 79 2.78 14.51 25.67
CA GLU B 79 2.82 14.78 27.11
C GLU B 79 2.80 16.27 27.43
N LEU B 80 3.48 17.08 26.61
CA LEU B 80 3.41 18.54 26.75
C LEU B 80 2.04 19.10 26.43
N ALA B 81 1.37 18.52 25.42
CA ALA B 81 0.00 18.89 25.07
C ALA B 81 -0.95 18.57 26.21
N GLN B 82 -0.70 17.43 26.87
CA GLN B 82 -1.46 17.02 28.05
C GLN B 82 -1.37 18.08 29.16
N LEU B 83 -0.24 18.78 29.22
CA LEU B 83 -0.04 19.80 30.25
C LEU B 83 -0.33 21.21 29.78
N GLY B 84 -1.00 21.33 28.63
CA GLY B 84 -1.53 22.63 28.19
C GLY B 84 -0.76 23.34 27.10
N VAL B 85 0.31 22.72 26.60
CA VAL B 85 1.09 23.31 25.49
C VAL B 85 0.34 23.12 24.17
N ARG B 86 0.27 24.18 23.38
CA ARG B 86 -0.54 24.21 22.16
C ARG B 86 0.31 24.54 20.93
N THR B 87 1.45 25.19 21.16
CA THR B 87 2.34 25.67 20.08
C THR B 87 3.76 25.12 20.29
N PHE B 88 4.33 24.56 19.22
CA PHE B 88 5.60 23.84 19.29
C PHE B 88 6.52 24.35 18.18
N LEU B 89 7.67 24.89 18.57
CA LEU B 89 8.67 25.34 17.60
C LEU B 89 9.86 24.40 17.66
N ARG B 90 10.08 23.68 16.57
CA ARG B 90 11.24 22.80 16.48
C ARG B 90 12.42 23.55 15.89
N VAL B 91 13.57 23.37 16.53
CA VAL B 91 14.85 23.83 16.01
C VAL B 91 15.77 22.61 15.91
N GLY B 92 16.52 22.51 14.82
CA GLY B 92 17.48 21.45 14.70
C GLY B 92 18.48 21.63 13.57
N THR B 93 19.22 20.58 13.30
CA THR B 93 20.22 20.57 12.24
C THR B 93 19.66 19.78 11.06
N THR B 94 20.22 20.04 9.88
CA THR B 94 19.73 19.44 8.66
C THR B 94 20.88 19.32 7.65
N GLY B 95 20.74 18.39 6.71
CA GLY B 95 21.64 18.30 5.55
C GLY B 95 20.96 18.79 4.27
N ALA B 96 21.60 19.74 3.58
CA ALA B 96 21.05 20.27 2.34
C ALA B 96 21.32 19.36 1.15
N ILE B 97 20.30 19.20 0.30
CA ILE B 97 20.49 18.40 -0.91
C ILE B 97 20.51 19.23 -2.20
N GLN B 98 20.31 20.54 -2.07
CA GLN B 98 20.42 21.44 -3.20
C GLN B 98 21.82 22.05 -3.17
N PRO B 99 22.49 22.12 -4.33
CA PRO B 99 23.87 22.61 -4.31
C PRO B 99 24.02 24.07 -3.89
N HIS B 100 23.01 24.91 -4.15
CA HIS B 100 23.08 26.34 -3.82
C HIS B 100 22.94 26.67 -2.37
N VAL B 101 22.36 25.76 -1.58
CA VAL B 101 22.22 25.98 -0.13
C VAL B 101 23.56 25.76 0.57
N ASN B 102 23.98 26.72 1.39
CA ASN B 102 25.28 26.62 2.07
C ASN B 102 25.20 26.16 3.51
N VAL B 103 26.28 25.56 3.98
CA VAL B 103 26.50 25.34 5.41
C VAL B 103 26.33 26.68 6.14
N GLY B 104 25.51 26.68 7.19
CA GLY B 104 25.22 27.90 7.92
C GLY B 104 23.91 28.57 7.51
N ASP B 105 23.33 28.14 6.38
CA ASP B 105 22.02 28.66 5.96
C ASP B 105 20.92 28.10 6.85
N MET B 106 19.76 28.75 6.81
CA MET B 106 18.62 28.29 7.57
C MET B 106 17.53 27.86 6.62
N ILE B 107 16.80 26.82 7.03
CA ILE B 107 15.67 26.32 6.24
C ILE B 107 14.43 26.30 7.12
N VAL B 108 13.35 26.89 6.61
CA VAL B 108 12.04 26.80 7.27
C VAL B 108 11.17 25.89 6.42
N THR B 109 10.74 24.78 7.01
CA THR B 109 9.94 23.76 6.33
C THR B 109 8.50 24.22 6.05
N THR B 110 8.09 24.16 4.78
CA THR B 110 6.71 24.48 4.40
C THR B 110 5.87 23.21 4.24
N GLY B 111 6.56 22.07 4.16
CA GLY B 111 5.88 20.77 4.02
C GLY B 111 6.92 19.69 4.07
N SER B 112 6.55 18.54 4.62
CA SER B 112 7.49 17.44 4.76
C SER B 112 7.13 16.21 3.95
N VAL B 113 8.10 15.66 3.21
CA VAL B 113 7.96 14.33 2.63
C VAL B 113 7.98 13.38 3.83
N ARG B 114 6.96 12.53 3.93
CA ARG B 114 6.75 11.67 5.09
C ARG B 114 7.44 10.32 4.91
N LEU B 115 8.74 10.31 5.19
CA LEU B 115 9.54 9.09 5.09
C LEU B 115 9.75 8.52 6.48
N ASP B 116 8.74 8.70 7.32
CA ASP B 116 8.74 8.26 8.70
C ASP B 116 7.55 7.32 8.95
N GLY B 117 7.50 6.71 10.13
CA GLY B 117 6.37 5.85 10.46
C GLY B 117 5.38 6.45 11.45
N ALA B 118 5.87 7.33 12.32
CA ALA B 118 5.04 7.86 13.40
C ALA B 118 3.92 8.79 12.89
N SER B 119 4.18 9.48 11.78
CA SER B 119 3.16 10.34 11.18
C SER B 119 1.89 9.54 10.87
N LEU B 120 2.05 8.29 10.42
CA LEU B 120 0.91 7.39 10.13
C LEU B 120 0.12 6.94 11.36
N HIS B 121 0.65 7.22 12.55
CA HIS B 121 -0.06 6.91 13.80
C HIS B 121 -1.03 8.00 14.18
N PHE B 122 -1.01 9.09 13.41
CA PHE B 122 -1.93 10.23 13.60
C PHE B 122 -2.80 10.50 12.37
N ALA B 123 -2.26 10.26 11.18
CA ALA B 123 -2.99 10.54 9.94
C ALA B 123 -2.53 9.65 8.80
N PRO B 124 -3.46 9.26 7.90
CA PRO B 124 -3.08 8.44 6.75
C PRO B 124 -2.07 9.17 5.87
N MET B 125 -1.35 8.44 5.04
CA MET B 125 -0.27 9.02 4.23
C MET B 125 -0.73 10.23 3.39
N GLU B 126 -1.99 10.23 2.94
CA GLU B 126 -2.58 11.30 2.12
CA GLU B 126 -2.54 11.31 2.11
C GLU B 126 -2.58 12.68 2.79
N PHE B 127 -2.59 12.70 4.12
CA PHE B 127 -2.64 13.96 4.90
C PHE B 127 -1.31 14.68 4.75
N PRO B 128 -1.34 16.02 4.54
CA PRO B 128 -0.11 16.80 4.34
C PRO B 128 0.65 17.08 5.63
N ALA B 129 1.97 16.85 5.59
CA ALA B 129 2.82 17.15 6.74
C ALA B 129 3.24 18.60 6.64
N VAL B 130 2.35 19.47 7.09
CA VAL B 130 2.48 20.92 6.92
C VAL B 130 2.43 21.68 8.24
N PRO B 131 3.22 22.76 8.35
CA PRO B 131 3.27 23.56 9.56
C PRO B 131 2.08 24.49 9.67
N ASP B 132 1.83 24.97 10.88
CA ASP B 132 0.95 26.10 11.11
C ASP B 132 1.54 27.29 10.38
N PHE B 133 0.70 28.02 9.64
CA PHE B 133 1.18 29.10 8.77
C PHE B 133 1.79 30.26 9.57
N ASP B 134 1.20 30.58 10.71
CA ASP B 134 1.76 31.62 11.59
C ASP B 134 3.17 31.27 12.09
N VAL B 135 3.36 30.03 12.55
CA VAL B 135 4.69 29.60 13.02
C VAL B 135 5.72 29.68 11.90
N ALA B 136 5.36 29.19 10.71
CA ALA B 136 6.26 29.23 9.55
C ALA B 136 6.61 30.68 9.13
N THR B 137 5.62 31.56 9.20
CA THR B 137 5.79 32.99 8.92
C THR B 137 6.72 33.64 9.95
N ALA B 138 6.49 33.34 11.23
CA ALA B 138 7.35 33.85 12.30
C ALA B 138 8.80 33.38 12.17
N MET B 139 8.97 32.10 11.84
CA MET B 139 10.31 31.54 11.70
C MET B 139 11.07 32.20 10.56
N LYS B 140 10.40 32.40 9.42
CA LYS B 140 11.02 33.08 8.28
C LYS B 140 11.51 34.48 8.67
N ALA B 141 10.65 35.22 9.36
CA ALA B 141 10.92 36.60 9.73
C ALA B 141 12.07 36.67 10.74
N ALA B 142 11.99 35.82 11.77
CA ALA B 142 13.06 35.69 12.75
C ALA B 142 14.40 35.35 12.08
N ALA B 143 14.37 34.38 11.15
CA ALA B 143 15.58 33.97 10.44
C ALA B 143 16.18 35.11 9.61
N GLN B 144 15.33 35.84 8.89
CA GLN B 144 15.79 36.97 8.08
C GLN B 144 16.42 38.08 8.91
N GLU B 145 15.73 38.47 9.98
CA GLU B 145 16.13 39.55 10.88
C GLU B 145 17.45 39.27 11.59
N SER B 146 17.88 38.01 11.55
CA SER B 146 19.13 37.58 12.16
C SER B 146 20.34 37.76 11.23
N GLY B 147 20.09 38.06 9.95
CA GLY B 147 21.17 38.22 8.97
C GLY B 147 21.48 36.96 8.19
N ALA B 148 20.82 35.87 8.56
CA ALA B 148 21.00 34.57 7.91
C ALA B 148 20.45 34.53 6.48
N THR B 149 21.04 33.71 5.62
CA THR B 149 20.40 33.35 4.35
C THR B 149 19.35 32.29 4.69
N VAL B 150 18.09 32.55 4.31
CA VAL B 150 16.95 31.68 4.66
C VAL B 150 16.28 31.09 3.43
N HIS B 151 15.94 29.81 3.50
CA HIS B 151 15.25 29.12 2.42
C HIS B 151 13.94 28.55 2.89
N MET B 152 12.88 28.78 2.12
CA MET B 152 11.56 28.27 2.41
C MET B 152 11.33 27.11 1.44
N GLY B 153 10.85 25.97 1.95
CA GLY B 153 10.56 24.85 1.07
C GLY B 153 10.33 23.50 1.71
N VAL B 154 10.25 22.49 0.85
CA VAL B 154 9.93 21.13 1.23
C VAL B 154 11.16 20.41 1.79
N THR B 155 10.94 19.69 2.88
CA THR B 155 11.97 18.95 3.61
C THR B 155 11.65 17.45 3.54
N ALA B 156 12.65 16.63 3.23
CA ALA B 156 12.46 15.18 3.32
C ALA B 156 12.79 14.70 4.73
N SER B 157 11.82 14.07 5.37
CA SER B 157 11.92 13.71 6.78
C SER B 157 11.95 12.20 6.98
N SER B 158 13.12 11.68 7.37
CA SER B 158 13.44 10.25 7.32
C SER B 158 13.59 9.61 8.70
N ASP B 159 13.08 8.37 8.82
CA ASP B 159 13.19 7.58 10.05
C ASP B 159 14.60 7.02 10.25
N THR B 160 15.47 7.23 9.27
CA THR B 160 16.89 6.86 9.45
C THR B 160 17.81 8.02 9.08
N PHE B 161 19.00 8.01 9.66
CA PHE B 161 20.02 8.97 9.30
C PHE B 161 20.77 8.48 8.08
N TYR B 162 20.84 7.15 7.91
CA TYR B 162 21.73 6.55 6.90
C TYR B 162 21.02 6.16 5.58
N PRO B 163 20.37 4.97 5.51
CA PRO B 163 19.80 4.58 4.21
C PRO B 163 18.65 5.43 3.70
N GLY B 164 17.81 5.94 4.60
CA GLY B 164 16.67 6.77 4.22
C GLY B 164 17.07 8.15 3.74
N GLN B 165 18.34 8.51 4.00
CA GLN B 165 18.94 9.71 3.46
C GLN B 165 19.96 9.33 2.38
N GLU B 166 19.80 8.09 1.88
CA GLU B 166 20.63 7.48 0.85
C GLU B 166 22.13 7.70 1.09
N ARG B 167 22.58 7.42 2.32
CA ARG B 167 24.00 7.43 2.64
C ARG B 167 24.58 6.06 2.30
N TYR B 168 25.73 6.03 1.62
CA TYR B 168 26.40 4.78 1.23
C TYR B 168 27.67 4.46 2.06
N ASP B 169 28.22 5.44 2.78
CA ASP B 169 29.38 5.20 3.62
C ASP B 169 28.93 4.55 4.95
N THR B 170 28.58 3.28 4.87
CA THR B 170 27.97 2.57 5.98
C THR B 170 28.58 1.19 6.11
N PHE B 171 28.12 0.44 7.11
CA PHE B 171 28.62 -0.89 7.35
C PHE B 171 28.37 -1.84 6.17
N THR B 172 27.14 -1.86 5.65
CA THR B 172 26.82 -2.74 4.51
C THR B 172 27.14 -2.07 3.17
N GLY B 173 27.05 -0.74 3.15
CA GLY B 173 27.18 0.01 1.91
C GLY B 173 25.98 -0.18 0.99
N ARG B 174 24.89 -0.75 1.51
CA ARG B 174 23.71 -0.98 0.71
C ARG B 174 22.55 -0.07 1.13
N VAL B 175 21.69 0.24 0.17
CA VAL B 175 20.48 1.00 0.41
C VAL B 175 19.29 0.23 -0.18
N VAL B 176 18.24 0.04 0.60
CA VAL B 176 17.09 -0.77 0.15
C VAL B 176 16.45 -0.15 -1.10
N ARG B 177 15.86 -0.99 -1.95
CA ARG B 177 15.26 -0.53 -3.21
C ARG B 177 14.48 0.78 -3.14
N ARG B 178 13.55 0.89 -2.20
CA ARG B 178 12.72 2.10 -2.02
C ARG B 178 13.57 3.38 -2.07
N PHE B 179 14.71 3.36 -1.39
CA PHE B 179 15.54 4.55 -1.27
C PHE B 179 16.71 4.69 -2.27
N GLN B 180 16.89 3.72 -3.16
CA GLN B 180 17.93 3.88 -4.20
C GLN B 180 17.52 4.95 -5.20
N GLY B 181 18.40 5.94 -5.40
CA GLY B 181 18.15 7.06 -6.31
C GLY B 181 17.25 8.11 -5.70
N SER B 182 16.87 7.91 -4.43
CA SER B 182 15.89 8.77 -3.79
C SER B 182 16.38 10.21 -3.56
N MET B 183 17.67 10.38 -3.23
CA MET B 183 18.17 11.74 -3.04
C MET B 183 18.07 12.57 -4.32
N LYS B 184 18.53 12.01 -5.44
CA LYS B 184 18.39 12.69 -6.73
C LYS B 184 16.94 12.94 -7.14
N GLU B 185 16.04 12.00 -6.79
N GLU B 185 16.05 12.02 -6.76
CA GLU B 185 14.60 12.17 -6.97
CA GLU B 185 14.62 12.19 -6.99
C GLU B 185 14.10 13.43 -6.24
C GLU B 185 14.05 13.40 -6.22
N TRP B 186 14.37 13.49 -4.94
CA TRP B 186 13.93 14.65 -4.12
C TRP B 186 14.55 15.92 -4.63
N GLN B 187 15.80 15.84 -5.05
CA GLN B 187 16.54 16.99 -5.54
C GLN B 187 15.87 17.58 -6.77
N ASP B 188 15.55 16.72 -7.74
CA ASP B 188 14.87 17.13 -8.97
C ASP B 188 13.47 17.67 -8.68
N MET B 189 12.86 17.22 -7.58
CA MET B 189 11.54 17.70 -7.15
C MET B 189 11.58 19.02 -6.36
N GLY B 190 12.78 19.54 -6.11
CA GLY B 190 12.95 20.82 -5.42
C GLY B 190 13.06 20.72 -3.91
N VAL B 191 13.16 19.50 -3.38
CA VAL B 191 13.29 19.32 -1.92
C VAL B 191 14.64 19.91 -1.48
N LEU B 192 14.62 20.62 -0.36
CA LEU B 192 15.79 21.37 0.09
C LEU B 192 16.75 20.56 0.95
N ASN B 193 16.21 19.71 1.81
CA ASN B 193 16.99 19.16 2.91
C ASN B 193 16.44 17.87 3.49
N PHE B 194 17.31 17.17 4.23
CA PHE B 194 16.97 16.00 4.99
C PHE B 194 17.01 16.29 6.48
N GLU B 195 15.99 15.86 7.21
CA GLU B 195 16.13 15.69 8.66
C GLU B 195 15.23 14.54 9.13
N MET B 196 14.96 14.44 10.42
CA MET B 196 14.38 13.22 10.97
C MET B 196 13.12 13.32 11.83
N GLU B 197 12.63 14.53 12.09
CA GLU B 197 11.50 14.70 13.02
C GLU B 197 10.30 15.48 12.46
N SER B 198 10.50 16.23 11.38
CA SER B 198 9.48 17.18 10.92
C SER B 198 8.20 16.53 10.43
N ALA B 199 8.31 15.41 9.73
CA ALA B 199 7.09 14.74 9.23
C ALA B 199 6.20 14.32 10.39
N THR B 200 6.78 13.69 11.41
CA THR B 200 6.01 13.27 12.58
C THR B 200 5.42 14.46 13.31
N LEU B 201 6.24 15.49 13.54
CA LEU B 201 5.82 16.65 14.31
C LEU B 201 4.69 17.40 13.60
N LEU B 202 4.89 17.70 12.32
CA LEU B 202 3.91 18.50 11.58
C LEU B 202 2.58 17.73 11.37
N THR B 203 2.67 16.44 11.04
CA THR B 203 1.45 15.63 10.83
C THR B 203 0.67 15.51 12.15
N MET B 204 1.39 15.18 13.22
CA MET B 204 0.80 15.00 14.53
C MET B 204 0.12 16.28 14.99
N CYS B 205 0.81 17.41 14.86
CA CYS B 205 0.24 18.68 15.28
C CYS B 205 -0.88 19.18 14.36
N ALA B 206 -0.65 19.14 13.05
CA ALA B 206 -1.68 19.59 12.09
C ALA B 206 -2.99 18.82 12.22
N SER B 207 -2.92 17.57 12.70
CA SER B 207 -4.12 16.73 12.84
C SER B 207 -4.69 16.67 14.27
N SER B 208 -4.08 17.42 15.18
CA SER B 208 -4.46 17.34 16.60
C SER B 208 -4.83 18.68 17.21
N GLY B 209 -5.00 19.71 16.38
CA GLY B 209 -5.32 21.07 16.83
C GLY B 209 -4.19 21.75 17.59
N LEU B 210 -2.95 21.47 17.20
CA LEU B 210 -1.76 22.05 17.82
C LEU B 210 -0.98 22.78 16.73
N LYS B 211 -0.37 23.93 17.07
CA LYS B 211 0.43 24.70 16.10
C LYS B 211 1.89 24.28 16.15
N ALA B 212 2.48 24.04 14.99
CA ALA B 212 3.88 23.63 14.94
C ALA B 212 4.62 24.15 13.72
N GLY B 213 5.92 24.27 13.86
CA GLY B 213 6.80 24.67 12.75
C GLY B 213 8.21 24.16 12.99
N CYS B 214 9.02 24.24 11.94
CA CYS B 214 10.38 23.68 11.93
CA CYS B 214 10.37 23.68 11.93
C CYS B 214 11.36 24.62 11.24
N VAL B 215 12.41 24.99 11.95
CA VAL B 215 13.52 25.76 11.38
C VAL B 215 14.80 24.97 11.65
N ALA B 216 15.72 24.97 10.69
CA ALA B 216 16.91 24.13 10.80
C ALA B 216 18.14 24.82 10.25
N GLY B 217 19.26 24.56 10.93
CA GLY B 217 20.56 25.04 10.49
C GLY B 217 21.26 24.00 9.65
N VAL B 218 21.65 24.39 8.44
CA VAL B 218 22.35 23.51 7.52
C VAL B 218 23.79 23.27 8.00
N ILE B 219 24.09 22.02 8.31
CA ILE B 219 25.40 21.67 8.84
C ILE B 219 26.23 20.88 7.82
N ILE B 220 25.60 20.57 6.70
CA ILE B 220 26.24 19.80 5.65
C ILE B 220 25.46 19.97 4.34
N ASN B 221 26.20 19.97 3.23
CA ASN B 221 25.62 19.87 1.90
C ASN B 221 26.05 18.57 1.26
N ARG B 222 25.05 17.75 0.92
CA ARG B 222 25.25 16.39 0.47
C ARG B 222 25.81 16.26 -0.95
N THR B 223 25.87 17.38 -1.67
CA THR B 223 26.53 17.35 -2.98
C THR B 223 28.06 17.31 -2.80
N GLN B 224 28.55 17.59 -1.60
CA GLN B 224 29.99 17.46 -1.28
C GLN B 224 30.35 16.13 -0.61
N LYS B 225 29.64 15.81 0.49
CA LYS B 225 30.03 14.70 1.38
C LYS B 225 28.86 14.21 2.23
N GLU B 226 29.09 13.10 2.95
CA GLU B 226 28.05 12.44 3.74
C GLU B 226 28.07 12.74 5.24
N ILE B 227 29.26 12.87 5.82
CA ILE B 227 29.38 13.09 7.26
C ILE B 227 29.72 14.56 7.57
N PRO B 228 28.93 15.21 8.44
CA PRO B 228 29.13 16.64 8.75
C PRO B 228 30.39 16.90 9.58
N ASP B 229 31.07 18.02 9.27
CA ASP B 229 32.21 18.49 10.06
C ASP B 229 31.73 19.10 11.38
N HIS B 230 32.41 18.76 12.47
CA HIS B 230 32.12 19.31 13.80
C HIS B 230 32.43 20.77 13.90
N ALA B 231 33.37 21.24 13.05
CA ALA B 231 33.64 22.67 12.92
C ALA B 231 32.51 23.35 12.17
N THR B 232 32.24 24.60 12.53
CA THR B 232 31.11 25.34 11.96
C THR B 232 29.77 24.80 12.47
N LEU B 233 29.82 23.75 13.30
CA LEU B 233 28.63 23.17 13.90
C LEU B 233 28.19 24.01 15.09
N LYS B 234 29.18 24.45 15.89
CA LYS B 234 28.94 25.35 17.00
C LYS B 234 28.44 26.72 16.53
N GLU B 235 29.05 27.24 15.47
CA GLU B 235 28.64 28.52 14.88
C GLU B 235 27.18 28.46 14.39
N THR B 236 26.84 27.37 13.69
CA THR B 236 25.49 27.18 13.15
C THR B 236 24.46 27.08 14.28
N GLU B 237 24.84 26.43 15.38
CA GLU B 237 23.92 26.17 16.47
C GLU B 237 23.54 27.41 17.28
N ALA B 238 24.46 28.37 17.39
CA ALA B 238 24.19 29.62 18.11
C ALA B 238 23.14 30.47 17.37
N ARG B 239 23.32 30.60 16.06
CA ARG B 239 22.40 31.35 15.21
C ARG B 239 21.01 30.70 15.25
N SER B 240 20.98 29.38 15.16
CA SER B 240 19.74 28.61 15.13
C SER B 240 18.88 28.85 16.36
N ILE B 241 19.49 28.88 17.54
CA ILE B 241 18.72 29.02 18.76
C ILE B 241 18.26 30.45 19.02
N LYS B 242 19.04 31.42 18.57
CA LYS B 242 18.63 32.82 18.59
CA LYS B 242 18.62 32.83 18.61
C LYS B 242 17.42 33.01 17.67
N VAL B 243 17.46 32.38 16.50
CA VAL B 243 16.36 32.45 15.54
C VAL B 243 15.06 31.91 16.14
N VAL B 244 15.14 30.75 16.78
CA VAL B 244 13.95 30.10 17.33
C VAL B 244 13.33 30.84 18.53
N VAL B 245 14.18 31.47 19.36
CA VAL B 245 13.68 32.23 20.51
C VAL B 245 12.98 33.52 20.01
N GLU B 246 13.56 34.13 18.98
CA GLU B 246 12.93 35.27 18.31
C GLU B 246 11.65 34.87 17.59
N ALA B 247 11.63 33.66 17.04
CA ALA B 247 10.43 33.13 16.41
C ALA B 247 9.35 32.95 17.49
N ALA B 248 9.75 32.43 18.64
CA ALA B 248 8.83 32.25 19.78
C ALA B 248 8.30 33.60 20.27
N ARG B 249 9.16 34.61 20.27
CA ARG B 249 8.75 35.96 20.64
C ARG B 249 7.65 36.48 19.71
N LYS B 250 7.85 36.28 18.40
CA LYS B 250 6.85 36.71 17.43
C LYS B 250 5.50 36.01 17.63
N MET B 251 5.54 34.74 18.00
CA MET B 251 4.32 33.95 18.25
C MET B 251 3.54 34.40 19.49
N LEU B 252 4.24 34.92 20.50
CA LEU B 252 3.58 35.36 21.72
C LEU B 252 2.97 36.75 21.53
N LYS B 253 2.84 37.15 20.26
CA LYS B 253 2.40 38.48 19.84
C LYS B 253 3.53 39.48 20.02
N LYS C 3 4.96 24.18 -30.80
N LYS C 3 5.18 24.57 -30.03
CA LYS C 3 4.67 25.64 -30.72
CA LYS C 3 4.65 25.77 -30.75
C LYS C 3 3.26 25.88 -30.18
C LYS C 3 3.20 26.04 -30.33
N THR C 4 2.28 25.20 -30.77
CA THR C 4 0.90 25.21 -30.26
C THR C 4 0.74 24.00 -29.35
N VAL C 5 0.30 24.22 -28.12
CA VAL C 5 0.08 23.12 -27.18
C VAL C 5 -1.13 22.26 -27.59
N PHE C 6 -1.11 20.99 -27.20
CA PHE C 6 -2.06 20.01 -27.72
C PHE C 6 -3.54 20.24 -27.41
N HIS C 7 -3.85 20.67 -26.19
CA HIS C 7 -5.23 20.81 -25.75
C HIS C 7 -5.71 22.24 -25.68
N LEU C 8 -4.83 23.16 -25.27
CA LEU C 8 -5.25 24.54 -24.97
C LEU C 8 -5.46 25.41 -26.18
N GLY C 9 -4.76 25.10 -27.27
CA GLY C 9 -4.92 25.81 -28.55
C GLY C 9 -4.33 27.21 -28.59
N VAL C 10 -3.32 27.45 -27.77
CA VAL C 10 -2.62 28.74 -27.76
C VAL C 10 -1.13 28.55 -27.96
N THR C 11 -0.46 29.64 -28.31
CA THR C 11 0.98 29.64 -28.55
C THR C 11 1.64 30.51 -27.50
N GLU C 12 2.96 30.47 -27.42
CA GLU C 12 3.70 31.32 -26.50
C GLU C 12 3.47 32.80 -26.81
N ALA C 13 3.39 33.12 -28.09
CA ALA C 13 3.15 34.49 -28.55
C ALA C 13 1.79 35.02 -28.06
N ASP C 14 0.77 34.18 -28.09
CA ASP C 14 -0.59 34.56 -27.64
C ASP C 14 -0.63 35.08 -26.21
N LEU C 15 0.33 34.65 -25.38
CA LEU C 15 0.33 35.01 -23.96
C LEU C 15 1.04 36.32 -23.65
N ASN C 16 1.72 36.89 -24.65
CA ASN C 16 2.41 38.18 -24.52
C ASN C 16 3.39 38.30 -23.35
N GLY C 17 4.15 37.23 -23.11
CA GLY C 17 5.16 37.23 -22.05
C GLY C 17 4.64 36.96 -20.64
N ALA C 18 3.38 36.57 -20.51
CA ALA C 18 2.81 36.27 -19.17
C ALA C 18 3.49 35.05 -18.54
N THR C 19 3.81 35.16 -17.25
CA THR C 19 4.39 34.05 -16.48
C THR C 19 3.51 33.69 -15.27
N LEU C 20 2.35 34.33 -15.19
CA LEU C 20 1.37 34.09 -14.13
C LEU C 20 0.02 33.78 -14.75
N ALA C 21 -0.64 32.75 -14.22
CA ALA C 21 -1.99 32.37 -14.67
C ALA C 21 -2.92 32.33 -13.48
N ILE C 22 -4.13 32.83 -13.67
CA ILE C 22 -5.21 32.62 -12.71
C ILE C 22 -6.02 31.47 -13.28
N ILE C 23 -6.23 30.41 -12.49
CA ILE C 23 -6.88 29.20 -13.01
C ILE C 23 -8.19 28.79 -12.30
N PRO C 24 -9.32 29.37 -12.73
CA PRO C 24 -10.62 28.94 -12.21
C PRO C 24 -11.01 27.56 -12.75
N GLY C 25 -12.03 26.95 -12.18
CA GLY C 25 -12.50 25.65 -12.65
C GLY C 25 -13.42 25.76 -13.85
N ASP C 26 -14.41 26.64 -13.71
CA ASP C 26 -15.50 26.80 -14.65
C ASP C 26 -15.11 27.72 -15.81
N PRO C 27 -15.25 27.22 -17.06
CA PRO C 27 -15.01 28.04 -18.26
C PRO C 27 -15.79 29.37 -18.25
N ALA C 28 -16.99 29.38 -17.68
CA ALA C 28 -17.83 30.57 -17.61
C ALA C 28 -17.25 31.72 -16.78
N ARG C 29 -16.36 31.38 -15.83
CA ARG C 29 -15.74 32.35 -14.92
C ARG C 29 -14.53 33.07 -15.52
N VAL C 30 -13.97 32.54 -16.60
CA VAL C 30 -12.74 33.08 -17.19
C VAL C 30 -12.89 34.54 -17.64
N GLN C 31 -13.92 34.81 -18.43
CA GLN C 31 -14.18 36.18 -18.89
C GLN C 31 -14.38 37.13 -17.71
N LYS C 32 -15.09 36.66 -16.69
CA LYS C 32 -15.42 37.50 -15.51
C LYS C 32 -14.16 37.94 -14.76
N ILE C 33 -13.25 37.01 -14.58
CA ILE C 33 -11.95 37.28 -13.99
C ILE C 33 -11.12 38.21 -14.89
N ALA C 34 -11.10 37.93 -16.18
CA ALA C 34 -10.28 38.69 -17.13
C ALA C 34 -10.74 40.16 -17.25
N GLU C 35 -12.06 40.37 -17.13
CA GLU C 35 -12.63 41.71 -17.21
C GLU C 35 -12.43 42.55 -15.95
N LEU C 36 -11.91 41.93 -14.89
CA LEU C 36 -11.49 42.66 -13.69
C LEU C 36 -10.17 43.38 -13.92
N MET C 37 -9.43 42.93 -14.92
CA MET C 37 -8.15 43.52 -15.27
C MET C 37 -8.28 44.35 -16.54
N ASP C 38 -7.16 44.75 -17.11
CA ASP C 38 -7.16 45.67 -18.25
C ASP C 38 -6.95 44.98 -19.58
N ASN C 39 -7.66 45.48 -20.60
CA ASN C 39 -7.60 44.98 -21.98
C ASN C 39 -7.75 43.46 -22.12
N PRO C 40 -8.83 42.90 -21.55
CA PRO C 40 -9.07 41.45 -21.64
C PRO C 40 -9.26 41.01 -23.10
N VAL C 41 -8.56 39.93 -23.47
CA VAL C 41 -8.56 39.42 -24.84
C VAL C 41 -8.87 37.92 -24.81
N PHE C 42 -9.88 37.51 -25.56
CA PHE C 42 -10.19 36.08 -25.73
C PHE C 42 -9.12 35.42 -26.61
N LEU C 43 -8.57 34.30 -26.16
CA LEU C 43 -7.54 33.59 -26.93
C LEU C 43 -8.07 32.32 -27.60
N ALA C 44 -8.54 31.36 -26.81
CA ALA C 44 -9.08 30.11 -27.37
C ALA C 44 -10.13 29.48 -26.47
N SER C 45 -10.94 28.60 -27.04
CA SER C 45 -11.84 27.78 -26.26
C SER C 45 -12.02 26.38 -26.85
N HIS C 46 -11.52 25.37 -26.12
CA HIS C 46 -11.62 23.96 -26.50
CA HIS C 46 -11.65 23.97 -26.50
C HIS C 46 -11.95 23.14 -25.29
N ARG C 47 -12.96 22.27 -25.40
CA ARG C 47 -13.39 21.42 -24.29
C ARG C 47 -13.71 22.28 -23.06
N GLU C 48 -13.09 21.98 -21.92
CA GLU C 48 -13.28 22.78 -20.71
C GLU C 48 -12.22 23.88 -20.54
N TYR C 49 -11.44 24.14 -21.59
CA TYR C 49 -10.37 25.12 -21.49
C TYR C 49 -10.71 26.39 -22.25
N THR C 50 -11.15 27.40 -21.52
CA THR C 50 -11.30 28.76 -22.07
C THR C 50 -10.10 29.56 -21.58
N VAL C 51 -9.39 30.18 -22.52
CA VAL C 51 -8.14 30.91 -22.24
C VAL C 51 -8.29 32.38 -22.63
N TYR C 52 -8.05 33.27 -21.67
CA TYR C 52 -8.02 34.72 -21.92
C TYR C 52 -6.65 35.27 -21.56
N ARG C 53 -6.36 36.46 -22.06
CA ARG C 53 -5.22 37.22 -21.63
C ARG C 53 -5.73 38.56 -21.15
N ALA C 54 -5.03 39.14 -20.18
CA ALA C 54 -5.34 40.48 -19.70
C ALA C 54 -4.06 41.13 -19.21
N GLU C 55 -4.16 42.40 -18.84
CA GLU C 55 -3.02 43.14 -18.31
C GLU C 55 -3.31 43.61 -16.89
N LEU C 56 -2.36 43.34 -16.00
CA LEU C 56 -2.46 43.75 -14.59
C LEU C 56 -1.25 44.58 -14.20
N ASP C 57 -1.50 45.83 -13.82
CA ASP C 57 -0.43 46.81 -13.56
C ASP C 57 0.60 46.84 -14.68
N GLY C 58 0.14 46.69 -15.92
CA GLY C 58 1.02 46.74 -17.09
C GLY C 58 1.61 45.42 -17.56
N GLN C 59 1.45 44.36 -16.77
CA GLN C 59 2.01 43.05 -17.10
C GLN C 59 0.94 42.06 -17.59
N SER C 60 1.29 41.26 -18.60
CA SER C 60 0.36 40.29 -19.18
C SER C 60 0.06 39.21 -18.16
N VAL C 61 -1.22 38.88 -18.03
CA VAL C 61 -1.71 37.83 -17.14
C VAL C 61 -2.59 36.87 -17.96
N VAL C 62 -2.49 35.57 -17.69
CA VAL C 62 -3.32 34.58 -18.37
C VAL C 62 -4.42 34.10 -17.43
N VAL C 63 -5.63 33.96 -17.95
CA VAL C 63 -6.73 33.33 -17.21
C VAL C 63 -7.15 32.11 -18.03
N CYS C 64 -7.13 30.94 -17.38
CA CYS C 64 -7.42 29.66 -18.04
C CYS C 64 -8.22 28.71 -17.14
N SER C 65 -9.36 28.24 -17.63
CA SER C 65 -10.15 27.27 -16.86
C SER C 65 -9.51 25.89 -16.85
N THR C 66 -9.81 25.08 -15.84
CA THR C 66 -9.16 23.79 -15.65
C THR C 66 -10.11 22.63 -15.87
N GLY C 67 -11.41 22.91 -15.81
CA GLY C 67 -12.44 21.86 -15.76
C GLY C 67 -12.49 21.28 -14.36
N ILE C 68 -13.34 20.28 -14.16
CA ILE C 68 -13.42 19.60 -12.87
C ILE C 68 -12.36 18.50 -12.78
N GLY C 69 -11.66 18.46 -11.65
CA GLY C 69 -10.81 17.32 -11.33
C GLY C 69 -9.37 17.50 -11.72
N GLY C 70 -8.51 16.77 -11.01
CA GLY C 70 -7.07 16.80 -11.24
C GLY C 70 -6.57 16.45 -12.63
N PRO C 71 -7.19 15.45 -13.31
CA PRO C 71 -6.71 15.10 -14.66
C PRO C 71 -6.78 16.24 -15.65
N SER C 72 -7.93 16.91 -15.69
CA SER C 72 -8.12 18.03 -16.60
CA SER C 72 -8.14 18.04 -16.59
C SER C 72 -7.22 19.20 -16.20
N THR C 73 -7.11 19.44 -14.91
CA THR C 73 -6.24 20.47 -14.35
C THR C 73 -4.77 20.24 -14.72
N SER C 74 -4.31 18.99 -14.59
CA SER C 74 -2.92 18.64 -14.87
C SER C 74 -2.53 18.96 -16.31
N ILE C 75 -3.45 18.75 -17.24
CA ILE C 75 -3.23 19.11 -18.64
C ILE C 75 -2.97 20.61 -18.81
N ALA C 76 -3.85 21.42 -18.22
CA ALA C 76 -3.79 22.89 -18.37
C ALA C 76 -2.51 23.47 -17.77
N VAL C 77 -2.16 23.02 -16.57
CA VAL C 77 -0.97 23.51 -15.89
C VAL C 77 0.29 23.13 -16.68
N GLU C 78 0.36 21.87 -17.13
CA GLU C 78 1.51 21.43 -17.95
C GLU C 78 1.66 22.26 -19.22
N GLU C 79 0.55 22.47 -19.92
CA GLU C 79 0.62 23.15 -21.21
C GLU C 79 0.90 24.64 -21.09
N LEU C 80 0.38 25.27 -20.05
CA LEU C 80 0.75 26.65 -19.71
C LEU C 80 2.25 26.74 -19.32
N ALA C 81 2.73 25.76 -18.56
CA ALA C 81 4.14 25.74 -18.18
C ALA C 81 5.06 25.62 -19.41
N GLN C 82 4.63 24.84 -20.41
CA GLN C 82 5.37 24.73 -21.67
C GLN C 82 5.45 26.08 -22.37
N LEU C 83 4.46 26.94 -22.12
CA LEU C 83 4.43 28.26 -22.76
C LEU C 83 4.99 29.37 -21.88
N GLY C 84 5.62 29.00 -20.77
CA GLY C 84 6.38 29.95 -19.95
C GLY C 84 5.75 30.41 -18.65
N VAL C 85 4.56 29.92 -18.35
CA VAL C 85 3.90 30.26 -17.09
C VAL C 85 4.60 29.51 -15.93
N ARG C 86 4.90 30.23 -14.86
CA ARG C 86 5.60 29.65 -13.70
C ARG C 86 4.79 29.69 -12.40
N THR C 87 3.77 30.57 -12.36
CA THR C 87 2.98 30.84 -11.16
C THR C 87 1.50 30.61 -11.45
N PHE C 88 0.83 29.86 -10.58
CA PHE C 88 -0.55 29.45 -10.83
C PHE C 88 -1.43 29.76 -9.62
N LEU C 89 -2.46 30.58 -9.83
CA LEU C 89 -3.36 30.97 -8.76
C LEU C 89 -4.76 30.39 -8.93
N ARG C 90 -5.05 29.38 -8.13
CA ARG C 90 -6.33 28.71 -8.15
C ARG C 90 -7.35 29.49 -7.32
N VAL C 91 -8.48 29.81 -7.94
CA VAL C 91 -9.62 30.41 -7.25
C VAL C 91 -10.83 29.49 -7.43
N GLY C 92 -11.73 29.49 -6.45
CA GLY C 92 -12.96 28.76 -6.57
C GLY C 92 -13.94 29.04 -5.45
N THR C 93 -15.02 28.26 -5.46
CA THR C 93 -15.96 28.22 -4.34
C THR C 93 -15.96 26.80 -3.79
N THR C 94 -16.19 26.67 -2.49
CA THR C 94 -16.01 25.40 -1.80
C THR C 94 -17.07 25.19 -0.72
N GLY C 95 -17.15 23.96 -0.21
CA GLY C 95 -18.01 23.62 0.91
C GLY C 95 -17.23 23.33 2.19
N ALA C 96 -17.53 24.08 3.24
CA ALA C 96 -16.85 23.88 4.53
C ALA C 96 -17.40 22.67 5.31
N ILE C 97 -16.54 22.07 6.13
CA ILE C 97 -16.96 20.95 6.98
C ILE C 97 -16.77 21.24 8.47
N GLN C 98 -16.30 22.45 8.78
CA GLN C 98 -16.14 22.88 10.17
C GLN C 98 -17.30 23.80 10.56
N PRO C 99 -17.92 23.57 11.73
CA PRO C 99 -18.99 24.46 12.21
C PRO C 99 -18.59 25.93 12.17
N HIS C 100 -17.38 26.25 12.60
CA HIS C 100 -16.96 27.64 12.76
C HIS C 100 -16.74 28.38 11.48
N VAL C 101 -16.73 27.66 10.37
CA VAL C 101 -16.52 28.28 9.06
C VAL C 101 -17.89 28.62 8.44
N ASN C 102 -18.09 29.91 8.17
CA ASN C 102 -19.38 30.41 7.68
C ASN C 102 -19.36 30.68 6.19
N VAL C 103 -20.56 30.79 5.60
CA VAL C 103 -20.69 31.17 4.20
C VAL C 103 -20.23 32.63 4.06
N GLY C 104 -19.30 32.87 3.14
CA GLY C 104 -18.75 34.21 2.93
C GLY C 104 -17.33 34.36 3.42
N ASP C 105 -16.87 33.35 4.16
CA ASP C 105 -15.49 33.27 4.61
C ASP C 105 -14.62 32.81 3.45
N MET C 106 -13.34 33.11 3.55
CA MET C 106 -12.37 32.66 2.56
C MET C 106 -11.52 31.57 3.19
N ILE C 107 -11.15 30.57 2.38
CA ILE C 107 -10.17 29.59 2.79
C ILE C 107 -8.93 29.69 1.90
N VAL C 108 -7.77 29.84 2.53
CA VAL C 108 -6.48 29.69 1.82
C VAL C 108 -5.87 28.36 2.26
N THR C 109 -5.64 27.46 1.31
CA THR C 109 -5.10 26.13 1.57
C THR C 109 -3.61 26.16 1.94
N THR C 110 -3.27 25.61 3.10
CA THR C 110 -1.87 25.47 3.51
C THR C 110 -1.33 24.07 3.17
N GLY C 111 -2.24 23.16 2.87
CA GLY C 111 -1.86 21.80 2.52
C GLY C 111 -3.11 21.03 2.16
N SER C 112 -2.96 20.05 1.28
CA SER C 112 -4.10 19.24 0.84
C SER C 112 -3.99 17.77 1.20
N VAL C 113 -5.08 17.21 1.72
CA VAL C 113 -5.22 15.75 1.83
C VAL C 113 -5.35 15.20 0.41
N ARG C 114 -4.43 14.32 0.02
CA ARG C 114 -4.39 13.80 -1.35
C ARG C 114 -5.34 12.61 -1.57
N LEU C 115 -6.63 12.91 -1.72
CA LEU C 115 -7.67 11.90 -2.00
C LEU C 115 -7.94 11.79 -3.51
N ASP C 116 -6.87 12.00 -4.29
CA ASP C 116 -6.89 12.04 -5.74
C ASP C 116 -5.91 11.00 -6.33
N GLY C 117 -5.82 10.95 -7.64
CA GLY C 117 -4.92 10.01 -8.29
C GLY C 117 -3.82 10.68 -9.08
N ALA C 118 -4.11 11.86 -9.64
CA ALA C 118 -3.16 12.56 -10.52
C ALA C 118 -1.91 13.08 -9.78
N SER C 119 -2.04 13.48 -8.53
CA SER C 119 -0.87 13.87 -7.73
C SER C 119 0.20 12.75 -7.69
N LEU C 120 -0.23 11.49 -7.71
CA LEU C 120 0.70 10.33 -7.71
C LEU C 120 1.43 10.14 -9.04
N HIS C 121 1.01 10.88 -10.07
CA HIS C 121 1.70 10.86 -11.36
C HIS C 121 2.82 11.85 -11.37
N PHE C 122 3.00 12.56 -10.25
CA PHE C 122 4.06 13.58 -10.12
C PHE C 122 4.99 13.32 -8.94
N ALA C 123 4.43 12.79 -7.85
CA ALA C 123 5.20 12.47 -6.63
C ALA C 123 4.55 11.33 -5.86
N PRO C 124 5.37 10.49 -5.18
CA PRO C 124 4.75 9.44 -4.36
C PRO C 124 3.90 10.06 -3.26
N MET C 125 3.04 9.25 -2.62
CA MET C 125 2.07 9.76 -1.63
C MET C 125 2.70 10.54 -0.47
N GLU C 126 3.93 10.16 -0.07
CA GLU C 126 4.61 10.81 1.05
CA GLU C 126 4.66 10.80 1.04
C GLU C 126 4.94 12.29 0.82
N PHE C 127 4.98 12.72 -0.44
CA PHE C 127 5.25 14.12 -0.80
C PHE C 127 4.07 14.99 -0.41
N PRO C 128 4.35 16.17 0.22
CA PRO C 128 3.27 17.01 0.73
C PRO C 128 2.61 17.82 -0.40
N ALA C 129 1.29 17.84 -0.45
CA ALA C 129 0.55 18.68 -1.39
C ALA C 129 0.47 20.04 -0.73
N VAL C 130 1.53 20.82 -0.93
CA VAL C 130 1.78 22.09 -0.27
C VAL C 130 1.89 23.24 -1.29
N PRO C 131 1.27 24.39 -0.97
CA PRO C 131 1.41 25.55 -1.85
C PRO C 131 2.78 26.18 -1.73
N ASP C 132 3.15 26.94 -2.75
CA ASP C 132 4.27 27.87 -2.66
C ASP C 132 4.02 28.88 -1.53
N PHE C 133 5.05 29.14 -0.73
CA PHE C 133 4.90 30.00 0.44
C PHE C 133 4.55 31.45 0.09
N ASP C 134 5.21 32.01 -0.93
CA ASP C 134 4.92 33.37 -1.41
C ASP C 134 3.48 33.49 -1.92
N VAL C 135 3.04 32.48 -2.66
CA VAL C 135 1.67 32.49 -3.21
C VAL C 135 0.66 32.37 -2.07
N ALA C 136 0.93 31.49 -1.11
CA ALA C 136 0.05 31.35 0.06
C ALA C 136 0.00 32.65 0.85
N THR C 137 1.15 33.31 0.96
CA THR C 137 1.29 34.58 1.67
C THR C 137 0.49 35.68 0.94
N ALA C 138 0.63 35.76 -0.37
CA ALA C 138 -0.08 36.77 -1.18
C ALA C 138 -1.59 36.60 -1.13
N MET C 139 -2.05 35.34 -1.10
CA MET C 139 -3.48 35.03 -1.02
C MET C 139 -4.07 35.36 0.33
N LYS C 140 -3.32 35.07 1.40
CA LYS C 140 -3.75 35.37 2.76
C LYS C 140 -3.93 36.89 2.91
N ALA C 141 -2.97 37.63 2.38
CA ALA C 141 -2.97 39.09 2.44
C ALA C 141 -4.13 39.67 1.61
N ALA C 142 -4.32 39.16 0.40
CA ALA C 142 -5.42 39.63 -0.45
C ALA C 142 -6.77 39.35 0.22
N ALA C 143 -6.94 38.12 0.74
CA ALA C 143 -8.20 37.74 1.38
C ALA C 143 -8.49 38.57 2.63
N GLN C 144 -7.49 38.74 3.48
CA GLN C 144 -7.66 39.54 4.70
C GLN C 144 -7.90 41.01 4.40
N GLU C 145 -7.18 41.55 3.42
CA GLU C 145 -7.35 42.94 3.02
C GLU C 145 -8.77 43.24 2.45
N SER C 146 -9.41 42.23 1.89
CA SER C 146 -10.77 42.39 1.33
C SER C 146 -11.83 42.59 2.42
N GLY C 147 -11.49 42.22 3.65
CA GLY C 147 -12.42 42.36 4.77
C GLY C 147 -13.14 41.08 5.14
N ALA C 148 -12.87 40.00 4.43
CA ALA C 148 -13.49 38.72 4.72
C ALA C 148 -12.80 38.08 5.91
N THR C 149 -13.50 37.17 6.59
CA THR C 149 -12.89 36.32 7.59
C THR C 149 -12.15 35.21 6.88
N VAL C 150 -10.87 35.05 7.19
CA VAL C 150 -10.00 34.15 6.43
C VAL C 150 -9.50 33.01 7.30
N HIS C 151 -9.62 31.79 6.75
CA HIS C 151 -9.16 30.57 7.40
C HIS C 151 -7.97 30.00 6.66
N MET C 152 -6.86 29.84 7.36
CA MET C 152 -5.69 29.18 6.79
C MET C 152 -5.70 27.73 7.26
N GLY C 153 -5.71 26.78 6.34
CA GLY C 153 -5.73 25.39 6.78
C GLY C 153 -5.74 24.32 5.71
N VAL C 154 -5.94 23.10 6.17
CA VAL C 154 -5.85 21.91 5.34
C VAL C 154 -7.16 21.69 4.59
N THR C 155 -7.03 21.31 3.32
CA THR C 155 -8.18 21.04 2.45
C THR C 155 -8.17 19.57 2.04
N ALA C 156 -9.32 18.91 2.08
CA ALA C 156 -9.39 17.53 1.58
C ALA C 156 -9.75 17.56 0.10
N SER C 157 -8.87 16.99 -0.73
CA SER C 157 -8.99 17.14 -2.18
C SER C 157 -9.33 15.80 -2.84
N SER C 158 -10.59 15.67 -3.25
CA SER C 158 -11.16 14.37 -3.63
C SER C 158 -11.36 14.22 -5.13
N ASP C 159 -11.17 13.01 -5.62
CA ASP C 159 -11.40 12.67 -7.03
C ASP C 159 -12.89 12.50 -7.37
N THR C 160 -13.75 12.49 -6.34
CA THR C 160 -15.18 12.44 -6.56
C THR C 160 -15.87 13.55 -5.75
N PHE C 161 -17.05 13.93 -6.20
CA PHE C 161 -17.89 14.88 -5.50
C PHE C 161 -18.77 14.14 -4.49
N TYR C 162 -19.05 12.87 -4.79
CA TYR C 162 -20.03 12.12 -4.01
C TYR C 162 -19.41 11.19 -2.94
N PRO C 163 -18.94 9.98 -3.30
CA PRO C 163 -18.51 9.11 -2.19
C PRO C 163 -17.24 9.56 -1.46
N GLY C 164 -16.33 10.21 -2.19
CA GLY C 164 -15.07 10.74 -1.65
C GLY C 164 -15.29 11.94 -0.75
N GLN C 165 -16.48 12.51 -0.81
CA GLN C 165 -16.88 13.56 0.13
C GLN C 165 -17.94 13.05 1.10
N GLU C 166 -18.03 11.73 1.19
CA GLU C 166 -19.01 10.98 2.02
C GLU C 166 -20.44 11.50 1.93
N ARG C 167 -20.91 11.69 0.69
CA ARG C 167 -22.31 11.95 0.41
C ARG C 167 -23.07 10.64 0.25
N TYR C 168 -24.19 10.49 0.97
CA TYR C 168 -25.04 9.29 0.89
C TYR C 168 -26.30 9.54 0.08
N ASP C 169 -26.61 10.80 -0.17
CA ASP C 169 -27.78 11.23 -0.94
C ASP C 169 -27.56 10.93 -2.43
N THR C 170 -27.42 9.65 -2.77
CA THR C 170 -26.97 9.24 -4.12
C THR C 170 -27.81 8.09 -4.67
N PHE C 171 -27.49 7.67 -5.90
CA PHE C 171 -28.20 6.57 -6.55
C PHE C 171 -28.12 5.27 -5.75
N THR C 172 -26.92 4.92 -5.29
CA THR C 172 -26.74 3.66 -4.54
C THR C 172 -26.90 3.85 -3.04
N GLY C 173 -26.64 5.06 -2.56
CA GLY C 173 -26.67 5.37 -1.14
C GLY C 173 -25.59 4.66 -0.34
N ARG C 174 -24.52 4.20 -1.02
CA ARG C 174 -23.40 3.50 -0.36
CA ARG C 174 -23.42 3.59 -0.28
C ARG C 174 -22.09 4.28 -0.55
N VAL C 175 -21.18 4.12 0.41
CA VAL C 175 -19.86 4.69 0.31
C VAL C 175 -18.87 3.55 0.57
N VAL C 176 -17.86 3.44 -0.30
CA VAL C 176 -16.85 2.40 -0.20
C VAL C 176 -16.12 2.47 1.15
N ARG C 177 -15.72 1.30 1.67
CA ARG C 177 -15.11 1.21 3.00
C ARG C 177 -14.10 2.31 3.31
N ARG C 178 -13.15 2.52 2.40
CA ARG C 178 -12.14 3.56 2.55
C ARG C 178 -12.71 4.92 2.99
N PHE C 179 -13.91 5.25 2.48
CA PHE C 179 -14.51 6.56 2.74
C PHE C 179 -15.63 6.59 3.78
N GLN C 180 -16.01 5.43 4.34
CA GLN C 180 -16.97 5.40 5.44
C GLN C 180 -16.38 6.03 6.69
N GLY C 181 -17.10 6.99 7.25
CA GLY C 181 -16.65 7.67 8.45
C GLY C 181 -15.60 8.73 8.19
N SER C 182 -15.27 8.93 6.91
CA SER C 182 -14.15 9.81 6.54
C SER C 182 -14.40 11.30 6.81
N MET C 183 -15.63 11.80 6.62
CA MET C 183 -15.88 13.22 6.90
C MET C 183 -15.61 13.59 8.35
N LYS C 184 -16.11 12.77 9.28
CA LYS C 184 -15.87 12.99 10.70
C LYS C 184 -14.39 12.85 11.07
N GLU C 185 -13.71 11.89 10.43
CA GLU C 185 -12.27 11.77 10.58
C GLU C 185 -11.56 13.08 10.19
N TRP C 186 -11.86 13.61 9.00
CA TRP C 186 -11.27 14.90 8.58
C TRP C 186 -11.66 16.04 9.48
N GLN C 187 -12.92 16.05 9.91
CA GLN C 187 -13.40 17.07 10.84
C GLN C 187 -12.60 17.10 12.13
N ASP C 188 -12.38 15.91 12.71
CA ASP C 188 -11.65 15.80 13.96
C ASP C 188 -10.18 16.20 13.80
N MET C 189 -9.67 16.10 12.58
CA MET C 189 -8.28 16.45 12.26
C MET C 189 -8.12 17.92 11.88
N GLY C 190 -9.22 18.67 11.91
CA GLY C 190 -9.18 20.11 11.67
C GLY C 190 -9.23 20.53 10.21
N VAL C 191 -9.46 19.58 9.30
CA VAL C 191 -9.60 19.87 7.87
C VAL C 191 -10.76 20.86 7.64
N LEU C 192 -10.53 21.88 6.82
CA LEU C 192 -11.50 22.95 6.66
C LEU C 192 -12.62 22.68 5.65
N ASN C 193 -12.27 22.02 4.54
CA ASN C 193 -13.20 21.92 3.40
C ASN C 193 -12.84 20.82 2.41
N PHE C 194 -13.81 20.46 1.56
CA PHE C 194 -13.62 19.58 0.44
C PHE C 194 -13.59 20.41 -0.85
N GLU C 195 -12.67 20.06 -1.72
CA GLU C 195 -12.79 20.39 -3.13
C GLU C 195 -12.11 19.26 -3.94
N MET C 196 -11.85 19.51 -5.22
CA MET C 196 -11.47 18.41 -6.13
C MET C 196 -10.21 18.62 -6.99
N GLU C 197 -9.47 19.71 -6.81
CA GLU C 197 -8.32 19.97 -7.71
C GLU C 197 -6.98 20.26 -7.03
N SER C 198 -7.02 20.66 -5.77
CA SER C 198 -5.85 21.24 -5.11
C SER C 198 -4.71 20.26 -4.89
N ALA C 199 -5.03 19.02 -4.48
CA ALA C 199 -3.99 17.99 -4.30
C ALA C 199 -3.18 17.81 -5.58
N THR C 200 -3.87 17.71 -6.72
CA THR C 200 -3.18 17.60 -8.00
C THR C 200 -2.33 18.85 -8.29
N LEU C 201 -2.96 20.01 -8.27
CA LEU C 201 -2.28 21.27 -8.59
C LEU C 201 -1.04 21.47 -7.72
N LEU C 202 -1.21 21.34 -6.41
CA LEU C 202 -0.14 21.64 -5.46
C LEU C 202 1.03 20.66 -5.54
N THR C 203 0.73 19.36 -5.65
CA THR C 203 1.76 18.34 -5.73
C THR C 203 2.56 18.47 -7.02
N MET C 204 1.84 18.60 -8.13
CA MET C 204 2.40 18.82 -9.45
CA MET C 204 2.47 18.77 -9.44
C MET C 204 3.38 19.99 -9.46
N CYS C 205 2.92 21.12 -8.95
CA CYS C 205 3.70 22.35 -8.96
C CYS C 205 4.86 22.32 -7.97
N ALA C 206 4.61 21.85 -6.75
CA ALA C 206 5.64 21.78 -5.70
C ALA C 206 6.78 20.86 -6.11
N SER C 207 6.48 19.87 -6.96
CA SER C 207 7.48 18.91 -7.41
C SER C 207 8.03 19.19 -8.81
N SER C 208 7.61 20.28 -9.43
CA SER C 208 7.99 20.61 -10.82
C SER C 208 8.57 22.02 -10.99
N GLY C 209 8.95 22.66 -9.89
CA GLY C 209 9.51 24.02 -9.93
C GLY C 209 8.53 25.09 -10.35
N LEU C 210 7.26 24.91 -9.99
CA LEU C 210 6.25 25.90 -10.28
C LEU C 210 5.67 26.39 -8.97
N LYS C 211 5.18 27.63 -8.95
CA LYS C 211 4.58 28.22 -7.77
C LYS C 211 3.08 28.17 -7.84
N ALA C 212 2.44 27.57 -6.83
CA ALA C 212 0.99 27.48 -6.84
C ALA C 212 0.36 27.69 -5.46
N GLY C 213 -0.90 28.13 -5.49
CA GLY C 213 -1.71 28.25 -4.28
C GLY C 213 -3.19 28.21 -4.61
N CYS C 214 -4.00 28.07 -3.55
CA CYS C 214 -5.45 27.98 -3.68
C CYS C 214 -6.16 28.88 -2.68
N VAL C 215 -7.10 29.66 -3.20
CA VAL C 215 -8.01 30.45 -2.39
C VAL C 215 -9.45 30.15 -2.86
N ALA C 216 -10.36 30.03 -1.91
CA ALA C 216 -11.73 29.67 -2.22
C ALA C 216 -12.70 30.41 -1.30
N GLY C 217 -13.85 30.78 -1.83
CA GLY C 217 -14.91 31.40 -1.02
C GLY C 217 -15.85 30.30 -0.57
N VAL C 218 -16.31 30.39 0.67
CA VAL C 218 -17.21 29.37 1.20
C VAL C 218 -18.64 29.77 0.84
N ILE C 219 -19.30 28.89 0.10
CA ILE C 219 -20.68 29.13 -0.33
C ILE C 219 -21.69 28.14 0.27
N ILE C 220 -21.19 27.12 0.97
CA ILE C 220 -22.05 26.19 1.71
C ILE C 220 -21.28 25.46 2.84
N ASN C 221 -21.98 25.11 3.90
CA ASN C 221 -21.42 24.36 5.02
C ASN C 221 -22.17 23.05 5.26
N ARG C 222 -21.47 21.92 5.10
CA ARG C 222 -22.04 20.58 5.31
C ARG C 222 -22.64 20.36 6.71
N THR C 223 -22.33 21.22 7.67
CA THR C 223 -22.78 21.05 9.06
C THR C 223 -23.97 21.95 9.45
N GLN C 224 -24.32 22.89 8.57
CA GLN C 224 -25.38 23.84 8.86
C GLN C 224 -26.62 23.51 8.03
N LYS C 225 -27.78 23.45 8.70
N LYS C 225 -27.78 23.46 8.69
CA LYS C 225 -29.03 23.15 8.02
CA LYS C 225 -29.03 23.15 8.01
C LYS C 225 -29.58 24.37 7.27
C LYS C 225 -29.64 24.37 7.31
N GLU C 226 -29.18 25.57 7.70
CA GLU C 226 -29.65 26.81 7.09
C GLU C 226 -29.03 27.08 5.72
N ILE C 227 -29.88 27.52 4.78
CA ILE C 227 -29.49 27.77 3.39
C ILE C 227 -29.10 29.24 3.20
N PRO C 228 -27.93 29.49 2.57
CA PRO C 228 -27.49 30.86 2.31
C PRO C 228 -28.35 31.56 1.25
N ASP C 229 -28.64 32.84 1.44
CA ASP C 229 -29.45 33.60 0.49
C ASP C 229 -28.66 34.02 -0.76
N HIS C 230 -29.39 34.36 -1.82
CA HIS C 230 -28.81 34.64 -3.14
C HIS C 230 -27.80 35.75 -3.13
N ALA C 231 -28.10 36.84 -2.43
CA ALA C 231 -27.24 38.02 -2.39
C ALA C 231 -25.87 37.75 -1.75
N THR C 232 -25.83 36.81 -0.81
CA THR C 232 -24.57 36.41 -0.15
C THR C 232 -23.72 35.55 -1.09
N LEU C 233 -24.34 34.54 -1.70
CA LEU C 233 -23.67 33.65 -2.66
C LEU C 233 -22.96 34.42 -3.77
N LYS C 234 -23.68 35.36 -4.40
CA LYS C 234 -23.13 36.14 -5.50
C LYS C 234 -22.06 37.14 -5.01
N GLU C 235 -22.20 37.62 -3.78
CA GLU C 235 -21.19 38.50 -3.17
C GLU C 235 -19.91 37.71 -2.87
N THR C 236 -20.08 36.46 -2.44
CA THR C 236 -18.95 35.57 -2.16
C THR C 236 -18.21 35.20 -3.46
N GLU C 237 -18.97 34.93 -4.51
CA GLU C 237 -18.39 34.59 -5.80
C GLU C 237 -17.63 35.79 -6.37
N ALA C 238 -18.24 36.97 -6.30
CA ALA C 238 -17.60 38.22 -6.68
C ALA C 238 -16.35 38.48 -5.85
N ARG C 239 -16.45 38.28 -4.54
CA ARG C 239 -15.31 38.49 -3.63
C ARG C 239 -14.14 37.57 -3.93
N SER C 240 -14.45 36.30 -4.22
CA SER C 240 -13.42 35.30 -4.48
CA SER C 240 -13.40 35.32 -4.45
C SER C 240 -12.50 35.72 -5.62
N ILE C 241 -13.11 36.20 -6.70
CA ILE C 241 -12.34 36.57 -7.88
C ILE C 241 -11.61 37.92 -7.75
N LYS C 242 -12.15 38.84 -6.94
CA LYS C 242 -11.43 40.09 -6.65
C LYS C 242 -10.17 39.77 -5.84
N VAL C 243 -10.34 38.90 -4.85
CA VAL C 243 -9.23 38.45 -4.00
C VAL C 243 -8.09 37.83 -4.82
N VAL C 244 -8.43 36.93 -5.75
CA VAL C 244 -7.39 36.24 -6.52
C VAL C 244 -6.64 37.21 -7.44
N VAL C 245 -7.36 38.18 -8.01
CA VAL C 245 -6.72 39.20 -8.84
C VAL C 245 -5.74 40.04 -7.99
N GLU C 246 -6.17 40.42 -6.79
CA GLU C 246 -5.29 41.16 -5.87
C GLU C 246 -4.10 40.31 -5.37
N ALA C 247 -4.31 39.00 -5.25
CA ALA C 247 -3.20 38.07 -4.94
C ALA C 247 -2.20 38.08 -6.10
N ALA C 248 -2.72 38.10 -7.33
CA ALA C 248 -1.87 38.18 -8.52
C ALA C 248 -1.04 39.45 -8.52
N ARG C 249 -1.69 40.59 -8.26
CA ARG C 249 -1.00 41.89 -8.14
C ARG C 249 0.18 41.82 -7.16
N LYS C 250 -0.05 41.18 -6.02
CA LYS C 250 1.00 40.98 -5.01
C LYS C 250 2.14 40.08 -5.47
N MET C 251 1.86 39.20 -6.44
CA MET C 251 2.90 38.28 -6.97
C MET C 251 3.75 38.91 -8.08
N LEU C 252 3.26 39.94 -8.75
CA LEU C 252 4.04 40.59 -9.82
C LEU C 252 5.21 41.34 -9.22
N LYS C 253 6.31 41.40 -9.95
CA LYS C 253 7.54 42.05 -9.47
C LYS C 253 8.25 42.82 -10.58
N LYS D 3 -34.50 17.25 -7.20
CA LYS D 3 -35.32 17.09 -8.45
C LYS D 3 -34.49 17.43 -9.68
N THR D 4 -33.77 18.56 -9.62
CA THR D 4 -32.76 18.92 -10.61
C THR D 4 -31.35 18.65 -10.08
N VAL D 5 -30.66 17.70 -10.70
CA VAL D 5 -29.32 17.29 -10.25
C VAL D 5 -28.35 18.46 -10.20
N PHE D 6 -27.38 18.37 -9.28
CA PHE D 6 -26.51 19.48 -8.91
C PHE D 6 -25.69 20.10 -10.04
N HIS D 7 -25.05 19.28 -10.86
CA HIS D 7 -24.15 19.80 -11.91
C HIS D 7 -24.77 19.83 -13.28
N LEU D 8 -25.51 18.79 -13.64
CA LEU D 8 -26.02 18.62 -15.01
C LEU D 8 -27.13 19.59 -15.37
N GLY D 9 -27.83 20.09 -14.35
CA GLY D 9 -28.91 21.05 -14.54
C GLY D 9 -30.07 20.53 -15.37
N VAL D 10 -30.39 19.24 -15.20
CA VAL D 10 -31.57 18.64 -15.83
C VAL D 10 -32.38 17.86 -14.80
N THR D 11 -33.65 17.65 -15.12
CA THR D 11 -34.56 16.94 -14.24
C THR D 11 -34.85 15.57 -14.83
N GLU D 12 -35.53 14.71 -14.07
CA GLU D 12 -35.94 13.41 -14.59
C GLU D 12 -36.96 13.57 -15.73
N ALA D 13 -37.84 14.55 -15.60
CA ALA D 13 -38.82 14.83 -16.66
C ALA D 13 -38.12 15.21 -17.96
N ASP D 14 -37.05 15.98 -17.86
CA ASP D 14 -36.26 16.38 -19.04
C ASP D 14 -35.79 15.21 -19.90
N LEU D 15 -35.55 14.04 -19.29
CA LEU D 15 -34.97 12.90 -20.02
C LEU D 15 -36.02 12.03 -20.73
N ASN D 16 -37.29 12.29 -20.48
CA ASN D 16 -38.40 11.58 -21.15
C ASN D 16 -38.31 10.05 -21.04
N GLY D 17 -37.98 9.57 -19.85
CA GLY D 17 -37.96 8.13 -19.59
C GLY D 17 -36.73 7.39 -20.07
N ALA D 18 -35.71 8.13 -20.52
CA ALA D 18 -34.47 7.53 -21.01
C ALA D 18 -33.75 6.77 -19.90
N THR D 19 -33.27 5.57 -20.23
CA THR D 19 -32.52 4.73 -19.28
C THR D 19 -31.12 4.41 -19.83
N LEU D 20 -30.86 4.83 -21.07
CA LEU D 20 -29.57 4.63 -21.71
C LEU D 20 -28.93 5.98 -22.02
N ALA D 21 -27.62 6.09 -21.76
CA ALA D 21 -26.89 7.31 -22.07
C ALA D 21 -25.64 7.01 -22.89
N ILE D 22 -25.37 7.85 -23.89
CA ILE D 22 -24.10 7.82 -24.63
C ILE D 22 -23.26 8.96 -24.08
N ILE D 23 -22.05 8.65 -23.61
CA ILE D 23 -21.27 9.66 -22.90
C ILE D 23 -19.92 9.95 -23.56
N PRO D 24 -19.89 10.83 -24.57
CA PRO D 24 -18.58 11.21 -25.16
C PRO D 24 -17.81 12.10 -24.17
N GLY D 25 -16.53 12.34 -24.43
CA GLY D 25 -15.74 13.22 -23.56
C GLY D 25 -15.94 14.70 -23.87
N ASP D 26 -15.90 15.03 -25.17
CA ASP D 26 -15.94 16.39 -25.65
C ASP D 26 -17.38 16.90 -25.81
N PRO D 27 -17.73 18.01 -25.11
CA PRO D 27 -19.05 18.64 -25.22
C PRO D 27 -19.47 18.95 -26.67
N ALA D 28 -18.50 19.20 -27.53
CA ALA D 28 -18.74 19.49 -28.96
C ALA D 28 -19.23 18.25 -29.75
N ARG D 29 -18.87 17.05 -29.27
CA ARG D 29 -19.30 15.80 -29.90
C ARG D 29 -20.76 15.42 -29.58
N VAL D 30 -21.33 16.02 -28.54
CA VAL D 30 -22.70 15.68 -28.09
C VAL D 30 -23.76 15.91 -29.19
N GLN D 31 -23.80 17.10 -29.77
CA GLN D 31 -24.73 17.38 -30.86
C GLN D 31 -24.51 16.41 -32.03
N LYS D 32 -23.25 16.11 -32.33
CA LYS D 32 -22.89 15.24 -33.47
C LYS D 32 -23.39 13.80 -33.32
N ILE D 33 -23.45 13.32 -32.07
CA ILE D 33 -24.04 12.03 -31.75
C ILE D 33 -25.58 12.09 -31.73
N ALA D 34 -26.12 13.13 -31.11
CA ALA D 34 -27.56 13.29 -30.97
C ALA D 34 -28.26 13.38 -32.33
N GLU D 35 -27.63 14.07 -33.28
CA GLU D 35 -28.24 14.25 -34.62
C GLU D 35 -28.28 12.95 -35.44
N LEU D 36 -27.52 11.94 -35.02
CA LEU D 36 -27.58 10.61 -35.65
C LEU D 36 -28.88 9.89 -35.28
N MET D 37 -29.59 10.43 -34.30
CA MET D 37 -30.85 9.86 -33.85
C MET D 37 -32.03 10.76 -34.21
N ASP D 38 -33.24 10.41 -33.75
CA ASP D 38 -34.44 11.21 -34.03
C ASP D 38 -34.73 12.26 -32.98
N ASN D 39 -35.22 13.41 -33.44
CA ASN D 39 -35.65 14.52 -32.60
C ASN D 39 -34.63 14.97 -31.53
N PRO D 40 -33.38 15.26 -31.95
CA PRO D 40 -32.41 15.70 -30.95
C PRO D 40 -32.78 17.06 -30.36
N VAL D 41 -32.72 17.18 -29.03
CA VAL D 41 -33.01 18.45 -28.36
C VAL D 41 -31.94 18.76 -27.31
N PHE D 42 -31.36 19.96 -27.41
CA PHE D 42 -30.45 20.49 -26.39
C PHE D 42 -31.21 20.66 -25.09
N LEU D 43 -30.68 20.12 -23.99
CA LEU D 43 -31.29 20.28 -22.67
C LEU D 43 -30.58 21.29 -21.77
N ALA D 44 -29.26 21.16 -21.64
CA ALA D 44 -28.48 21.98 -20.72
C ALA D 44 -27.01 22.00 -21.06
N SER D 45 -26.34 23.09 -20.69
CA SER D 45 -24.89 23.17 -20.76
C SER D 45 -24.35 23.90 -19.52
N HIS D 46 -23.66 23.16 -18.67
CA HIS D 46 -23.00 23.69 -17.48
CA HIS D 46 -22.99 23.71 -17.49
C HIS D 46 -21.62 23.10 -17.38
N ARG D 47 -20.61 23.96 -17.23
CA ARG D 47 -19.20 23.55 -17.17
C ARG D 47 -18.84 22.70 -18.40
N GLU D 48 -18.33 21.48 -18.20
CA GLU D 48 -18.02 20.58 -19.33
C GLU D 48 -19.14 19.59 -19.68
N TYR D 49 -20.34 19.83 -19.13
CA TYR D 49 -21.47 18.93 -19.31
C TYR D 49 -22.53 19.52 -20.22
N THR D 50 -22.49 19.11 -21.47
CA THR D 50 -23.54 19.44 -22.42
C THR D 50 -24.43 18.22 -22.58
N VAL D 51 -25.74 18.42 -22.35
CA VAL D 51 -26.73 17.34 -22.33
C VAL D 51 -27.72 17.55 -23.48
N TYR D 52 -27.95 16.47 -24.24
CA TYR D 52 -29.00 16.42 -25.26
C TYR D 52 -29.87 15.18 -25.04
N ARG D 53 -31.13 15.24 -25.47
N ARG D 53 -31.13 15.24 -25.48
CA ARG D 53 -32.01 14.08 -25.51
CA ARG D 53 -32.00 14.08 -25.52
C ARG D 53 -32.37 13.77 -26.96
C ARG D 53 -32.33 13.77 -26.97
N ALA D 54 -32.54 12.49 -27.26
CA ALA D 54 -32.91 12.06 -28.60
C ALA D 54 -33.75 10.80 -28.54
N GLU D 55 -34.22 10.36 -29.70
CA GLU D 55 -35.02 9.16 -29.78
C GLU D 55 -34.37 8.16 -30.73
N LEU D 56 -34.23 6.93 -30.25
CA LEU D 56 -33.67 5.84 -31.02
C LEU D 56 -34.69 4.72 -31.04
N ASP D 57 -35.22 4.41 -32.23
CA ASP D 57 -36.26 3.38 -32.38
C ASP D 57 -37.46 3.60 -31.45
N GLY D 58 -37.88 4.86 -31.33
CA GLY D 58 -39.00 5.23 -30.47
C GLY D 58 -38.67 5.43 -29.00
N GLN D 59 -37.47 5.03 -28.58
CA GLN D 59 -37.08 5.10 -27.16
C GLN D 59 -36.14 6.27 -26.89
N SER D 60 -36.35 6.95 -25.76
CA SER D 60 -35.54 8.09 -25.39
C SER D 60 -34.12 7.71 -24.99
N VAL D 61 -33.16 8.49 -25.46
CA VAL D 61 -31.74 8.28 -25.19
C VAL D 61 -31.14 9.63 -24.84
N VAL D 62 -30.24 9.64 -23.86
CA VAL D 62 -29.56 10.87 -23.48
CA VAL D 62 -29.53 10.85 -23.43
C VAL D 62 -28.09 10.85 -23.94
N VAL D 63 -27.62 11.99 -24.43
CA VAL D 63 -26.22 12.14 -24.80
C VAL D 63 -25.64 13.23 -23.92
N CYS D 64 -24.59 12.90 -23.18
CA CYS D 64 -24.03 13.81 -22.19
C CYS D 64 -22.50 13.75 -22.17
N SER D 65 -21.83 14.89 -22.33
CA SER D 65 -20.36 14.94 -22.27
C SER D 65 -19.85 14.76 -20.84
N THR D 66 -18.66 14.22 -20.70
CA THR D 66 -18.09 13.91 -19.39
C THR D 66 -16.95 14.85 -19.01
N GLY D 67 -16.41 15.56 -19.99
CA GLY D 67 -15.13 16.23 -19.82
C GLY D 67 -13.98 15.22 -19.72
N ILE D 68 -12.79 15.72 -19.44
CA ILE D 68 -11.58 14.91 -19.37
C ILE D 68 -11.43 14.36 -17.95
N GLY D 69 -11.16 13.06 -17.83
CA GLY D 69 -10.78 12.46 -16.55
C GLY D 69 -11.90 11.85 -15.75
N GLY D 70 -11.52 10.91 -14.88
CA GLY D 70 -12.46 10.20 -14.03
C GLY D 70 -13.29 11.03 -13.08
N PRO D 71 -12.72 12.07 -12.44
CA PRO D 71 -13.52 12.90 -11.55
C PRO D 71 -14.73 13.54 -12.21
N SER D 72 -14.53 14.22 -13.34
CA SER D 72 -15.66 14.85 -14.04
CA SER D 72 -15.62 14.84 -14.09
C SER D 72 -16.66 13.82 -14.54
N THR D 73 -16.16 12.68 -15.04
CA THR D 73 -17.00 11.55 -15.49
C THR D 73 -17.90 11.03 -14.36
N SER D 74 -17.30 10.82 -13.19
CA SER D 74 -18.02 10.24 -12.05
C SER D 74 -19.24 11.07 -11.68
N ILE D 75 -19.13 12.39 -11.83
CA ILE D 75 -20.24 13.31 -11.54
C ILE D 75 -21.36 13.09 -12.55
N ALA D 76 -20.98 13.05 -13.83
CA ALA D 76 -21.96 12.83 -14.91
C ALA D 76 -22.75 11.53 -14.74
N VAL D 77 -22.03 10.45 -14.48
CA VAL D 77 -22.62 9.12 -14.36
C VAL D 77 -23.55 9.05 -13.13
N GLU D 78 -23.08 9.55 -12.00
CA GLU D 78 -23.88 9.56 -10.79
C GLU D 78 -25.19 10.32 -11.00
N GLU D 79 -25.09 11.52 -11.54
CA GLU D 79 -26.28 12.37 -11.69
C GLU D 79 -27.25 11.80 -12.71
N LEU D 80 -26.74 11.27 -13.81
CA LEU D 80 -27.59 10.56 -14.77
C LEU D 80 -28.26 9.33 -14.15
N ALA D 81 -27.54 8.63 -13.27
CA ALA D 81 -28.10 7.48 -12.53
C ALA D 81 -29.24 7.89 -11.61
N GLN D 82 -29.10 9.03 -10.91
CA GLN D 82 -30.17 9.55 -10.06
C GLN D 82 -31.44 9.81 -10.86
N LEU D 83 -31.27 10.09 -12.15
CA LEU D 83 -32.38 10.41 -13.03
C LEU D 83 -32.87 9.20 -13.84
N GLY D 84 -32.47 8.00 -13.44
CA GLY D 84 -32.99 6.78 -14.03
C GLY D 84 -32.15 6.10 -15.11
N VAL D 85 -31.03 6.71 -15.48
CA VAL D 85 -30.13 6.10 -16.47
C VAL D 85 -29.42 4.89 -15.86
N ARG D 86 -29.57 3.74 -16.51
CA ARG D 86 -28.98 2.49 -16.04
C ARG D 86 -27.87 1.94 -16.95
N THR D 87 -27.79 2.42 -18.18
CA THR D 87 -26.75 1.96 -19.15
C THR D 87 -25.96 3.12 -19.74
N PHE D 88 -24.62 2.99 -19.73
CA PHE D 88 -23.73 4.05 -20.19
C PHE D 88 -22.78 3.53 -21.27
N LEU D 89 -22.83 4.15 -22.45
CA LEU D 89 -21.94 3.77 -23.55
C LEU D 89 -20.93 4.87 -23.81
N ARG D 90 -19.66 4.57 -23.56
CA ARG D 90 -18.57 5.50 -23.75
C ARG D 90 -18.03 5.41 -25.18
N VAL D 91 -17.94 6.55 -25.85
CA VAL D 91 -17.35 6.63 -27.18
C VAL D 91 -16.21 7.64 -27.20
N GLY D 92 -15.19 7.36 -28.00
CA GLY D 92 -14.12 8.32 -28.20
C GLY D 92 -13.22 7.94 -29.35
N THR D 93 -12.12 8.67 -29.47
CA THR D 93 -11.03 8.29 -30.35
C THR D 93 -9.80 8.25 -29.47
N THR D 94 -8.86 7.36 -29.80
CA THR D 94 -7.77 7.04 -28.89
C THR D 94 -6.43 6.86 -29.60
N GLY D 95 -5.37 6.84 -28.81
CA GLY D 95 -4.04 6.51 -29.30
C GLY D 95 -3.60 5.10 -28.89
N ALA D 96 -3.27 4.28 -29.87
CA ALA D 96 -2.83 2.90 -29.62
C ALA D 96 -1.36 2.81 -29.23
N ILE D 97 -1.01 1.75 -28.49
CA ILE D 97 0.39 1.49 -28.13
C ILE D 97 0.94 0.17 -28.71
N GLN D 98 0.09 -0.57 -29.43
CA GLN D 98 0.51 -1.80 -30.11
C GLN D 98 0.75 -1.56 -31.60
N PRO D 99 1.86 -2.12 -32.14
CA PRO D 99 2.21 -1.93 -33.56
C PRO D 99 1.16 -2.47 -34.53
N HIS D 100 0.43 -3.51 -34.13
CA HIS D 100 -0.52 -4.17 -35.02
C HIS D 100 -1.83 -3.44 -35.16
N VAL D 101 -2.04 -2.43 -34.31
CA VAL D 101 -3.30 -1.68 -34.31
C VAL D 101 -3.17 -0.45 -35.19
N ASN D 102 -4.00 -0.38 -36.21
CA ASN D 102 -3.92 0.69 -37.20
C ASN D 102 -4.91 1.82 -36.96
N VAL D 103 -4.55 3.00 -37.45
CA VAL D 103 -5.46 4.14 -37.48
C VAL D 103 -6.68 3.74 -38.30
N GLY D 104 -7.87 3.94 -37.73
CA GLY D 104 -9.10 3.54 -38.37
C GLY D 104 -9.75 2.32 -37.73
N ASP D 105 -8.94 1.51 -37.04
CA ASP D 105 -9.44 0.36 -36.27
C ASP D 105 -10.29 0.84 -35.08
N MET D 106 -11.13 -0.05 -34.55
CA MET D 106 -11.90 0.22 -33.33
C MET D 106 -11.33 -0.62 -32.19
N ILE D 107 -11.27 -0.04 -31.00
CA ILE D 107 -10.93 -0.78 -29.77
C ILE D 107 -12.17 -0.87 -28.87
N VAL D 108 -12.51 -2.09 -28.46
CA VAL D 108 -13.53 -2.30 -27.45
C VAL D 108 -12.84 -2.84 -26.21
N THR D 109 -12.90 -2.04 -25.14
CA THR D 109 -12.23 -2.33 -23.86
C THR D 109 -12.88 -3.52 -23.15
N THR D 110 -12.09 -4.58 -22.91
CA THR D 110 -12.54 -5.74 -22.13
C THR D 110 -12.16 -5.57 -20.66
N GLY D 111 -11.28 -4.63 -20.39
CA GLY D 111 -10.81 -4.36 -19.03
C GLY D 111 -9.83 -3.21 -19.01
N SER D 112 -9.79 -2.49 -17.89
CA SER D 112 -8.89 -1.33 -17.79
C SER D 112 -7.84 -1.44 -16.69
N VAL D 113 -6.59 -1.10 -17.02
CA VAL D 113 -5.56 -0.89 -15.98
C VAL D 113 -5.93 0.38 -15.25
N ARG D 114 -6.08 0.29 -13.93
CA ARG D 114 -6.60 1.40 -13.14
C ARG D 114 -5.47 2.34 -12.70
N LEU D 115 -5.07 3.24 -13.61
CA LEU D 115 -4.01 4.21 -13.29
C LEU D 115 -4.63 5.56 -12.92
N ASP D 116 -5.78 5.50 -12.25
CA ASP D 116 -6.57 6.67 -11.93
C ASP D 116 -6.73 6.77 -10.41
N GLY D 117 -7.60 7.66 -9.95
CA GLY D 117 -7.89 7.74 -8.52
C GLY D 117 -9.36 7.59 -8.18
N ALA D 118 -10.23 8.03 -9.07
CA ALA D 118 -11.68 8.00 -8.85
C ALA D 118 -12.23 6.58 -8.72
N SER D 119 -11.65 5.64 -9.45
CA SER D 119 -12.06 4.23 -9.34
C SER D 119 -12.03 3.75 -7.89
N LEU D 120 -10.99 4.14 -7.13
CA LEU D 120 -10.81 3.74 -5.75
C LEU D 120 -11.86 4.35 -4.81
N HIS D 121 -12.60 5.33 -5.32
CA HIS D 121 -13.71 5.92 -4.58
C HIS D 121 -14.94 5.05 -4.65
N PHE D 122 -14.89 3.98 -5.46
CA PHE D 122 -16.03 3.07 -5.62
C PHE D 122 -15.73 1.63 -5.22
N ALA D 123 -14.50 1.19 -5.49
CA ALA D 123 -14.04 -0.15 -5.12
C ALA D 123 -12.53 -0.16 -4.89
N PRO D 124 -12.04 -1.04 -4.00
CA PRO D 124 -10.61 -1.18 -3.77
C PRO D 124 -9.89 -1.63 -5.04
N MET D 125 -8.57 -1.43 -5.07
CA MET D 125 -7.78 -1.66 -6.28
C MET D 125 -7.95 -3.06 -6.88
N GLU D 126 -8.13 -4.06 -6.01
CA GLU D 126 -8.34 -5.46 -6.43
C GLU D 126 -9.60 -5.73 -7.28
N PHE D 127 -10.57 -4.83 -7.23
CA PHE D 127 -11.78 -4.93 -8.06
C PHE D 127 -11.45 -4.67 -9.54
N PRO D 128 -12.01 -5.49 -10.45
CA PRO D 128 -11.64 -5.35 -11.86
C PRO D 128 -12.43 -4.24 -12.58
N ALA D 129 -11.73 -3.38 -13.29
CA ALA D 129 -12.35 -2.32 -14.09
C ALA D 129 -12.81 -3.00 -15.38
N VAL D 130 -14.01 -3.57 -15.30
CA VAL D 130 -14.53 -4.43 -16.36
CA VAL D 130 -14.54 -4.44 -16.36
C VAL D 130 -15.89 -3.91 -16.89
N PRO D 131 -16.08 -3.94 -18.22
CA PRO D 131 -17.37 -3.50 -18.76
C PRO D 131 -18.46 -4.57 -18.56
N ASP D 132 -19.73 -4.16 -18.71
CA ASP D 132 -20.84 -5.11 -18.75
C ASP D 132 -20.72 -5.95 -20.03
N PHE D 133 -20.89 -7.27 -19.90
CA PHE D 133 -20.66 -8.20 -21.00
C PHE D 133 -21.58 -7.95 -22.22
N ASP D 134 -22.84 -7.64 -21.95
CA ASP D 134 -23.81 -7.30 -23.00
C ASP D 134 -23.42 -6.04 -23.77
N VAL D 135 -22.95 -5.01 -23.06
CA VAL D 135 -22.54 -3.75 -23.70
C VAL D 135 -21.30 -3.99 -24.59
N ALA D 136 -20.32 -4.72 -24.07
CA ALA D 136 -19.09 -5.06 -24.81
C ALA D 136 -19.37 -5.93 -26.05
N THR D 137 -20.30 -6.87 -25.90
CA THR D 137 -20.77 -7.72 -26.98
C THR D 137 -21.47 -6.89 -28.07
N ALA D 138 -22.32 -5.95 -27.64
CA ALA D 138 -23.05 -5.10 -28.58
C ALA D 138 -22.10 -4.15 -29.30
N MET D 139 -21.07 -3.67 -28.58
CA MET D 139 -20.08 -2.78 -29.17
C MET D 139 -19.23 -3.50 -30.21
N LYS D 140 -18.80 -4.71 -29.90
CA LYS D 140 -18.02 -5.50 -30.85
C LYS D 140 -18.81 -5.73 -32.14
N ALA D 141 -20.08 -6.09 -31.99
CA ALA D 141 -20.92 -6.38 -33.15
C ALA D 141 -21.07 -5.14 -34.01
N ALA D 142 -21.43 -4.01 -33.38
CA ALA D 142 -21.63 -2.76 -34.10
C ALA D 142 -20.33 -2.30 -34.78
N ALA D 143 -19.20 -2.47 -34.09
CA ALA D 143 -17.90 -2.13 -34.65
C ALA D 143 -17.57 -2.98 -35.88
N GLN D 144 -17.87 -4.28 -35.81
CA GLN D 144 -17.63 -5.17 -36.94
C GLN D 144 -18.59 -4.89 -38.10
N GLU D 145 -19.85 -4.62 -37.77
CA GLU D 145 -20.87 -4.29 -38.76
C GLU D 145 -20.56 -3.02 -39.55
N SER D 146 -19.75 -2.12 -38.97
CA SER D 146 -19.31 -0.92 -39.68
C SER D 146 -18.17 -1.20 -40.67
N GLY D 147 -17.63 -2.41 -40.66
CA GLY D 147 -16.58 -2.80 -41.57
C GLY D 147 -15.15 -2.58 -41.10
N ALA D 148 -14.99 -1.98 -39.92
CA ALA D 148 -13.66 -1.74 -39.35
C ALA D 148 -13.05 -2.99 -38.70
N THR D 149 -11.73 -3.02 -38.62
CA THR D 149 -11.02 -4.05 -37.86
C THR D 149 -11.22 -3.72 -36.37
N VAL D 150 -11.66 -4.71 -35.60
CA VAL D 150 -12.01 -4.50 -34.19
C VAL D 150 -11.07 -5.24 -33.26
N HIS D 151 -10.55 -4.53 -32.28
CA HIS D 151 -9.68 -5.13 -31.26
C HIS D 151 -10.36 -5.19 -29.93
N MET D 152 -10.43 -6.39 -29.36
CA MET D 152 -10.96 -6.58 -28.01
C MET D 152 -9.75 -6.68 -27.09
N GLY D 153 -9.71 -5.86 -26.05
CA GLY D 153 -8.62 -5.97 -25.11
C GLY D 153 -8.53 -4.92 -24.02
N VAL D 154 -7.38 -4.91 -23.37
CA VAL D 154 -7.15 -4.12 -22.16
C VAL D 154 -6.68 -2.70 -22.51
N THR D 155 -7.24 -1.73 -21.81
CA THR D 155 -6.90 -0.31 -21.99
C THR D 155 -6.21 0.22 -20.71
N ALA D 156 -5.13 0.98 -20.88
CA ALA D 156 -4.49 1.65 -19.73
C ALA D 156 -5.16 3.02 -19.48
N SER D 157 -5.81 3.16 -18.33
CA SER D 157 -6.60 4.35 -18.03
C SER D 157 -5.90 5.24 -17.00
N SER D 158 -5.35 6.36 -17.49
CA SER D 158 -4.45 7.20 -16.71
C SER D 158 -5.05 8.52 -16.30
N ASP D 159 -4.74 8.93 -15.06
CA ASP D 159 -5.18 10.20 -14.52
C ASP D 159 -4.44 11.39 -15.14
N THR D 160 -3.42 11.13 -15.97
CA THR D 160 -2.72 12.21 -16.66
C THR D 160 -2.46 11.89 -18.12
N PHE D 161 -2.36 12.95 -18.91
CA PHE D 161 -2.12 12.80 -20.33
C PHE D 161 -0.61 12.65 -20.54
N TYR D 162 0.17 13.25 -19.65
CA TYR D 162 1.63 13.30 -19.84
C TYR D 162 2.44 12.23 -19.08
N PRO D 163 2.82 12.46 -17.80
CA PRO D 163 3.68 11.45 -17.18
C PRO D 163 3.02 10.06 -16.99
N GLY D 164 1.69 10.03 -16.82
CA GLY D 164 0.96 8.76 -16.65
C GLY D 164 0.86 7.96 -17.94
N GLN D 165 1.20 8.59 -19.05
CA GLN D 165 1.28 7.94 -20.35
C GLN D 165 2.74 7.91 -20.83
N GLU D 166 3.64 8.17 -19.89
CA GLU D 166 5.10 8.20 -20.08
C GLU D 166 5.55 9.09 -21.24
N ARG D 167 4.99 10.30 -21.28
CA ARG D 167 5.44 11.33 -22.19
C ARG D 167 6.58 12.11 -21.53
N TYR D 168 7.69 12.25 -22.25
CA TYR D 168 8.89 12.96 -21.77
C TYR D 168 9.06 14.34 -22.41
N ASP D 169 8.29 14.61 -23.45
CA ASP D 169 8.35 15.87 -24.19
C ASP D 169 7.54 16.94 -23.44
N THR D 170 7.99 17.30 -22.25
CA THR D 170 7.19 18.08 -21.32
C THR D 170 8.03 19.18 -20.68
N PHE D 171 7.38 20.01 -19.89
CA PHE D 171 8.07 21.10 -19.20
C PHE D 171 9.28 20.61 -18.37
N THR D 172 9.07 19.64 -17.49
CA THR D 172 10.18 19.13 -16.67
C THR D 172 11.00 18.08 -17.41
N GLY D 173 10.37 17.35 -18.33
CA GLY D 173 11.02 16.23 -19.01
C GLY D 173 11.26 15.04 -18.10
N ARG D 174 10.60 15.03 -16.94
CA ARG D 174 10.74 13.97 -15.94
C ARG D 174 9.46 13.15 -15.84
N VAL D 175 9.63 11.88 -15.52
CA VAL D 175 8.50 11.01 -15.22
C VAL D 175 8.79 10.37 -13.86
N VAL D 176 7.83 10.47 -12.94
CA VAL D 176 7.97 9.92 -11.60
C VAL D 176 8.29 8.40 -11.66
N ARG D 177 9.13 7.92 -10.73
CA ARG D 177 9.52 6.50 -10.67
C ARG D 177 8.42 5.49 -11.02
N ARG D 178 7.23 5.64 -10.41
CA ARG D 178 6.11 4.73 -10.65
C ARG D 178 5.86 4.49 -12.13
N PHE D 179 5.96 5.55 -12.95
CA PHE D 179 5.63 5.45 -14.36
C PHE D 179 6.82 5.32 -15.32
N GLN D 180 8.05 5.33 -14.79
CA GLN D 180 9.23 5.07 -15.62
C GLN D 180 9.23 3.65 -16.15
N GLY D 181 9.33 3.51 -17.48
CA GLY D 181 9.30 2.20 -18.12
C GLY D 181 7.91 1.62 -18.27
N SER D 182 6.89 2.34 -17.80
CA SER D 182 5.54 1.80 -17.78
C SER D 182 4.96 1.51 -19.18
N MET D 183 5.21 2.36 -20.17
CA MET D 183 4.65 2.08 -21.49
C MET D 183 5.10 0.72 -22.05
N LYS D 184 6.39 0.44 -21.99
CA LYS D 184 6.95 -0.83 -22.44
C LYS D 184 6.35 -2.00 -21.65
N GLU D 185 6.17 -1.77 -20.35
CA GLU D 185 5.53 -2.74 -19.47
CA GLU D 185 5.54 -2.76 -19.48
C GLU D 185 4.12 -3.10 -19.99
N TRP D 186 3.28 -2.08 -20.22
CA TRP D 186 1.93 -2.31 -20.74
C TRP D 186 1.94 -2.95 -22.10
N GLN D 187 2.85 -2.49 -22.96
CA GLN D 187 3.02 -3.09 -24.30
C GLN D 187 3.32 -4.59 -24.23
N ASP D 188 4.33 -4.96 -23.44
CA ASP D 188 4.69 -6.37 -23.28
C ASP D 188 3.55 -7.22 -22.69
N MET D 189 2.67 -6.58 -21.91
CA MET D 189 1.51 -7.26 -21.32
C MET D 189 0.29 -7.24 -22.25
N GLY D 190 0.45 -6.75 -23.48
CA GLY D 190 -0.62 -6.75 -24.48
C GLY D 190 -1.67 -5.66 -24.37
N VAL D 191 -1.44 -4.66 -23.53
CA VAL D 191 -2.36 -3.50 -23.43
C VAL D 191 -2.44 -2.77 -24.78
N LEU D 192 -3.66 -2.41 -25.18
CA LEU D 192 -3.88 -1.87 -26.54
C LEU D 192 -3.63 -0.38 -26.68
N ASN D 193 -4.00 0.39 -25.66
CA ASN D 193 -4.10 1.84 -25.79
C ASN D 193 -4.17 2.56 -24.45
N PHE D 194 -3.92 3.86 -24.50
CA PHE D 194 -4.05 4.76 -23.36
C PHE D 194 -5.31 5.60 -23.55
N GLU D 195 -6.07 5.79 -22.47
CA GLU D 195 -7.03 6.89 -22.41
C GLU D 195 -7.19 7.34 -20.97
N MET D 196 -8.23 8.10 -20.64
CA MET D 196 -8.27 8.76 -19.32
C MET D 196 -9.53 8.61 -18.48
N GLU D 197 -10.52 7.84 -18.94
CA GLU D 197 -11.81 7.80 -18.23
C GLU D 197 -12.34 6.41 -17.91
N SER D 198 -11.89 5.39 -18.64
CA SER D 198 -12.51 4.05 -18.58
C SER D 198 -12.41 3.35 -17.22
N ALA D 199 -11.26 3.46 -16.54
CA ALA D 199 -11.12 2.80 -15.22
C ALA D 199 -12.16 3.33 -14.25
N THR D 200 -12.33 4.64 -14.19
CA THR D 200 -13.35 5.24 -13.36
C THR D 200 -14.75 4.82 -13.79
N LEU D 201 -15.08 5.02 -15.07
CA LEU D 201 -16.38 4.62 -15.59
C LEU D 201 -16.71 3.15 -15.30
N LEU D 202 -15.81 2.25 -15.69
CA LEU D 202 -16.08 0.82 -15.58
C LEU D 202 -16.15 0.32 -14.14
N THR D 203 -15.24 0.78 -13.29
CA THR D 203 -15.25 0.34 -11.88
C THR D 203 -16.51 0.86 -11.18
N MET D 204 -16.78 2.14 -11.35
CA MET D 204 -17.96 2.78 -10.81
C MET D 204 -19.26 2.04 -11.18
N CYS D 205 -19.44 1.78 -12.48
CA CYS D 205 -20.66 1.10 -12.94
C CYS D 205 -20.74 -0.37 -12.55
N ALA D 206 -19.65 -1.10 -12.75
CA ALA D 206 -19.57 -2.51 -12.35
C ALA D 206 -19.81 -2.76 -10.87
N SER D 207 -19.52 -1.77 -10.02
CA SER D 207 -19.74 -1.92 -8.58
C SER D 207 -21.04 -1.25 -8.08
N SER D 208 -21.82 -0.67 -8.99
CA SER D 208 -23.01 0.11 -8.59
C SER D 208 -24.30 -0.33 -9.30
N GLY D 209 -24.28 -1.51 -9.92
CA GLY D 209 -25.45 -2.03 -10.65
C GLY D 209 -25.79 -1.27 -11.92
N LEU D 210 -24.78 -0.69 -12.56
CA LEU D 210 -24.97 0.02 -13.82
C LEU D 210 -24.18 -0.72 -14.91
N LYS D 211 -24.71 -0.70 -16.13
CA LYS D 211 -24.09 -1.36 -17.28
C LYS D 211 -23.28 -0.35 -18.06
N ALA D 212 -22.03 -0.67 -18.36
CA ALA D 212 -21.15 0.27 -19.04
C ALA D 212 -20.22 -0.46 -19.97
N GLY D 213 -19.71 0.26 -20.97
CA GLY D 213 -18.70 -0.25 -21.89
C GLY D 213 -18.06 0.91 -22.59
N CYS D 214 -16.94 0.63 -23.27
CA CYS D 214 -16.16 1.66 -23.95
C CYS D 214 -15.76 1.21 -25.34
N VAL D 215 -15.99 2.07 -26.33
CA VAL D 215 -15.53 1.82 -27.69
C VAL D 215 -14.81 3.08 -28.19
N ALA D 216 -13.78 2.89 -29.00
CA ALA D 216 -12.96 4.01 -29.46
C ALA D 216 -12.30 3.76 -30.81
N GLY D 217 -12.42 4.74 -31.71
CA GLY D 217 -11.72 4.72 -32.98
C GLY D 217 -10.26 5.09 -32.77
N VAL D 218 -9.36 4.38 -33.42
CA VAL D 218 -7.93 4.70 -33.30
C VAL D 218 -7.55 5.80 -34.29
N ILE D 219 -6.97 6.88 -33.78
CA ILE D 219 -6.59 8.03 -34.62
C ILE D 219 -5.08 8.28 -34.68
N ILE D 220 -4.34 7.72 -33.73
CA ILE D 220 -2.87 7.87 -33.68
C ILE D 220 -2.24 6.65 -32.97
N ASN D 221 -1.03 6.29 -33.41
CA ASN D 221 -0.30 5.18 -32.80
C ASN D 221 1.06 5.65 -32.31
N ARG D 222 1.31 5.48 -31.00
CA ARG D 222 2.57 5.90 -30.36
C ARG D 222 3.82 5.24 -30.99
N THR D 223 3.63 4.09 -31.63
CA THR D 223 4.76 3.33 -32.17
C THR D 223 5.01 3.62 -33.65
N GLN D 224 3.96 4.07 -34.34
CA GLN D 224 4.03 4.29 -35.79
C GLN D 224 4.30 5.75 -36.11
N LYS D 225 5.31 5.98 -36.95
CA LYS D 225 5.69 7.31 -37.41
C LYS D 225 4.70 7.80 -38.49
N GLU D 226 3.86 8.76 -38.10
CA GLU D 226 2.81 9.29 -39.00
C GLU D 226 2.44 10.72 -38.62
N PRO D 228 -1.08 10.49 -40.14
CA PRO D 228 -2.32 10.01 -40.73
C PRO D 228 -3.09 11.09 -41.47
N ASP D 229 -3.74 10.72 -42.56
CA ASP D 229 -4.50 11.66 -43.41
C ASP D 229 -5.71 12.25 -42.69
N HIS D 230 -6.00 13.52 -42.98
CA HIS D 230 -7.16 14.24 -42.43
C HIS D 230 -8.47 13.56 -42.75
N ALA D 231 -8.58 13.03 -43.98
CA ALA D 231 -9.77 12.30 -44.42
C ALA D 231 -9.99 11.02 -43.62
N THR D 232 -8.89 10.36 -43.27
CA THR D 232 -8.93 9.15 -42.44
C THR D 232 -9.40 9.49 -41.01
N LEU D 233 -8.94 10.63 -40.50
CA LEU D 233 -9.24 11.05 -39.13
C LEU D 233 -10.71 11.40 -38.95
N LYS D 234 -11.26 12.22 -39.85
CA LYS D 234 -12.67 12.58 -39.76
C LYS D 234 -13.60 11.40 -40.07
N GLU D 235 -13.13 10.48 -40.92
CA GLU D 235 -13.85 9.21 -41.16
C GLU D 235 -13.87 8.31 -39.93
N THR D 236 -12.73 8.25 -39.22
CA THR D 236 -12.63 7.48 -37.98
C THR D 236 -13.55 8.08 -36.92
N GLU D 237 -13.52 9.40 -36.79
CA GLU D 237 -14.41 10.11 -35.84
C GLU D 237 -15.88 9.91 -36.17
N ALA D 238 -16.22 9.95 -37.45
CA ALA D 238 -17.58 9.69 -37.92
C ALA D 238 -17.99 8.24 -37.65
N ARG D 239 -17.09 7.30 -37.95
CA ARG D 239 -17.35 5.88 -37.71
C ARG D 239 -17.57 5.58 -36.23
N SER D 240 -16.75 6.18 -35.35
CA SER D 240 -16.81 5.95 -33.90
C SER D 240 -18.21 6.21 -33.35
N ILE D 241 -18.79 7.35 -33.73
CA ILE D 241 -20.10 7.75 -33.22
C ILE D 241 -21.25 7.00 -33.90
N LYS D 242 -21.05 6.61 -35.16
CA LYS D 242 -21.96 5.70 -35.84
C LYS D 242 -22.01 4.36 -35.12
N VAL D 243 -20.84 3.88 -34.69
CA VAL D 243 -20.74 2.59 -34.02
C VAL D 243 -21.47 2.63 -32.67
N VAL D 244 -21.23 3.66 -31.86
CA VAL D 244 -21.84 3.72 -30.53
C VAL D 244 -23.38 3.81 -30.57
N VAL D 245 -23.91 4.48 -31.59
CA VAL D 245 -25.35 4.60 -31.77
C VAL D 245 -25.95 3.23 -32.13
N GLU D 246 -25.27 2.48 -32.99
CA GLU D 246 -25.70 1.13 -33.35
C GLU D 246 -25.50 0.16 -32.20
N ALA D 247 -24.46 0.38 -31.40
CA ALA D 247 -24.29 -0.40 -30.16
C ALA D 247 -25.50 -0.15 -29.25
N ALA D 248 -25.90 1.12 -29.12
CA ALA D 248 -27.09 1.47 -28.32
C ALA D 248 -28.38 0.83 -28.81
N ARG D 249 -28.56 0.78 -30.14
CA ARG D 249 -29.76 0.13 -30.72
C ARG D 249 -29.87 -1.33 -30.28
N LYS D 250 -28.74 -2.04 -30.31
CA LYS D 250 -28.65 -3.42 -29.85
C LYS D 250 -29.00 -3.55 -28.36
N MET D 251 -28.55 -2.60 -27.55
CA MET D 251 -28.82 -2.61 -26.13
C MET D 251 -30.30 -2.41 -25.78
N LEU D 252 -31.01 -1.67 -26.63
CA LEU D 252 -32.40 -1.27 -26.36
C LEU D 252 -33.43 -2.37 -26.58
N LYS D 253 -33.11 -3.32 -27.46
CA LYS D 253 -33.97 -4.48 -27.67
C LYS D 253 -33.23 -5.78 -27.36
N LYS E 3 13.38 -33.92 -21.14
CA LYS E 3 12.47 -33.07 -21.99
C LYS E 3 11.08 -32.86 -21.38
N THR E 4 10.89 -33.37 -20.16
CA THR E 4 9.64 -33.18 -19.42
C THR E 4 9.67 -31.87 -18.64
N VAL E 5 8.52 -31.21 -18.55
CA VAL E 5 8.43 -30.03 -17.70
C VAL E 5 8.59 -30.47 -16.24
N PHE E 6 9.02 -29.53 -15.40
CA PHE E 6 9.48 -29.82 -14.04
C PHE E 6 8.44 -30.48 -13.13
N HIS E 7 7.22 -29.94 -13.10
CA HIS E 7 6.19 -30.44 -12.19
C HIS E 7 5.21 -31.38 -12.83
N LEU E 8 4.81 -31.09 -14.07
CA LEU E 8 3.75 -31.87 -14.73
C LEU E 8 4.19 -33.26 -15.22
N GLY E 9 5.48 -33.42 -15.52
CA GLY E 9 6.03 -34.68 -15.99
C GLY E 9 5.54 -35.11 -17.36
N VAL E 10 5.21 -34.13 -18.20
CA VAL E 10 4.82 -34.42 -19.58
C VAL E 10 5.81 -33.77 -20.54
N THR E 11 5.81 -34.25 -21.78
CA THR E 11 6.66 -33.73 -22.85
C THR E 11 5.71 -33.11 -23.85
N GLU E 12 6.25 -32.38 -24.82
CA GLU E 12 5.41 -31.84 -25.90
C GLU E 12 4.80 -32.97 -26.74
N ALA E 13 5.61 -33.97 -27.07
CA ALA E 13 5.11 -35.18 -27.75
C ALA E 13 3.89 -35.80 -27.04
N ASP E 14 3.93 -35.88 -25.71
CA ASP E 14 2.80 -36.36 -24.91
C ASP E 14 1.48 -35.68 -25.26
N LEU E 15 1.53 -34.37 -25.53
CA LEU E 15 0.34 -33.57 -25.86
C LEU E 15 -0.20 -33.78 -27.28
N ASN E 16 0.62 -34.37 -28.15
CA ASN E 16 0.18 -34.71 -29.50
C ASN E 16 -0.48 -33.53 -30.25
N GLY E 17 0.14 -32.36 -30.16
CA GLY E 17 -0.29 -31.20 -30.92
C GLY E 17 -1.34 -30.31 -30.27
N ALA E 18 -1.70 -30.61 -29.03
CA ALA E 18 -2.73 -29.83 -28.33
C ALA E 18 -2.24 -28.41 -28.04
N THR E 19 -3.08 -27.41 -28.37
CA THR E 19 -2.78 -26.02 -28.02
C THR E 19 -3.88 -25.44 -27.10
N LEU E 20 -4.81 -26.30 -26.69
CA LEU E 20 -5.88 -25.94 -25.77
C LEU E 20 -5.92 -26.92 -24.61
N ALA E 21 -6.03 -26.40 -23.39
CA ALA E 21 -6.14 -27.23 -22.22
C ALA E 21 -7.41 -26.89 -21.45
N ILE E 22 -8.05 -27.92 -20.91
CA ILE E 22 -9.10 -27.76 -19.92
C ILE E 22 -8.40 -28.00 -18.59
N ILE E 23 -8.58 -27.08 -17.66
CA ILE E 23 -7.86 -27.12 -16.37
C ILE E 23 -8.82 -27.12 -15.15
N PRO E 24 -9.30 -28.31 -14.75
CA PRO E 24 -10.12 -28.39 -13.54
C PRO E 24 -9.23 -28.25 -12.30
N GLY E 25 -9.84 -28.13 -11.12
CA GLY E 25 -9.09 -28.03 -9.89
C GLY E 25 -8.72 -29.39 -9.35
N ASP E 26 -9.72 -30.27 -9.28
CA ASP E 26 -9.61 -31.59 -8.66
C ASP E 26 -9.07 -32.63 -9.64
N PRO E 27 -7.93 -33.29 -9.30
CA PRO E 27 -7.34 -34.32 -10.15
C PRO E 27 -8.28 -35.47 -10.54
N ALA E 28 -9.35 -35.67 -9.76
CA ALA E 28 -10.33 -36.72 -10.04
C ALA E 28 -11.24 -36.37 -11.20
N ARG E 29 -11.42 -35.08 -11.44
CA ARG E 29 -12.24 -34.65 -12.55
C ARG E 29 -11.53 -34.76 -13.90
N VAL E 30 -10.23 -35.04 -13.88
CA VAL E 30 -9.41 -35.08 -15.11
C VAL E 30 -9.85 -36.23 -16.02
N GLN E 31 -9.93 -37.44 -15.46
CA GLN E 31 -10.41 -38.59 -16.21
C GLN E 31 -11.85 -38.39 -16.72
N LYS E 32 -12.75 -37.94 -15.86
CA LYS E 32 -14.13 -37.64 -16.23
C LYS E 32 -14.24 -36.74 -17.48
N ILE E 33 -13.52 -35.61 -17.46
CA ILE E 33 -13.51 -34.67 -18.57
C ILE E 33 -12.95 -35.30 -19.84
N ALA E 34 -11.83 -36.01 -19.70
CA ALA E 34 -11.20 -36.68 -20.85
C ALA E 34 -12.12 -37.72 -21.50
N GLU E 35 -12.89 -38.43 -20.68
CA GLU E 35 -13.78 -39.49 -21.17
C GLU E 35 -15.10 -38.95 -21.75
N LEU E 36 -15.29 -37.64 -21.68
CA LEU E 36 -16.36 -36.99 -22.45
C LEU E 36 -15.92 -36.78 -23.91
N MET E 37 -14.62 -36.95 -24.18
CA MET E 37 -14.07 -36.75 -25.51
C MET E 37 -13.57 -38.08 -26.09
N ASP E 38 -12.98 -38.01 -27.29
CA ASP E 38 -12.54 -39.22 -27.96
C ASP E 38 -11.10 -39.59 -27.62
N ASN E 39 -10.80 -40.89 -27.70
CA ASN E 39 -9.46 -41.42 -27.49
C ASN E 39 -8.75 -40.85 -26.24
N PRO E 40 -9.40 -40.95 -25.05
CA PRO E 40 -8.73 -40.42 -23.85
C PRO E 40 -7.54 -41.28 -23.48
N VAL E 41 -6.42 -40.62 -23.17
CA VAL E 41 -5.17 -41.28 -22.81
C VAL E 41 -4.59 -40.61 -21.55
N PHE E 42 -4.31 -41.42 -20.51
CA PHE E 42 -3.58 -40.95 -19.33
C PHE E 42 -2.12 -40.65 -19.70
N LEU E 43 -1.60 -39.51 -19.24
CA LEU E 43 -0.23 -39.13 -19.55
C LEU E 43 0.66 -39.21 -18.30
N ALA E 44 0.24 -38.57 -17.22
CA ALA E 44 1.06 -38.51 -16.01
C ALA E 44 0.28 -38.05 -14.80
N SER E 45 0.79 -38.42 -13.62
CA SER E 45 0.26 -37.96 -12.35
C SER E 45 1.38 -37.73 -11.36
N HIS E 46 1.56 -36.48 -10.95
CA HIS E 46 2.52 -36.09 -9.91
C HIS E 46 1.88 -35.02 -9.09
N ARG E 47 1.92 -35.19 -7.76
CA ARG E 47 1.36 -34.21 -6.83
C ARG E 47 -0.12 -33.97 -7.18
N GLU E 48 -0.55 -32.71 -7.24
CA GLU E 48 -1.94 -32.41 -7.61
C GLU E 48 -2.17 -32.37 -9.12
N TYR E 49 -1.17 -32.77 -9.90
CA TYR E 49 -1.25 -32.66 -11.35
C TYR E 49 -1.49 -33.99 -12.05
N THR E 50 -2.75 -34.24 -12.43
CA THR E 50 -3.10 -35.37 -13.28
C THR E 50 -3.34 -34.84 -14.69
N VAL E 51 -2.64 -35.43 -15.65
CA VAL E 51 -2.66 -34.95 -17.03
C VAL E 51 -3.14 -36.06 -17.96
N TYR E 52 -4.20 -35.74 -18.72
CA TYR E 52 -4.74 -36.62 -19.77
C TYR E 52 -4.69 -35.89 -21.12
N ARG E 53 -4.78 -36.68 -22.19
CA ARG E 53 -4.93 -36.18 -23.54
C ARG E 53 -6.26 -36.74 -24.05
N ALA E 54 -6.91 -36.02 -24.95
CA ALA E 54 -8.10 -36.52 -25.63
C ALA E 54 -8.23 -35.84 -26.98
N GLU E 55 -9.25 -36.24 -27.75
CA GLU E 55 -9.53 -35.65 -29.04
C GLU E 55 -10.96 -35.12 -29.13
N LEU E 56 -11.08 -33.89 -29.63
CA LEU E 56 -12.36 -33.23 -29.77
C LEU E 56 -12.45 -32.75 -31.21
N ASP E 57 -13.43 -33.28 -31.95
CA ASP E 57 -13.58 -33.01 -33.37
C ASP E 57 -12.26 -33.19 -34.13
N GLY E 58 -11.54 -34.25 -33.78
CA GLY E 58 -10.30 -34.60 -34.46
C GLY E 58 -9.06 -33.89 -34.00
N GLN E 59 -9.21 -32.97 -33.05
CA GLN E 59 -8.08 -32.17 -32.55
C GLN E 59 -7.71 -32.55 -31.12
N SER E 60 -6.41 -32.52 -30.82
CA SER E 60 -5.91 -32.88 -29.50
C SER E 60 -6.21 -31.79 -28.47
N VAL E 61 -6.71 -32.22 -27.31
CA VAL E 61 -6.95 -31.35 -26.16
C VAL E 61 -6.21 -31.96 -24.95
N VAL E 62 -5.58 -31.12 -24.13
CA VAL E 62 -5.01 -31.55 -22.85
C VAL E 62 -6.01 -31.29 -21.72
N VAL E 63 -6.11 -32.22 -20.78
CA VAL E 63 -6.88 -32.00 -19.55
C VAL E 63 -5.89 -32.14 -18.40
N CYS E 64 -5.77 -31.11 -17.57
CA CYS E 64 -4.74 -31.04 -16.53
C CYS E 64 -5.29 -30.36 -15.29
N SER E 65 -5.27 -31.05 -14.16
CA SER E 65 -5.70 -30.47 -12.89
C SER E 65 -4.73 -29.38 -12.42
N THR E 66 -5.26 -28.45 -11.63
CA THR E 66 -4.49 -27.32 -11.13
C THR E 66 -4.18 -27.44 -9.64
N GLY E 67 -4.88 -28.31 -8.93
CA GLY E 67 -4.88 -28.26 -7.47
C GLY E 67 -5.62 -27.01 -7.00
N ILE E 68 -5.61 -26.75 -5.70
CA ILE E 68 -6.31 -25.58 -5.18
C ILE E 68 -5.38 -24.39 -5.11
N GLY E 69 -5.83 -23.27 -5.67
CA GLY E 69 -5.17 -21.99 -5.45
C GLY E 69 -4.31 -21.54 -6.59
N GLY E 70 -4.04 -20.24 -6.61
CA GLY E 70 -3.26 -19.60 -7.66
C GLY E 70 -1.83 -20.09 -7.84
N PRO E 71 -1.10 -20.36 -6.73
CA PRO E 71 0.27 -20.88 -6.84
C PRO E 71 0.40 -22.16 -7.66
N SER E 72 -0.38 -23.18 -7.32
CA SER E 72 -0.30 -24.44 -8.05
CA SER E 72 -0.35 -24.46 -8.03
C SER E 72 -0.87 -24.31 -9.46
N THR E 73 -1.90 -23.49 -9.61
CA THR E 73 -2.48 -23.17 -10.93
C THR E 73 -1.41 -22.50 -11.81
N SER E 74 -0.67 -21.54 -11.25
CA SER E 74 0.38 -20.82 -12.00
C SER E 74 1.45 -21.75 -12.56
N ILE E 75 1.83 -22.77 -11.79
CA ILE E 75 2.80 -23.75 -12.26
C ILE E 75 2.26 -24.54 -13.46
N ALA E 76 1.04 -25.03 -13.35
CA ALA E 76 0.40 -25.78 -14.45
C ALA E 76 0.30 -24.96 -15.76
N VAL E 77 -0.20 -23.73 -15.67
CA VAL E 77 -0.33 -22.84 -16.84
C VAL E 77 1.01 -22.57 -17.50
N GLU E 78 2.02 -22.23 -16.71
CA GLU E 78 3.36 -21.96 -17.23
C GLU E 78 3.94 -23.16 -17.98
N GLU E 79 3.84 -24.34 -17.39
CA GLU E 79 4.50 -25.52 -17.97
C GLU E 79 3.75 -26.02 -19.21
N LEU E 80 2.42 -25.87 -19.21
CA LEU E 80 1.62 -26.17 -20.41
C LEU E 80 1.88 -25.15 -21.52
N ALA E 81 2.12 -23.89 -21.15
CA ALA E 81 2.46 -22.84 -22.11
C ALA E 81 3.80 -23.15 -22.80
N GLN E 82 4.77 -23.64 -22.01
CA GLN E 82 6.09 -24.05 -22.50
C GLN E 82 6.02 -25.14 -23.58
N LEU E 83 4.99 -25.98 -23.47
CA LEU E 83 4.79 -27.07 -24.41
C LEU E 83 3.84 -26.69 -25.53
N GLY E 84 3.39 -25.43 -25.55
CA GLY E 84 2.63 -24.93 -26.69
C GLY E 84 1.16 -24.62 -26.50
N VAL E 85 0.67 -24.78 -25.27
CA VAL E 85 -0.75 -24.46 -24.99
C VAL E 85 -0.95 -22.95 -24.92
N ARG E 86 -1.96 -22.45 -25.64
CA ARG E 86 -2.25 -21.01 -25.68
C ARG E 86 -3.66 -20.66 -25.16
N THR E 87 -4.52 -21.66 -25.03
CA THR E 87 -5.89 -21.44 -24.57
C THR E 87 -6.18 -22.29 -23.33
N PHE E 88 -6.69 -21.66 -22.28
CA PHE E 88 -6.90 -22.35 -21.01
C PHE E 88 -8.35 -22.17 -20.56
N LEU E 89 -9.07 -23.27 -20.48
CA LEU E 89 -10.45 -23.25 -20.00
C LEU E 89 -10.57 -23.79 -18.58
N ARG E 90 -10.77 -22.87 -17.64
CA ARG E 90 -10.96 -23.25 -16.25
C ARG E 90 -12.40 -23.69 -15.96
N VAL E 91 -12.51 -24.87 -15.35
CA VAL E 91 -13.78 -25.30 -14.75
C VAL E 91 -13.56 -25.60 -13.26
N GLY E 92 -14.52 -25.19 -12.42
CA GLY E 92 -14.40 -25.36 -10.98
C GLY E 92 -15.73 -25.23 -10.27
N THR E 93 -15.70 -25.37 -8.95
CA THR E 93 -16.86 -25.17 -8.10
C THR E 93 -16.85 -23.74 -7.55
N THR E 94 -18.00 -23.27 -7.07
CA THR E 94 -18.06 -21.89 -6.58
C THR E 94 -19.20 -21.72 -5.57
N GLY E 95 -19.09 -20.68 -4.72
CA GLY E 95 -20.16 -20.28 -3.82
C GLY E 95 -20.78 -18.96 -4.27
N ALA E 96 -22.08 -18.97 -4.53
CA ALA E 96 -22.82 -17.75 -4.84
C ALA E 96 -22.96 -16.83 -3.62
N ILE E 97 -22.84 -15.53 -3.84
CA ILE E 97 -23.09 -14.58 -2.76
C ILE E 97 -24.33 -13.71 -3.02
N GLN E 98 -24.89 -13.80 -4.23
CA GLN E 98 -26.14 -13.14 -4.55
C GLN E 98 -27.28 -14.10 -4.30
N PRO E 99 -28.41 -13.60 -3.74
CA PRO E 99 -29.50 -14.50 -3.36
C PRO E 99 -30.23 -15.17 -4.53
N HIS E 100 -30.21 -14.54 -5.71
CA HIS E 100 -30.91 -15.06 -6.88
C HIS E 100 -30.20 -16.20 -7.57
N VAL E 101 -28.95 -16.45 -7.19
CA VAL E 101 -28.12 -17.47 -7.85
C VAL E 101 -28.23 -18.79 -7.10
N ASN E 102 -28.82 -19.79 -7.73
CA ASN E 102 -29.12 -21.05 -7.06
C ASN E 102 -28.02 -22.11 -7.25
N VAL E 103 -27.96 -23.07 -6.33
CA VAL E 103 -27.13 -24.25 -6.50
C VAL E 103 -27.47 -24.94 -7.84
N GLY E 104 -26.45 -25.30 -8.60
CA GLY E 104 -26.67 -25.88 -9.92
C GLY E 104 -26.52 -24.90 -11.06
N ASP E 105 -26.67 -23.60 -10.79
CA ASP E 105 -26.41 -22.55 -11.80
C ASP E 105 -24.93 -22.52 -12.20
N MET E 106 -24.67 -21.96 -13.38
CA MET E 106 -23.32 -21.80 -13.90
C MET E 106 -22.94 -20.33 -13.88
N ILE E 107 -21.70 -20.04 -13.49
CA ILE E 107 -21.22 -18.67 -13.55
C ILE E 107 -20.02 -18.56 -14.50
N VAL E 108 -20.11 -17.65 -15.47
CA VAL E 108 -18.95 -17.29 -16.30
C VAL E 108 -18.41 -15.93 -15.83
N THR E 109 -17.13 -15.93 -15.47
CA THR E 109 -16.47 -14.75 -14.90
C THR E 109 -16.14 -13.70 -15.96
N THR E 110 -16.58 -12.46 -15.76
CA THR E 110 -16.25 -11.37 -16.69
C THR E 110 -15.05 -10.57 -16.17
N GLY E 111 -14.70 -10.80 -14.90
CA GLY E 111 -13.59 -10.12 -14.24
C GLY E 111 -13.46 -10.62 -12.81
N SER E 112 -12.26 -10.59 -12.27
CA SER E 112 -12.04 -11.11 -10.93
C SER E 112 -11.49 -10.07 -9.96
N VAL E 113 -12.10 -10.04 -8.78
CA VAL E 113 -11.51 -9.32 -7.66
C VAL E 113 -10.25 -10.05 -7.22
N ARG E 114 -9.11 -9.35 -7.20
CA ARG E 114 -7.83 -10.00 -6.98
C ARG E 114 -7.51 -10.11 -5.50
N LEU E 115 -8.12 -11.10 -4.84
CA LEU E 115 -7.86 -11.36 -3.42
C LEU E 115 -6.84 -12.49 -3.26
N ASP E 116 -5.93 -12.56 -4.23
CA ASP E 116 -4.88 -13.57 -4.27
C ASP E 116 -3.51 -12.87 -4.15
N GLY E 117 -2.44 -13.66 -4.20
CA GLY E 117 -1.10 -13.09 -4.22
C GLY E 117 -0.37 -13.36 -5.52
N ALA E 118 -0.67 -14.48 -6.16
CA ALA E 118 0.06 -14.91 -7.36
C ALA E 118 -0.14 -14.01 -8.58
N SER E 119 -1.32 -13.40 -8.69
CA SER E 119 -1.57 -12.41 -9.77
C SER E 119 -0.53 -11.29 -9.76
N LEU E 120 -0.18 -10.82 -8.56
CA LEU E 120 0.86 -9.80 -8.38
C LEU E 120 2.27 -10.23 -8.85
N HIS E 121 2.44 -11.52 -9.16
CA HIS E 121 3.71 -12.00 -9.69
C HIS E 121 3.77 -11.87 -11.18
N PHE E 122 2.66 -11.40 -11.76
CA PHE E 122 2.55 -11.22 -13.20
C PHE E 122 2.26 -9.78 -13.62
N ALA E 123 1.45 -9.08 -12.82
CA ALA E 123 1.05 -7.71 -13.11
C ALA E 123 0.71 -6.96 -11.83
N PRO E 124 1.03 -5.65 -11.76
CA PRO E 124 0.65 -4.86 -10.58
C PRO E 124 -0.86 -4.91 -10.35
N MET E 125 -1.29 -4.60 -9.11
CA MET E 125 -2.72 -4.68 -8.74
C MET E 125 -3.66 -3.92 -9.69
N GLU E 126 -3.19 -2.82 -10.27
CA GLU E 126 -4.01 -2.00 -11.18
C GLU E 126 -4.50 -2.76 -12.40
N PHE E 127 -3.80 -3.85 -12.76
CA PHE E 127 -4.11 -4.59 -13.99
C PHE E 127 -5.40 -5.38 -13.81
N PRO E 128 -6.28 -5.40 -14.84
CA PRO E 128 -7.56 -6.11 -14.68
C PRO E 128 -7.42 -7.64 -14.84
N ALA E 129 -7.93 -8.39 -13.87
CA ALA E 129 -8.02 -9.84 -13.99
C ALA E 129 -9.25 -10.14 -14.84
N VAL E 130 -9.06 -10.05 -16.15
CA VAL E 130 -10.13 -10.17 -17.15
CA VAL E 130 -10.16 -10.21 -17.09
C VAL E 130 -9.90 -11.37 -18.07
N PRO E 131 -10.96 -12.12 -18.42
CA PRO E 131 -10.79 -13.24 -19.35
C PRO E 131 -10.60 -12.79 -20.77
N ASP E 132 -10.05 -13.67 -21.60
CA ASP E 132 -10.09 -13.46 -23.04
C ASP E 132 -11.56 -13.40 -23.49
N PHE E 133 -11.91 -12.41 -24.31
CA PHE E 133 -13.30 -12.20 -24.73
C PHE E 133 -13.94 -13.41 -25.47
N ASP E 134 -13.18 -13.98 -26.40
CA ASP E 134 -13.61 -15.18 -27.12
C ASP E 134 -13.88 -16.36 -26.19
N VAL E 135 -13.02 -16.58 -25.21
CA VAL E 135 -13.24 -17.69 -24.29
C VAL E 135 -14.51 -17.47 -23.48
N ALA E 136 -14.68 -16.28 -22.92
CA ALA E 136 -15.88 -15.93 -22.16
C ALA E 136 -17.15 -16.05 -23.00
N THR E 137 -17.05 -15.66 -24.26
CA THR E 137 -18.17 -15.75 -25.20
C THR E 137 -18.52 -17.21 -25.47
N ALA E 138 -17.51 -18.04 -25.72
CA ALA E 138 -17.69 -19.50 -25.90
C ALA E 138 -18.28 -20.18 -24.66
N MET E 139 -17.81 -19.80 -23.48
CA MET E 139 -18.31 -20.38 -22.24
C MET E 139 -19.77 -19.97 -21.98
N LYS E 140 -20.10 -18.71 -22.22
CA LYS E 140 -21.49 -18.28 -22.13
C LYS E 140 -22.37 -19.08 -23.10
N ALA E 141 -21.95 -19.20 -24.36
CA ALA E 141 -22.71 -19.93 -25.37
C ALA E 141 -22.87 -21.41 -25.02
N ALA E 142 -21.77 -22.04 -24.61
CA ALA E 142 -21.80 -23.44 -24.21
C ALA E 142 -22.81 -23.64 -23.07
N ALA E 143 -22.73 -22.77 -22.06
CA ALA E 143 -23.57 -22.88 -20.88
C ALA E 143 -25.05 -22.64 -21.21
N GLN E 144 -25.33 -21.58 -21.98
CA GLN E 144 -26.70 -21.28 -22.39
C GLN E 144 -27.28 -22.35 -23.32
N GLU E 145 -26.46 -22.85 -24.24
CA GLU E 145 -26.93 -23.89 -25.17
C GLU E 145 -27.21 -25.23 -24.48
N SER E 146 -26.59 -25.46 -23.33
CA SER E 146 -26.73 -26.71 -22.58
C SER E 146 -28.04 -26.78 -21.81
N GLY E 147 -28.70 -25.63 -21.64
CA GLY E 147 -29.96 -25.56 -20.90
C GLY E 147 -29.83 -25.03 -19.49
N ALA E 148 -28.60 -24.87 -19.02
CA ALA E 148 -28.32 -24.37 -17.67
C ALA E 148 -28.72 -22.90 -17.49
N THR E 149 -28.93 -22.48 -16.24
CA THR E 149 -29.07 -21.07 -15.92
C THR E 149 -27.69 -20.48 -15.73
N VAL E 150 -27.39 -19.44 -16.49
CA VAL E 150 -26.05 -18.87 -16.57
C VAL E 150 -26.07 -17.43 -16.09
N HIS E 151 -25.03 -17.04 -15.36
CA HIS E 151 -24.82 -15.67 -14.91
C HIS E 151 -23.47 -15.19 -15.36
N MET E 152 -23.44 -13.99 -15.91
CA MET E 152 -22.19 -13.35 -16.29
C MET E 152 -21.90 -12.27 -15.27
N GLY E 153 -20.70 -12.27 -14.71
CA GLY E 153 -20.34 -11.21 -13.78
C GLY E 153 -19.01 -11.37 -13.08
N VAL E 154 -18.83 -10.50 -12.09
CA VAL E 154 -17.59 -10.38 -11.36
C VAL E 154 -17.50 -11.46 -10.28
N THR E 155 -16.33 -12.07 -10.18
CA THR E 155 -16.03 -13.14 -9.24
C THR E 155 -14.98 -12.68 -8.23
N ALA E 156 -15.21 -12.92 -6.94
CA ALA E 156 -14.20 -12.64 -5.93
C ALA E 156 -13.31 -13.87 -5.80
N SER E 157 -12.02 -13.68 -6.06
CA SER E 157 -11.07 -14.79 -6.14
C SER E 157 -10.06 -14.73 -5.00
N SER E 158 -10.20 -15.65 -4.05
CA SER E 158 -9.53 -15.57 -2.74
C SER E 158 -8.42 -16.61 -2.55
N ASP E 159 -7.30 -16.19 -1.97
CA ASP E 159 -6.22 -17.11 -1.59
C ASP E 159 -6.58 -18.06 -0.44
N THR E 160 -7.72 -17.81 0.21
CA THR E 160 -8.21 -18.76 1.24
C THR E 160 -9.64 -19.21 0.96
N PHE E 161 -10.04 -20.32 1.57
CA PHE E 161 -11.41 -20.82 1.50
C PHE E 161 -12.20 -20.25 2.68
N TYR E 162 -11.49 -20.00 3.78
CA TYR E 162 -12.12 -19.62 5.04
C TYR E 162 -12.14 -18.09 5.31
N PRO E 163 -11.07 -17.51 5.90
CA PRO E 163 -11.25 -16.09 6.27
C PRO E 163 -11.46 -15.14 5.07
N GLY E 164 -10.84 -15.43 3.94
CA GLY E 164 -10.92 -14.56 2.76
C GLY E 164 -12.25 -14.61 2.04
N GLN E 165 -13.05 -15.63 2.37
CA GLN E 165 -14.42 -15.76 1.90
C GLN E 165 -15.39 -15.50 3.06
N GLU E 166 -14.84 -14.83 4.08
CA GLU E 166 -15.54 -14.46 5.31
C GLU E 166 -16.35 -15.56 5.98
N ARG E 167 -15.73 -16.74 6.11
CA ARG E 167 -16.33 -17.86 6.83
C ARG E 167 -15.96 -17.75 8.30
N TYR E 168 -16.95 -17.91 9.17
CA TYR E 168 -16.76 -17.77 10.60
C TYR E 168 -16.80 -19.11 11.35
N ASP E 169 -17.37 -20.14 10.71
CA ASP E 169 -17.49 -21.48 11.32
C ASP E 169 -16.16 -22.23 11.27
N THR E 170 -15.15 -21.67 11.95
CA THR E 170 -13.76 -22.09 11.80
C THR E 170 -13.16 -22.37 13.18
N PHE E 171 -11.90 -22.78 13.21
CA PHE E 171 -11.23 -23.09 14.47
C PHE E 171 -11.17 -21.88 15.41
N THR E 172 -10.81 -20.71 14.86
CA THR E 172 -10.73 -19.50 15.67
C THR E 172 -12.02 -18.67 15.71
N GLY E 173 -12.86 -18.82 14.70
CA GLY E 173 -14.08 -18.01 14.57
C GLY E 173 -13.80 -16.55 14.26
N ARG E 174 -12.59 -16.26 13.80
CA ARG E 174 -12.12 -14.90 13.65
C ARG E 174 -11.73 -14.62 12.21
N VAL E 175 -12.04 -13.40 11.74
CA VAL E 175 -11.63 -12.95 10.41
C VAL E 175 -10.83 -11.64 10.52
N VAL E 176 -9.69 -11.60 9.84
CA VAL E 176 -8.80 -10.43 9.91
C VAL E 176 -9.53 -9.17 9.43
N ARG E 177 -9.18 -8.02 10.00
CA ARG E 177 -9.79 -6.73 9.65
C ARG E 177 -10.14 -6.57 8.17
N ARG E 178 -9.17 -6.83 7.30
CA ARG E 178 -9.33 -6.67 5.85
C ARG E 178 -10.61 -7.36 5.35
N PHE E 179 -10.88 -8.55 5.87
CA PHE E 179 -12.01 -9.34 5.41
C PHE E 179 -13.28 -9.27 6.25
N GLN E 180 -13.25 -8.56 7.36
CA GLN E 180 -14.49 -8.31 8.12
C GLN E 180 -15.43 -7.39 7.32
N GLY E 181 -16.67 -7.84 7.12
CA GLY E 181 -17.68 -7.10 6.38
C GLY E 181 -17.52 -7.19 4.88
N SER E 182 -16.51 -7.96 4.44
CA SER E 182 -16.15 -8.02 3.04
C SER E 182 -17.24 -8.70 2.19
N MET E 183 -17.90 -9.72 2.73
CA MET E 183 -18.93 -10.39 1.94
C MET E 183 -20.08 -9.46 1.55
N LYS E 184 -20.57 -8.67 2.50
CA LYS E 184 -21.64 -7.70 2.23
C LYS E 184 -21.17 -6.63 1.26
N GLU E 185 -19.92 -6.22 1.38
CA GLU E 185 -19.31 -5.28 0.46
C GLU E 185 -19.35 -5.81 -0.97
N TRP E 186 -18.84 -7.04 -1.17
CA TRP E 186 -18.95 -7.70 -2.49
C TRP E 186 -20.38 -7.83 -2.95
N GLN E 187 -21.27 -8.26 -2.05
CA GLN E 187 -22.70 -8.39 -2.37
CA GLN E 187 -22.68 -8.40 -2.44
C GLN E 187 -23.30 -7.07 -2.89
N ASP E 188 -23.07 -5.99 -2.13
CA ASP E 188 -23.57 -4.66 -2.48
C ASP E 188 -23.02 -4.16 -3.81
N MET E 189 -21.82 -4.66 -4.15
CA MET E 189 -21.14 -4.29 -5.39
C MET E 189 -21.56 -5.15 -6.58
N GLY E 190 -22.46 -6.11 -6.37
CA GLY E 190 -22.93 -6.98 -7.44
C GLY E 190 -22.03 -8.16 -7.77
N VAL E 191 -21.02 -8.42 -6.95
CA VAL E 191 -20.15 -9.57 -7.15
C VAL E 191 -21.00 -10.86 -7.07
N LEU E 192 -20.77 -11.79 -7.97
CA LEU E 192 -21.62 -13.00 -8.06
C LEU E 192 -21.22 -14.13 -7.13
N ASN E 193 -19.91 -14.36 -7.02
CA ASN E 193 -19.42 -15.63 -6.43
C ASN E 193 -18.01 -15.55 -5.89
N PHE E 194 -17.64 -16.54 -5.07
CA PHE E 194 -16.29 -16.75 -4.56
C PHE E 194 -15.73 -18.03 -5.16
N GLU E 195 -14.47 -17.96 -5.62
CA GLU E 195 -13.64 -19.15 -5.78
C GLU E 195 -12.19 -18.75 -5.48
N MET E 196 -11.22 -19.55 -5.93
CA MET E 196 -9.84 -19.40 -5.47
C MET E 196 -8.75 -19.39 -6.54
N GLU E 197 -9.10 -19.48 -7.82
CA GLU E 197 -8.06 -19.56 -8.88
C GLU E 197 -8.13 -18.52 -10.00
N SER E 198 -9.29 -17.90 -10.21
CA SER E 198 -9.54 -17.05 -11.39
C SER E 198 -8.69 -15.78 -11.44
N ALA E 199 -8.49 -15.11 -10.31
CA ALA E 199 -7.63 -13.92 -10.29
C ALA E 199 -6.23 -14.26 -10.80
N THR E 200 -5.62 -15.32 -10.28
CA THR E 200 -4.29 -15.73 -10.75
C THR E 200 -4.27 -16.10 -12.24
N LEU E 201 -5.18 -16.99 -12.62
CA LEU E 201 -5.27 -17.52 -13.96
C LEU E 201 -5.49 -16.40 -14.98
N LEU E 202 -6.49 -15.56 -14.72
CA LEU E 202 -6.85 -14.53 -15.68
C LEU E 202 -5.80 -13.42 -15.79
N THR E 203 -5.20 -13.03 -14.67
CA THR E 203 -4.17 -11.99 -14.72
C THR E 203 -2.94 -12.51 -15.46
N MET E 204 -2.48 -13.69 -15.05
CA MET E 204 -1.33 -14.36 -15.67
CA MET E 204 -1.33 -14.34 -15.68
C MET E 204 -1.49 -14.41 -17.18
N CYS E 205 -2.64 -14.90 -17.64
CA CYS E 205 -2.90 -15.11 -19.04
C CYS E 205 -3.11 -13.81 -19.81
N ALA E 206 -3.91 -12.89 -19.27
CA ALA E 206 -4.14 -11.60 -19.95
C ALA E 206 -2.85 -10.79 -20.11
N SER E 207 -1.90 -10.97 -19.20
CA SER E 207 -0.60 -10.26 -19.27
C SER E 207 0.54 -11.05 -19.96
N SER E 208 0.24 -12.27 -20.40
CA SER E 208 1.26 -13.17 -20.98
C SER E 208 0.95 -13.64 -22.41
N GLY E 209 -0.04 -13.06 -23.06
CA GLY E 209 -0.45 -13.44 -24.42
C GLY E 209 -1.06 -14.83 -24.50
N LEU E 210 -1.81 -15.22 -23.47
CA LEU E 210 -2.52 -16.49 -23.43
C LEU E 210 -4.01 -16.20 -23.29
N LYS E 211 -4.84 -17.05 -23.88
CA LYS E 211 -6.28 -16.88 -23.77
C LYS E 211 -6.82 -17.75 -22.64
N ALA E 212 -7.62 -17.13 -21.76
CA ALA E 212 -8.19 -17.84 -20.61
C ALA E 212 -9.58 -17.37 -20.28
N GLY E 213 -10.37 -18.29 -19.71
CA GLY E 213 -11.72 -18.01 -19.18
C GLY E 213 -12.05 -18.94 -18.03
N CYS E 214 -13.08 -18.60 -17.26
CA CYS E 214 -13.49 -19.39 -16.11
CA CYS E 214 -13.48 -19.41 -16.11
C CYS E 214 -15.00 -19.59 -16.07
N VAL E 215 -15.42 -20.86 -15.96
CA VAL E 215 -16.79 -21.26 -15.76
C VAL E 215 -16.85 -22.07 -14.46
N ALA E 216 -17.89 -21.87 -13.66
CA ALA E 216 -17.98 -22.56 -12.38
C ALA E 216 -19.41 -22.95 -12.02
N GLY E 217 -19.56 -24.15 -11.46
CA GLY E 217 -20.87 -24.63 -11.02
C GLY E 217 -21.10 -24.24 -9.56
N VAL E 218 -22.28 -23.70 -9.29
CA VAL E 218 -22.60 -23.20 -7.97
C VAL E 218 -22.92 -24.36 -7.04
N ILE E 219 -22.10 -24.57 -6.01
CA ILE E 219 -22.36 -25.69 -5.09
C ILE E 219 -22.94 -25.25 -3.74
N ILE E 220 -23.06 -23.94 -3.55
CA ILE E 220 -23.52 -23.36 -2.30
C ILE E 220 -23.94 -21.90 -2.50
N ASN E 221 -24.98 -21.49 -1.78
CA ASN E 221 -25.30 -20.08 -1.68
C ASN E 221 -24.99 -19.55 -0.30
N ARG E 222 -24.07 -18.59 -0.24
CA ARG E 222 -23.55 -18.07 1.03
C ARG E 222 -24.54 -17.18 1.82
N THR E 223 -25.64 -16.78 1.17
CA THR E 223 -26.72 -16.09 1.90
C THR E 223 -27.46 -17.08 2.80
N GLN E 224 -27.21 -18.36 2.57
CA GLN E 224 -27.80 -19.43 3.38
C GLN E 224 -26.82 -20.03 4.40
N LYS E 225 -25.68 -20.53 3.93
CA LYS E 225 -24.76 -21.31 4.79
C LYS E 225 -23.32 -21.24 4.31
N GLU E 226 -22.42 -21.81 5.12
CA GLU E 226 -20.98 -21.76 4.83
C GLU E 226 -20.40 -23.04 4.21
N ILE E 227 -20.87 -24.21 4.65
CA ILE E 227 -20.30 -25.47 4.19
C ILE E 227 -21.22 -26.10 3.15
N PRO E 228 -20.67 -26.45 1.97
CA PRO E 228 -21.51 -26.95 0.89
C PRO E 228 -22.11 -28.32 1.22
N ASP E 229 -23.37 -28.49 0.83
CA ASP E 229 -24.09 -29.77 0.95
C ASP E 229 -23.48 -30.81 0.01
N HIS E 230 -23.26 -32.01 0.51
CA HIS E 230 -22.66 -33.10 -0.29
C HIS E 230 -23.56 -33.67 -1.36
N ALA E 231 -24.88 -33.66 -1.11
CA ALA E 231 -25.84 -34.34 -1.99
C ALA E 231 -25.94 -33.79 -3.41
N THR E 232 -25.60 -32.51 -3.60
CA THR E 232 -25.78 -31.83 -4.88
C THR E 232 -24.49 -31.66 -5.70
N LEU E 233 -23.34 -31.99 -5.11
CA LEU E 233 -22.04 -31.82 -5.78
C LEU E 233 -21.94 -32.62 -7.08
N LYS E 234 -22.30 -33.90 -7.02
CA LYS E 234 -22.15 -34.83 -8.15
C LYS E 234 -22.84 -34.33 -9.42
N GLU E 235 -24.13 -34.02 -9.32
CA GLU E 235 -24.92 -33.52 -10.44
C GLU E 235 -24.41 -32.18 -10.99
N THR E 236 -24.02 -31.28 -10.08
CA THR E 236 -23.53 -29.96 -10.44
C THR E 236 -22.23 -30.11 -11.23
N GLU E 237 -21.35 -30.98 -10.74
CA GLU E 237 -20.07 -31.25 -11.39
C GLU E 237 -20.22 -31.90 -12.76
N ALA E 238 -21.20 -32.79 -12.89
CA ALA E 238 -21.52 -33.41 -14.18
C ALA E 238 -21.90 -32.36 -15.23
N ARG E 239 -22.69 -31.37 -14.81
CA ARG E 239 -23.15 -30.29 -15.67
C ARG E 239 -22.00 -29.37 -16.07
N SER E 240 -21.17 -28.99 -15.10
CA SER E 240 -20.02 -28.12 -15.31
C SER E 240 -19.08 -28.64 -16.39
N ILE E 241 -18.73 -29.92 -16.30
CA ILE E 241 -17.78 -30.52 -17.23
C ILE E 241 -18.35 -30.72 -18.63
N LYS E 242 -19.66 -30.96 -18.71
CA LYS E 242 -20.38 -30.98 -19.99
C LYS E 242 -20.21 -29.64 -20.70
N VAL E 243 -20.36 -28.56 -19.94
CA VAL E 243 -20.27 -27.18 -20.46
C VAL E 243 -18.86 -26.82 -20.93
N VAL E 244 -17.84 -27.12 -20.12
CA VAL E 244 -16.47 -26.74 -20.46
C VAL E 244 -15.96 -27.46 -21.71
N VAL E 245 -16.33 -28.72 -21.87
CA VAL E 245 -16.01 -29.47 -23.08
C VAL E 245 -16.65 -28.81 -24.32
N GLU E 246 -17.91 -28.39 -24.18
CA GLU E 246 -18.59 -27.68 -25.28
C GLU E 246 -17.98 -26.31 -25.54
N ALA E 247 -17.58 -25.62 -24.47
CA ALA E 247 -16.84 -24.37 -24.58
C ALA E 247 -15.56 -24.60 -25.38
N ALA E 248 -14.83 -25.66 -25.03
CA ALA E 248 -13.60 -26.06 -25.76
C ALA E 248 -13.87 -26.35 -27.23
N ARG E 249 -14.97 -27.05 -27.53
CA ARG E 249 -15.37 -27.32 -28.92
C ARG E 249 -15.47 -26.00 -29.71
N LYS E 250 -16.07 -24.99 -29.08
CA LYS E 250 -16.27 -23.67 -29.71
C LYS E 250 -14.99 -22.87 -29.92
N MET E 251 -13.94 -23.15 -29.15
CA MET E 251 -12.64 -22.48 -29.30
C MET E 251 -11.72 -23.12 -30.34
N LEU E 252 -11.98 -24.38 -30.68
CA LEU E 252 -11.20 -25.06 -31.71
C LEU E 252 -11.28 -24.28 -33.03
N LYS E 253 -10.11 -24.06 -33.65
CA LYS E 253 -10.01 -23.30 -34.90
C LYS E 253 -9.37 -24.12 -36.00
N LYS F 3 -18.93 -34.83 12.69
CA LYS F 3 -18.92 -34.20 11.34
C LYS F 3 -17.58 -34.45 10.62
N THR F 4 -17.63 -34.51 9.29
CA THR F 4 -16.40 -34.68 8.49
C THR F 4 -16.05 -33.39 7.77
N VAL F 5 -14.81 -32.94 7.96
CA VAL F 5 -14.36 -31.68 7.37
C VAL F 5 -14.45 -31.76 5.85
N PHE F 6 -14.76 -30.61 5.24
CA PHE F 6 -15.19 -30.57 3.84
C PHE F 6 -14.15 -31.07 2.82
N HIS F 7 -12.91 -30.57 2.92
CA HIS F 7 -11.89 -30.93 1.94
C HIS F 7 -11.15 -32.21 2.30
N LEU F 8 -10.74 -32.33 3.56
CA LEU F 8 -9.93 -33.48 4.01
C LEU F 8 -10.69 -34.82 4.08
N GLY F 9 -12.00 -34.75 4.27
CA GLY F 9 -12.85 -35.95 4.31
C GLY F 9 -12.58 -36.85 5.51
N VAL F 10 -12.08 -36.27 6.60
CA VAL F 10 -11.87 -37.04 7.83
C VAL F 10 -12.68 -36.46 8.98
N THR F 11 -12.84 -37.25 10.04
CA THR F 11 -13.53 -36.82 11.25
C THR F 11 -12.54 -36.73 12.41
N GLU F 12 -13.01 -36.20 13.53
CA GLU F 12 -12.19 -36.12 14.72
C GLU F 12 -11.88 -37.54 15.24
N ALA F 13 -12.86 -38.44 15.21
CA ALA F 13 -12.63 -39.82 15.65
C ALA F 13 -11.56 -40.51 14.79
N ASP F 14 -11.53 -40.21 13.50
CA ASP F 14 -10.47 -40.69 12.58
C ASP F 14 -9.04 -40.45 13.09
N LEU F 15 -8.85 -39.33 13.79
CA LEU F 15 -7.51 -38.88 14.19
C LEU F 15 -7.01 -39.57 15.47
N ASN F 16 -7.91 -40.26 16.17
CA ASN F 16 -7.56 -40.98 17.39
C ASN F 16 -6.80 -40.16 18.43
N GLY F 17 -7.20 -38.90 18.59
CA GLY F 17 -6.63 -38.05 19.63
C GLY F 17 -5.39 -37.27 19.25
N ALA F 18 -5.00 -37.33 17.97
CA ALA F 18 -3.80 -36.65 17.50
C ALA F 18 -3.89 -35.12 17.67
N THR F 19 -2.87 -34.52 18.28
CA THR F 19 -2.79 -33.06 18.36
C THR F 19 -1.61 -32.50 17.55
N LEU F 20 -0.87 -33.38 16.92
CA LEU F 20 0.28 -32.99 16.12
C LEU F 20 0.17 -33.56 14.70
N ALA F 21 0.47 -32.72 13.72
CA ALA F 21 0.49 -33.14 12.32
C ALA F 21 1.85 -32.91 11.67
N ILE F 22 2.28 -33.86 10.85
CA ILE F 22 3.40 -33.65 9.95
C ILE F 22 2.78 -33.35 8.58
N ILE F 23 3.21 -32.26 7.96
CA ILE F 23 2.56 -31.81 6.73
C ILE F 23 3.52 -31.60 5.55
N PRO F 24 3.83 -32.68 4.79
CA PRO F 24 4.64 -32.50 3.58
C PRO F 24 3.79 -31.88 2.47
N GLY F 25 4.42 -31.42 1.39
CA GLY F 25 3.66 -30.89 0.25
C GLY F 25 3.06 -31.97 -0.64
N ASP F 26 3.89 -32.96 -0.98
CA ASP F 26 3.57 -34.02 -1.93
C ASP F 26 2.74 -35.13 -1.29
N PRO F 27 1.56 -35.41 -1.88
CA PRO F 27 0.72 -36.53 -1.44
C PRO F 27 1.49 -37.86 -1.36
N ALA F 28 2.41 -38.09 -2.30
CA ALA F 28 3.17 -39.34 -2.34
C ALA F 28 4.17 -39.50 -1.18
N ARG F 29 4.51 -38.39 -0.52
CA ARG F 29 5.41 -38.43 0.63
C ARG F 29 4.69 -38.85 1.93
N VAL F 30 3.36 -38.78 1.95
CA VAL F 30 2.59 -39.01 3.17
C VAL F 30 2.80 -40.42 3.78
N GLN F 31 2.64 -41.45 2.94
CA GLN F 31 2.87 -42.83 3.37
C GLN F 31 4.31 -43.05 3.82
N LYS F 32 5.26 -42.46 3.08
CA LYS F 32 6.69 -42.60 3.38
C LYS F 32 7.06 -42.05 4.75
N ILE F 33 6.40 -40.96 5.15
CA ILE F 33 6.56 -40.42 6.50
C ILE F 33 5.86 -41.29 7.54
N ALA F 34 4.61 -41.65 7.27
CA ALA F 34 3.80 -42.48 8.18
C ALA F 34 4.47 -43.82 8.52
N GLU F 35 5.11 -44.44 7.53
CA GLU F 35 5.73 -45.75 7.73
C GLU F 35 6.96 -45.69 8.66
N LEU F 36 7.52 -44.50 8.87
CA LEU F 36 8.60 -44.32 9.86
C LEU F 36 8.07 -44.43 11.30
N MET F 37 6.75 -44.42 11.44
CA MET F 37 6.12 -44.49 12.75
C MET F 37 5.39 -45.82 12.89
N ASP F 38 4.67 -46.00 14.01
CA ASP F 38 3.97 -47.27 14.27
C ASP F 38 2.53 -47.25 13.81
N ASN F 39 2.05 -48.42 13.37
CA ASN F 39 0.67 -48.61 13.01
C ASN F 39 0.14 -47.53 12.07
N PRO F 40 0.85 -47.27 10.95
CA PRO F 40 0.31 -46.26 10.03
C PRO F 40 -0.96 -46.76 9.34
N VAL F 41 -1.97 -45.89 9.21
CA VAL F 41 -3.23 -46.25 8.59
C VAL F 41 -3.70 -45.12 7.66
N PHE F 42 -4.04 -45.47 6.44
CA PHE F 42 -4.59 -44.55 5.44
C PHE F 42 -5.98 -44.13 5.88
N LEU F 43 -6.25 -42.82 5.87
CA LEU F 43 -7.56 -42.33 6.27
C LEU F 43 -8.39 -41.83 5.10
N ALA F 44 -7.78 -41.07 4.21
CA ALA F 44 -8.49 -40.48 3.08
C ALA F 44 -7.56 -39.85 2.06
N SER F 45 -8.08 -39.68 0.86
CA SER F 45 -7.38 -39.01 -0.21
C SER F 45 -8.41 -38.29 -1.09
N HIS F 46 -8.42 -36.97 -1.01
CA HIS F 46 -9.29 -36.12 -1.84
C HIS F 46 -8.46 -34.98 -2.30
N ARG F 47 -8.57 -34.65 -3.60
CA ARG F 47 -7.73 -33.60 -4.20
C ARG F 47 -6.26 -33.84 -3.82
N GLU F 48 -5.54 -32.81 -3.39
CA GLU F 48 -4.12 -32.97 -3.03
C GLU F 48 -3.88 -33.39 -1.58
N TYR F 49 -4.94 -33.78 -0.89
CA TYR F 49 -4.86 -34.08 0.55
C TYR F 49 -4.92 -35.58 0.81
N THR F 50 -3.77 -36.18 1.02
CA THR F 50 -3.68 -37.57 1.45
C THR F 50 -3.39 -37.54 2.94
N VAL F 51 -4.27 -38.20 3.70
CA VAL F 51 -4.23 -38.20 5.17
C VAL F 51 -3.99 -39.60 5.69
N TYR F 52 -2.98 -39.74 6.52
CA TYR F 52 -2.69 -40.99 7.25
C TYR F 52 -2.64 -40.68 8.74
N ARG F 53 -2.89 -41.70 9.56
CA ARG F 53 -2.71 -41.61 10.99
C ARG F 53 -1.59 -42.58 11.34
N ALA F 54 -0.81 -42.25 12.36
CA ALA F 54 0.19 -43.18 12.89
C ALA F 54 0.40 -42.97 14.39
N GLU F 55 1.32 -43.73 14.96
CA GLU F 55 1.61 -43.63 16.38
C GLU F 55 3.10 -43.43 16.61
N LEU F 56 3.42 -42.45 17.45
CA LEU F 56 4.79 -42.14 17.79
C LEU F 56 4.92 -42.15 19.30
N ASP F 57 5.79 -43.03 19.81
CA ASP F 57 5.94 -43.27 21.25
C ASP F 57 4.58 -43.30 21.98
N GLY F 58 3.66 -44.09 21.43
CA GLY F 58 2.35 -44.29 22.05
C GLY F 58 1.31 -43.22 21.79
N GLN F 59 1.68 -42.14 21.11
CA GLN F 59 0.75 -41.04 20.85
C GLN F 59 0.35 -40.94 19.38
N SER F 60 -0.91 -40.59 19.13
CA SER F 60 -1.42 -40.44 17.76
C SER F 60 -0.84 -39.21 17.08
N VAL F 61 -0.40 -39.40 15.83
CA VAL F 61 0.14 -38.35 14.99
C VAL F 61 -0.58 -38.42 13.63
N VAL F 62 -0.81 -37.28 12.99
CA VAL F 62 -1.42 -37.24 11.66
C VAL F 62 -0.36 -36.80 10.65
N VAL F 63 -0.39 -37.41 9.47
CA VAL F 63 0.42 -36.97 8.34
C VAL F 63 -0.56 -36.57 7.25
N CYS F 64 -0.44 -35.34 6.76
CA CYS F 64 -1.38 -34.79 5.77
C CYS F 64 -0.65 -33.95 4.73
N SER F 65 -0.82 -34.29 3.46
CA SER F 65 -0.23 -33.46 2.40
C SER F 65 -0.96 -32.11 2.26
N THR F 66 -0.23 -31.10 1.80
CA THR F 66 -0.77 -29.75 1.69
C THR F 66 -1.00 -29.34 0.25
N GLY F 67 -0.35 -30.02 -0.68
CA GLY F 67 -0.29 -29.54 -2.06
C GLY F 67 0.66 -28.36 -2.16
N ILE F 68 0.73 -27.75 -3.34
CA ILE F 68 1.64 -26.61 -3.58
C ILE F 68 0.95 -25.30 -3.24
N GLY F 69 1.67 -24.44 -2.50
CA GLY F 69 1.24 -23.08 -2.24
C GLY F 69 0.41 -22.86 -1.00
N GLY F 70 0.42 -21.62 -0.53
CA GLY F 70 -0.34 -21.21 0.66
C GLY F 70 -1.83 -21.47 0.68
N PRO F 71 -2.53 -21.23 -0.45
CA PRO F 71 -3.96 -21.48 -0.44
C PRO F 71 -4.37 -22.90 -0.06
N SER F 72 -3.78 -23.90 -0.73
CA SER F 72 -4.14 -25.27 -0.41
CA SER F 72 -4.05 -25.30 -0.45
C SER F 72 -3.65 -25.67 0.97
N THR F 73 -2.52 -25.11 1.42
CA THR F 73 -2.00 -25.39 2.77
C THR F 73 -2.97 -24.88 3.84
N SER F 74 -3.48 -23.66 3.65
CA SER F 74 -4.38 -22.99 4.61
C SER F 74 -5.64 -23.82 4.90
N ILE F 75 -6.15 -24.48 3.86
CA ILE F 75 -7.31 -25.35 4.02
C ILE F 75 -6.98 -26.55 4.91
N ALA F 76 -5.87 -27.24 4.60
CA ALA F 76 -5.43 -28.40 5.38
C ALA F 76 -5.20 -28.07 6.85
N VAL F 77 -4.51 -26.96 7.11
CA VAL F 77 -4.20 -26.55 8.49
C VAL F 77 -5.48 -26.25 9.26
N GLU F 78 -6.36 -25.46 8.64
CA GLU F 78 -7.62 -25.08 9.25
C GLU F 78 -8.53 -26.27 9.56
N GLU F 79 -8.62 -27.22 8.63
CA GLU F 79 -9.52 -28.35 8.83
C GLU F 79 -8.96 -29.34 9.86
N LEU F 80 -7.65 -29.53 9.87
CA LEU F 80 -7.01 -30.30 10.93
C LEU F 80 -7.15 -29.62 12.31
N ALA F 81 -7.07 -28.30 12.34
CA ALA F 81 -7.24 -27.55 13.57
C ALA F 81 -8.67 -27.71 14.14
N GLN F 82 -9.67 -27.71 13.26
CA GLN F 82 -11.06 -28.00 13.66
C GLN F 82 -11.21 -29.36 14.33
N LEU F 83 -10.36 -30.30 13.95
CA LEU F 83 -10.38 -31.65 14.54
C LEU F 83 -9.35 -31.87 15.66
N GLY F 84 -8.82 -30.77 16.19
CA GLY F 84 -8.02 -30.85 17.40
C GLY F 84 -6.51 -30.76 17.21
N VAL F 85 -6.04 -30.68 15.97
CA VAL F 85 -4.60 -30.57 15.76
C VAL F 85 -4.12 -29.16 16.15
N ARG F 86 -3.06 -29.11 16.96
CA ARG F 86 -2.55 -27.85 17.49
C ARG F 86 -1.10 -27.57 17.10
N THR F 87 -0.39 -28.57 16.62
CA THR F 87 1.04 -28.45 16.26
C THR F 87 1.28 -28.97 14.85
N PHE F 88 1.94 -28.16 14.02
CA PHE F 88 2.13 -28.48 12.60
C PHE F 88 3.60 -28.42 12.20
N LEU F 89 4.12 -29.55 11.76
CA LEU F 89 5.53 -29.66 11.37
C LEU F 89 5.62 -29.84 9.87
N ARG F 90 6.07 -28.79 9.18
CA ARG F 90 6.24 -28.86 7.73
C ARG F 90 7.61 -29.39 7.34
N VAL F 91 7.60 -30.33 6.41
CA VAL F 91 8.80 -30.85 5.79
C VAL F 91 8.70 -30.67 4.26
N GLY F 92 9.83 -30.54 3.59
CA GLY F 92 9.81 -30.33 2.14
C GLY F 92 11.17 -30.22 1.48
N THR F 93 11.15 -29.83 0.20
CA THR F 93 12.35 -29.55 -0.59
C THR F 93 12.52 -28.06 -0.74
N THR F 94 13.73 -27.64 -1.08
CA THR F 94 14.00 -26.23 -1.29
C THR F 94 15.22 -25.98 -2.17
N GLY F 95 15.28 -24.79 -2.74
CA GLY F 95 16.43 -24.36 -3.52
C GLY F 95 17.11 -23.22 -2.81
N ALA F 96 18.38 -23.44 -2.46
CA ALA F 96 19.16 -22.44 -1.76
C ALA F 96 19.65 -21.34 -2.70
N ILE F 97 19.77 -20.13 -2.17
CA ILE F 97 20.26 -19.01 -2.96
C ILE F 97 21.57 -18.47 -2.39
N GLN F 98 22.10 -19.12 -1.36
CA GLN F 98 23.39 -18.76 -0.79
C GLN F 98 24.49 -19.73 -1.20
N PRO F 99 25.66 -19.21 -1.60
CA PRO F 99 26.77 -20.08 -2.02
C PRO F 99 27.26 -21.05 -0.93
N HIS F 100 27.14 -20.66 0.33
CA HIS F 100 27.65 -21.51 1.42
C HIS F 100 26.77 -22.70 1.71
N VAL F 101 25.53 -22.68 1.20
CA VAL F 101 24.57 -23.76 1.45
C VAL F 101 24.70 -24.87 0.41
N ASN F 102 25.07 -26.06 0.86
CA ASN F 102 25.29 -27.19 -0.03
C ASN F 102 24.10 -28.12 -0.16
N VAL F 103 24.01 -28.80 -1.30
CA VAL F 103 23.05 -29.88 -1.50
C VAL F 103 23.31 -30.94 -0.43
N GLY F 104 22.25 -31.32 0.29
CA GLY F 104 22.40 -32.27 1.40
C GLY F 104 22.35 -31.59 2.75
N ASP F 105 22.48 -30.26 2.75
CA ASP F 105 22.30 -29.47 3.96
C ASP F 105 20.81 -29.30 4.24
N MET F 106 20.49 -28.93 5.47
CA MET F 106 19.11 -28.65 5.80
C MET F 106 18.93 -27.25 6.36
N ILE F 107 17.74 -26.72 6.14
CA ILE F 107 17.38 -25.38 6.58
C ILE F 107 16.19 -25.48 7.53
N VAL F 108 16.31 -24.82 8.68
CA VAL F 108 15.16 -24.62 9.58
C VAL F 108 14.82 -23.13 9.50
N THR F 109 13.64 -22.82 8.97
CA THR F 109 13.18 -21.44 8.82
C THR F 109 12.96 -20.71 10.15
N THR F 110 13.65 -19.58 10.36
CA THR F 110 13.42 -18.76 11.56
C THR F 110 12.41 -17.64 11.27
N GLY F 111 12.11 -17.43 9.99
CA GLY F 111 11.17 -16.40 9.58
C GLY F 111 11.09 -16.40 8.08
N SER F 112 9.94 -15.99 7.55
CA SER F 112 9.73 -15.98 6.10
C SER F 112 9.41 -14.61 5.54
N VAL F 113 10.07 -14.27 4.42
CA VAL F 113 9.65 -13.13 3.60
C VAL F 113 8.28 -13.48 2.99
N ARG F 114 7.25 -12.69 3.31
CA ARG F 114 5.87 -12.95 2.89
C ARG F 114 5.61 -12.51 1.45
N LEU F 115 6.10 -13.31 0.49
CA LEU F 115 5.89 -13.03 -0.93
C LEU F 115 4.69 -13.84 -1.46
N ASP F 116 3.73 -14.04 -0.57
CA ASP F 116 2.54 -14.84 -0.83
C ASP F 116 1.31 -13.95 -0.65
N GLY F 117 0.13 -14.51 -0.89
CA GLY F 117 -1.13 -13.79 -0.65
C GLY F 117 -1.91 -14.26 0.57
N ALA F 118 -1.89 -15.57 0.84
CA ALA F 118 -2.73 -16.15 1.91
C ALA F 118 -2.36 -15.70 3.32
N SER F 119 -1.09 -15.35 3.53
CA SER F 119 -0.68 -14.85 4.85
C SER F 119 -1.52 -13.61 5.24
N LEU F 120 -1.86 -12.78 4.25
CA LEU F 120 -2.64 -11.54 4.48
C LEU F 120 -4.10 -11.80 4.89
N HIS F 121 -4.58 -13.01 4.66
CA HIS F 121 -5.94 -13.37 5.05
C HIS F 121 -6.01 -13.71 6.53
N PHE F 122 -4.85 -13.82 7.19
CA PHE F 122 -4.78 -14.09 8.63
C PHE F 122 -4.23 -12.92 9.44
N ALA F 123 -3.26 -12.20 8.89
CA ALA F 123 -2.68 -11.04 9.57
C ALA F 123 -2.14 -10.03 8.55
N PRO F 124 -2.18 -8.72 8.88
CA PRO F 124 -1.61 -7.73 7.96
C PRO F 124 -0.12 -7.97 7.73
N MET F 125 0.42 -7.35 6.69
CA MET F 125 1.82 -7.60 6.26
C MET F 125 2.86 -7.35 7.37
N GLU F 126 2.55 -6.40 8.26
CA GLU F 126 3.43 -6.03 9.39
C GLU F 126 3.73 -7.20 10.31
N PHE F 127 2.81 -8.18 10.36
CA PHE F 127 2.94 -9.33 11.26
C PHE F 127 4.06 -10.26 10.78
N PRO F 128 4.91 -10.76 11.72
CA PRO F 128 6.04 -11.60 11.31
C PRO F 128 5.63 -13.04 10.99
N ALA F 129 6.12 -13.56 9.86
CA ALA F 129 5.89 -14.96 9.50
C ALA F 129 6.96 -15.79 10.23
N VAL F 130 6.66 -16.10 11.48
N VAL F 130 6.65 -16.15 11.46
CA VAL F 130 7.62 -16.69 12.41
CA VAL F 130 7.65 -16.69 12.36
C VAL F 130 7.13 -18.05 12.92
C VAL F 130 7.16 -18.00 13.01
N PRO F 131 8.07 -19.01 13.10
CA PRO F 131 7.72 -20.30 13.68
C PRO F 131 7.59 -20.25 15.20
N ASP F 132 6.90 -21.25 15.75
CA ASP F 132 6.93 -21.49 17.18
C ASP F 132 8.38 -21.82 17.56
N PHE F 133 8.85 -21.23 18.66
CA PHE F 133 10.26 -21.36 19.04
C PHE F 133 10.65 -22.81 19.42
N ASP F 134 9.76 -23.51 20.12
CA ASP F 134 10.00 -24.91 20.48
C ASP F 134 10.09 -25.83 19.27
N VAL F 135 9.27 -25.56 18.25
CA VAL F 135 9.29 -26.35 17.02
C VAL F 135 10.58 -26.11 16.26
N ALA F 136 11.01 -24.85 16.17
CA ALA F 136 12.25 -24.53 15.46
C ALA F 136 13.47 -25.13 16.20
N THR F 137 13.45 -25.02 17.53
CA THR F 137 14.44 -25.67 18.40
C THR F 137 14.50 -27.19 18.21
N ALA F 138 13.32 -27.83 18.23
CA ALA F 138 13.22 -29.28 18.03
C ALA F 138 13.73 -29.70 16.64
N MET F 139 13.36 -28.93 15.62
CA MET F 139 13.80 -29.18 14.26
C MET F 139 15.32 -29.05 14.10
N LYS F 140 15.91 -28.03 14.73
CA LYS F 140 17.36 -27.84 14.68
C LYS F 140 18.08 -29.01 15.34
N ALA F 141 17.59 -29.43 16.50
CA ALA F 141 18.20 -30.52 17.26
C ALA F 141 18.14 -31.83 16.47
N ALA F 142 16.97 -32.12 15.92
CA ALA F 142 16.73 -33.34 15.14
C ALA F 142 17.60 -33.38 13.89
N ALA F 143 17.72 -32.22 13.25
CA ALA F 143 18.53 -32.08 12.05
C ALA F 143 20.00 -32.30 12.36
N GLN F 144 20.49 -31.66 13.41
CA GLN F 144 21.88 -31.83 13.86
C GLN F 144 22.22 -33.27 14.26
N GLU F 145 21.35 -33.92 15.02
CA GLU F 145 21.57 -35.29 15.49
C GLU F 145 21.52 -36.33 14.37
N SER F 146 20.97 -35.94 13.22
CA SER F 146 20.98 -36.79 12.02
C SER F 146 22.34 -36.77 11.30
N GLY F 147 23.20 -35.82 11.66
CA GLY F 147 24.54 -35.72 11.08
C GLY F 147 24.69 -34.65 10.00
N ALA F 148 23.57 -34.07 9.58
CA ALA F 148 23.58 -33.06 8.52
C ALA F 148 24.00 -31.67 9.01
N THR F 149 24.60 -30.88 8.13
CA THR F 149 24.87 -29.47 8.40
C THR F 149 23.54 -28.71 8.32
N VAL F 150 23.24 -27.95 9.37
CA VAL F 150 21.97 -27.25 9.50
C VAL F 150 22.18 -25.75 9.46
N HIS F 151 21.33 -25.06 8.71
CA HIS F 151 21.30 -23.61 8.69
C HIS F 151 20.01 -23.12 9.25
N MET F 152 20.12 -22.18 10.19
CA MET F 152 18.96 -21.45 10.71
C MET F 152 18.94 -20.14 9.96
N GLY F 153 17.77 -19.76 9.46
CA GLY F 153 17.65 -18.47 8.80
C GLY F 153 16.35 -18.15 8.08
N VAL F 154 16.36 -17.00 7.42
CA VAL F 154 15.21 -16.46 6.70
C VAL F 154 15.00 -17.16 5.36
N THR F 155 13.74 -17.46 5.07
CA THR F 155 13.30 -18.11 3.83
C THR F 155 12.37 -17.18 3.04
N ALA F 156 12.57 -17.04 1.74
CA ALA F 156 11.64 -16.27 0.89
C ALA F 156 10.52 -17.19 0.40
N SER F 157 9.29 -16.90 0.82
CA SER F 157 8.13 -17.74 0.53
C SER F 157 7.25 -17.10 -0.55
N SER F 158 7.20 -17.74 -1.71
CA SER F 158 6.63 -17.13 -2.91
C SER F 158 5.38 -17.85 -3.40
N ASP F 159 4.38 -17.07 -3.81
CA ASP F 159 3.17 -17.60 -4.47
C ASP F 159 3.44 -18.17 -5.87
N THR F 160 4.64 -17.99 -6.40
CA THR F 160 4.99 -18.64 -7.68
C THR F 160 6.33 -19.36 -7.65
N PHE F 161 6.46 -20.32 -8.55
CA PHE F 161 7.71 -21.03 -8.69
C PHE F 161 8.64 -20.28 -9.62
N TYR F 162 8.05 -19.54 -10.56
CA TYR F 162 8.78 -18.94 -11.66
C TYR F 162 9.12 -17.45 -11.44
N PRO F 163 8.19 -16.51 -11.75
CA PRO F 163 8.60 -15.09 -11.63
C PRO F 163 8.95 -14.65 -10.21
N GLY F 164 8.23 -15.17 -9.22
CA GLY F 164 8.44 -14.82 -7.82
C GLY F 164 9.75 -15.31 -7.24
N GLN F 165 10.39 -16.23 -7.96
CA GLN F 165 11.70 -16.77 -7.59
C GLN F 165 12.70 -16.31 -8.66
N GLU F 166 12.30 -15.27 -9.39
CA GLU F 166 13.08 -14.63 -10.46
C GLU F 166 13.70 -15.61 -11.46
N ARG F 167 12.88 -16.54 -11.95
CA ARG F 167 13.27 -17.43 -13.04
C ARG F 167 12.90 -16.79 -14.38
N TYR F 168 13.85 -16.75 -15.32
CA TYR F 168 13.62 -16.16 -16.64
C TYR F 168 13.48 -17.21 -17.76
N ASP F 169 13.73 -18.47 -17.41
CA ASP F 169 13.67 -19.57 -18.39
C ASP F 169 12.23 -20.05 -18.51
N THR F 170 11.39 -19.17 -19.04
CA THR F 170 9.95 -19.37 -18.99
C THR F 170 9.34 -19.03 -20.34
N PHE F 171 8.03 -19.23 -20.44
CA PHE F 171 7.28 -18.95 -21.66
C PHE F 171 7.45 -17.51 -22.14
N THR F 172 7.20 -16.54 -21.26
CA THR F 172 7.36 -15.13 -21.64
C THR F 172 8.79 -14.63 -21.54
N GLY F 173 9.58 -15.24 -20.66
CA GLY F 173 10.96 -14.82 -20.42
C GLY F 173 11.06 -13.50 -19.68
N ARG F 174 9.98 -13.08 -19.05
CA ARG F 174 10.05 -11.85 -18.30
C ARG F 174 9.49 -11.97 -16.88
N VAL F 175 9.90 -11.02 -16.06
CA VAL F 175 9.54 -10.99 -14.66
C VAL F 175 8.98 -9.59 -14.39
N VAL F 176 7.85 -9.54 -13.70
CA VAL F 176 7.20 -8.27 -13.36
C VAL F 176 8.14 -7.40 -12.51
N ARG F 177 8.10 -6.10 -12.76
CA ARG F 177 8.89 -5.10 -12.05
C ARG F 177 9.19 -5.42 -10.58
N ARG F 178 8.15 -5.77 -9.81
CA ARG F 178 8.26 -6.06 -8.38
C ARG F 178 9.39 -7.06 -8.09
N PHE F 179 9.56 -8.04 -8.97
CA PHE F 179 10.50 -9.15 -8.73
C PHE F 179 11.81 -9.08 -9.50
N GLN F 180 11.95 -8.06 -10.34
CA GLN F 180 13.21 -7.84 -11.04
C GLN F 180 14.28 -7.45 -10.03
N GLY F 181 15.44 -8.08 -10.12
CA GLY F 181 16.53 -7.90 -9.16
C GLY F 181 16.30 -8.48 -7.78
N SER F 182 15.16 -9.15 -7.57
CA SER F 182 14.76 -9.59 -6.23
C SER F 182 15.59 -10.72 -5.63
N MET F 183 16.12 -11.64 -6.46
CA MET F 183 16.95 -12.72 -5.91
C MET F 183 18.23 -12.16 -5.29
N LYS F 184 18.89 -11.26 -6.02
CA LYS F 184 20.09 -10.60 -5.51
C LYS F 184 19.81 -9.80 -4.25
N GLU F 185 18.65 -9.15 -4.20
CA GLU F 185 18.21 -8.44 -3.00
C GLU F 185 18.15 -9.36 -1.80
N TRP F 186 17.42 -10.48 -1.94
CA TRP F 186 17.34 -11.49 -0.86
C TRP F 186 18.69 -12.05 -0.48
N GLN F 187 19.54 -12.33 -1.47
CA GLN F 187 20.87 -12.87 -1.21
C GLN F 187 21.71 -11.91 -0.34
N ASP F 188 21.65 -10.63 -0.67
CA ASP F 188 22.41 -9.60 0.04
C ASP F 188 21.85 -9.37 1.43
N MET F 189 20.57 -9.71 1.61
CA MET F 189 19.91 -9.62 2.90
C MET F 189 20.10 -10.90 3.72
N GLY F 190 20.83 -11.87 3.18
CA GLY F 190 21.14 -13.11 3.90
C GLY F 190 20.08 -14.19 3.87
N VAL F 191 19.04 -14.03 3.04
CA VAL F 191 17.99 -15.03 2.91
C VAL F 191 18.58 -16.33 2.34
N LEU F 192 18.16 -17.48 2.87
CA LEU F 192 18.83 -18.74 2.56
C LEU F 192 18.27 -19.43 1.33
N ASN F 193 16.96 -19.31 1.13
CA ASN F 193 16.26 -20.16 0.18
C ASN F 193 14.89 -19.65 -0.25
N PHE F 194 14.35 -20.28 -1.29
CA PHE F 194 13.02 -20.05 -1.80
C PHE F 194 12.19 -21.32 -1.54
N GLU F 195 10.94 -21.14 -1.11
CA GLU F 195 9.90 -22.18 -1.20
C GLU F 195 8.52 -21.50 -1.31
N MET F 196 7.43 -22.27 -1.20
CA MET F 196 6.13 -21.71 -1.55
C MET F 196 5.03 -21.78 -0.50
N GLU F 197 5.34 -22.28 0.69
CA GLU F 197 4.28 -22.49 1.69
C GLU F 197 4.52 -21.87 3.07
N SER F 198 5.77 -21.57 3.40
CA SER F 198 6.13 -21.19 4.78
C SER F 198 5.46 -19.90 5.28
N ALA F 199 5.43 -18.85 4.44
CA ALA F 199 4.79 -17.58 4.83
C ALA F 199 3.35 -17.78 5.30
N THR F 200 2.55 -18.49 4.50
CA THR F 200 1.16 -18.75 4.86
C THR F 200 1.09 -19.59 6.13
N LEU F 201 1.77 -20.73 6.13
CA LEU F 201 1.75 -21.62 7.27
C LEU F 201 2.12 -20.89 8.56
N LEU F 202 3.25 -20.20 8.54
CA LEU F 202 3.77 -19.59 9.77
C LEU F 202 2.91 -18.41 10.23
N THR F 203 2.45 -17.59 9.29
CA THR F 203 1.60 -16.46 9.67
C THR F 203 0.25 -16.92 10.23
N MET F 204 -0.39 -17.89 9.57
CA MET F 204 -1.70 -18.35 10.02
C MET F 204 -1.60 -19.03 11.39
N CYS F 205 -0.56 -19.83 11.60
CA CYS F 205 -0.36 -20.50 12.88
C CYS F 205 0.05 -19.54 14.00
N ALA F 206 1.03 -18.68 13.74
CA ALA F 206 1.47 -17.70 14.75
C ALA F 206 0.32 -16.77 15.22
N SER F 207 -0.61 -16.47 14.32
CA SER F 207 -1.72 -15.57 14.60
C SER F 207 -3.02 -16.28 15.02
N SER F 208 -2.98 -17.62 15.11
CA SER F 208 -4.17 -18.42 15.38
C SER F 208 -4.00 -19.42 16.53
N GLY F 209 -2.98 -19.21 17.37
CA GLY F 209 -2.72 -20.06 18.53
C GLY F 209 -2.33 -21.50 18.20
N LEU F 210 -1.60 -21.66 17.09
CA LEU F 210 -1.10 -22.96 16.68
C LEU F 210 0.43 -22.91 16.59
N LYS F 211 1.08 -24.02 16.93
CA LYS F 211 2.53 -24.08 16.87
C LYS F 211 2.94 -24.68 15.55
N ALA F 212 3.88 -24.05 14.86
CA ALA F 212 4.30 -24.49 13.53
C ALA F 212 5.79 -24.24 13.29
N GLY F 213 6.37 -25.03 12.39
CA GLY F 213 7.72 -24.83 11.94
C GLY F 213 7.96 -25.52 10.64
N CYS F 214 9.11 -25.19 10.02
CA CYS F 214 9.46 -25.67 8.68
C CYS F 214 10.90 -26.12 8.65
N VAL F 215 11.10 -27.35 8.20
CA VAL F 215 12.43 -27.90 7.97
C VAL F 215 12.47 -28.39 6.53
N ALA F 216 13.62 -28.22 5.87
CA ALA F 216 13.72 -28.55 4.45
C ALA F 216 15.09 -29.03 4.04
N GLY F 217 15.11 -30.00 3.13
CA GLY F 217 16.35 -30.50 2.53
C GLY F 217 16.72 -29.71 1.29
N VAL F 218 17.98 -29.33 1.18
CA VAL F 218 18.42 -28.59 0.00
C VAL F 218 18.72 -29.57 -1.14
N ILE F 219 17.92 -29.48 -2.20
CA ILE F 219 18.04 -30.37 -3.36
C ILE F 219 18.89 -29.75 -4.47
N ILE F 220 19.02 -28.42 -4.44
CA ILE F 220 19.53 -27.65 -5.56
C ILE F 220 19.97 -26.24 -5.09
N ASN F 221 21.08 -25.76 -5.66
CA ASN F 221 21.58 -24.43 -5.36
C ASN F 221 21.61 -23.55 -6.61
N ARG F 222 20.84 -22.45 -6.58
CA ARG F 222 20.72 -21.52 -7.72
C ARG F 222 22.06 -20.87 -8.13
N THR F 223 23.06 -20.93 -7.26
CA THR F 223 24.34 -20.25 -7.52
C THR F 223 25.44 -21.21 -7.97
N GLN F 224 25.17 -22.51 -7.87
CA GLN F 224 26.14 -23.53 -8.25
C GLN F 224 25.84 -24.10 -9.64
N LYS F 225 26.90 -24.44 -10.37
CA LYS F 225 26.78 -25.04 -11.69
C LYS F 225 26.73 -26.57 -11.59
N GLU F 226 27.46 -27.11 -10.61
CA GLU F 226 27.53 -28.56 -10.39
C GLU F 226 26.14 -29.16 -10.16
N ILE F 227 25.83 -30.20 -10.92
CA ILE F 227 24.57 -30.93 -10.80
C ILE F 227 24.74 -32.03 -9.75
N PRO F 228 23.85 -32.05 -8.73
CA PRO F 228 23.95 -33.04 -7.65
C PRO F 228 23.69 -34.48 -8.09
N ASP F 229 24.44 -35.43 -7.53
CA ASP F 229 24.29 -36.87 -7.82
C ASP F 229 22.93 -37.41 -7.40
N HIS F 230 22.54 -38.52 -8.04
CA HIS F 230 21.30 -39.23 -7.70
C HIS F 230 21.34 -39.82 -6.31
N ALA F 231 22.51 -40.30 -5.90
CA ALA F 231 22.71 -40.87 -4.55
C ALA F 231 22.51 -39.81 -3.46
N THR F 232 22.98 -38.59 -3.74
CA THR F 232 22.87 -37.47 -2.81
C THR F 232 21.41 -37.06 -2.62
N LEU F 233 20.71 -36.81 -3.72
CA LEU F 233 19.31 -36.37 -3.70
C LEU F 233 18.36 -37.32 -2.99
N LYS F 234 18.62 -38.62 -3.12
CA LYS F 234 17.80 -39.64 -2.47
C LYS F 234 18.13 -39.72 -0.98
N GLU F 235 19.41 -39.61 -0.66
CA GLU F 235 19.88 -39.56 0.72
C GLU F 235 19.30 -38.37 1.49
N THR F 236 19.18 -37.23 0.81
CA THR F 236 18.65 -36.02 1.45
C THR F 236 17.14 -36.09 1.63
N GLU F 237 16.43 -36.66 0.65
CA GLU F 237 15.00 -36.89 0.74
C GLU F 237 14.65 -37.77 1.95
N ALA F 238 15.36 -38.89 2.07
CA ALA F 238 15.22 -39.81 3.19
C ALA F 238 15.56 -39.14 4.52
N ARG F 239 16.64 -38.35 4.53
CA ARG F 239 17.06 -37.65 5.75
C ARG F 239 16.05 -36.63 6.25
N SER F 240 15.44 -35.88 5.32
N SER F 240 15.43 -35.88 5.33
CA SER F 240 14.46 -34.84 5.67
CA SER F 240 14.47 -34.83 5.70
C SER F 240 13.29 -35.40 6.47
C SER F 240 13.26 -35.38 6.45
N ILE F 241 12.76 -36.54 6.03
CA ILE F 241 11.59 -37.15 6.69
C ILE F 241 11.90 -37.84 8.02
N LYS F 242 13.09 -38.44 8.10
CA LYS F 242 13.60 -38.97 9.36
C LYS F 242 13.73 -37.83 10.40
N VAL F 243 14.30 -36.71 9.97
CA VAL F 243 14.46 -35.53 10.82
C VAL F 243 13.12 -35.00 11.34
N VAL F 244 12.12 -34.87 10.46
CA VAL F 244 10.84 -34.30 10.90
C VAL F 244 10.10 -35.24 11.87
N VAL F 245 10.23 -36.55 11.65
CA VAL F 245 9.68 -37.52 12.58
C VAL F 245 10.39 -37.39 13.94
N GLU F 246 11.72 -37.27 13.92
CA GLU F 246 12.46 -37.03 15.15
C GLU F 246 12.08 -35.70 15.81
N ALA F 247 11.94 -34.64 15.01
CA ALA F 247 11.45 -33.34 15.53
C ALA F 247 10.10 -33.51 16.23
N ALA F 248 9.22 -34.31 15.63
CA ALA F 248 7.93 -34.64 16.20
C ALA F 248 8.05 -35.33 17.57
N ARG F 249 8.96 -36.29 17.67
CA ARG F 249 9.21 -37.02 18.93
C ARG F 249 9.55 -36.04 20.05
N LYS F 250 10.41 -35.08 19.72
CA LYS F 250 10.89 -34.06 20.67
C LYS F 250 9.73 -33.16 21.12
N MET F 251 8.81 -32.86 20.21
CA MET F 251 7.64 -32.05 20.52
C MET F 251 6.60 -32.76 21.39
N LEU F 252 6.55 -34.08 21.32
CA LEU F 252 5.53 -34.83 22.06
C LEU F 252 5.84 -34.98 23.54
N LYS F 253 7.10 -35.29 23.86
CA LYS F 253 7.58 -35.30 25.24
C LYS F 253 9.08 -35.06 25.33
N1 URA G . 7.01 0.45 26.70
C2 URA G . 6.01 0.56 25.78
O2 URA G . 6.29 0.82 24.59
N3 URA G . 4.73 0.41 26.15
C4 URA G . 4.41 0.12 27.42
O4 URA G . 3.19 -0.02 27.75
C5 URA G . 5.41 0.01 28.39
C6 URA G . 6.74 0.18 27.99
C1 GOL H . 8.81 3.33 26.14
O1 GOL H . 8.62 3.90 27.44
C2 GOL H . 10.01 2.38 26.14
O2 GOL H . 9.60 1.13 26.72
C3 GOL H . 10.48 2.14 24.71
O3 GOL H . 9.92 0.91 24.21
C1 EDO I . 26.77 8.29 34.02
O1 EDO I . 27.14 7.92 32.68
C2 EDO I . 25.33 7.87 34.28
O2 EDO I . 24.65 8.91 35.01
C1 EOH J . 26.31 -19.73 20.01
C2 EOH J . 26.78 -18.56 19.16
O EOH J . 25.85 -19.24 21.28
N1 URA K . 20.48 15.89 10.23
C2 URA K . 20.06 14.97 9.34
O2 URA K . 19.04 14.27 9.58
N3 URA K . 20.73 14.77 8.19
C4 URA K . 21.83 15.49 7.90
O4 URA K . 22.44 15.29 6.82
C5 URA K . 22.28 16.45 8.81
C6 URA K . 21.57 16.64 10.00
C1 GOL L . 17.70 14.89 13.42
O1 GOL L . 16.98 15.66 12.44
C2 GOL L . 19.17 14.80 13.02
O2 GOL L . 19.70 16.13 12.96
C3 GOL L . 19.97 13.98 14.02
O3 GOL L . 21.35 13.92 13.62
C1 PEG M . 7.62 37.10 2.98
O1 PEG M . 7.26 35.80 2.49
C2 PEG M . 7.05 37.20 4.39
O2 PEG M . 6.26 36.02 4.61
C3 PEG M . 5.43 36.11 5.75
C4 PEG M . 4.01 35.79 5.32
O4 PEG M . 3.69 34.41 5.51
NA NA N . 15.35 9.04 20.75
C1 GOL O . -15.66 21.59 -8.99
O1 GOL O . -14.25 21.29 -9.00
C2 GOL O . -16.24 21.14 -7.66
O2 GOL O . -16.55 22.30 -6.88
C3 GOL O . -17.50 20.32 -7.92
O3 GOL O . -18.65 21.17 -7.94
C1 EDO P . 6.57 26.25 -0.98
O1 EDO P . 6.25 25.00 -0.39
C2 EDO P . 7.60 27.04 -0.20
O2 EDO P . 8.20 27.91 -1.16
C1 EDO Q . 8.07 26.31 -5.17
O1 EDO Q . 8.39 26.08 -6.55
C2 EDO Q . 7.90 24.97 -4.47
O2 EDO Q . 6.57 24.86 -3.94
C1 GOL R . -8.35 13.67 -23.74
O1 GOL R . -6.99 13.68 -24.22
C2 GOL R . -8.64 12.44 -22.89
O2 GOL R . -9.94 12.58 -22.30
C3 GOL R . -8.59 11.19 -23.76
O3 GOL R . -9.14 10.06 -23.06
C1 EOH S . 8.13 20.79 -24.25
C2 EOH S . 8.56 20.90 -25.70
O EOH S . 8.62 21.91 -23.50
NA NA T . -12.95 17.72 -16.72
N1 URA U . -15.24 -22.99 -3.90
C2 URA U . -14.96 -21.88 -3.18
O2 URA U . -13.83 -21.33 -3.27
N3 URA U . -15.87 -21.36 -2.35
C4 URA U . -17.08 -21.94 -2.19
O4 URA U . -17.93 -21.44 -1.40
C5 URA U . -17.40 -23.07 -2.93
C6 URA U . -16.44 -23.60 -3.80
C1 GOL V . -11.35 -23.97 -5.59
O1 GOL V . -11.84 -22.86 -6.37
C2 GOL V . -12.40 -24.33 -4.55
O2 GOL V . -13.60 -24.73 -5.23
C3 GOL V . -11.93 -25.47 -3.65
O3 GOL V . -12.97 -25.82 -2.72
C1 EDO W . 6.86 -34.65 -8.57
O1 EDO W . 5.91 -33.61 -8.82
C2 EDO W . 6.24 -35.75 -7.71
O2 EDO W . 6.10 -36.96 -8.47
N1 URA X . 11.09 -25.53 -4.40
C2 URA X . 11.03 -24.22 -4.72
O2 URA X . 10.00 -23.55 -4.46
N3 URA X . 12.05 -23.61 -5.33
C4 URA X . 13.17 -24.30 -5.65
O4 URA X . 14.11 -23.70 -6.21
C5 URA X . 13.27 -25.66 -5.32
C6 URA X . 12.18 -26.28 -4.69
C1 GOL Y . 7.01 -26.26 -4.88
O1 GOL Y . 7.80 -26.98 -5.84
C2 GOL Y . 7.46 -26.56 -3.45
O2 GOL Y . 8.55 -27.49 -3.49
C3 GOL Y . 7.94 -25.28 -2.78
O3 GOL Y . 7.59 -25.26 -1.39
C1 GOL Z . 4.07 -18.99 17.46
O1 GOL Z . 4.37 -17.76 18.13
C2 GOL Z . 3.07 -19.83 18.26
O2 GOL Z . 3.68 -20.47 19.38
C3 GOL Z . 1.89 -18.97 18.73
O3 GOL Z . 0.67 -19.61 18.29
C1 EOH AA . 14.08 -25.98 -12.90
C2 EOH AA . 14.32 -25.76 -11.42
O EOH AA . 13.14 -25.02 -13.40
NA NA BA . -2.30 -26.83 -4.49
#